data_5WVU
#
_entry.id   5WVU
#
_cell.length_a   170.100
_cell.length_b   233.700
_cell.length_c   124.400
_cell.angle_alpha   90.00
_cell.angle_beta   90.00
_cell.angle_gamma   90.00
#
_symmetry.space_group_name_H-M   'C 2 2 21'
#
loop_
_entity.id
_entity.type
_entity.pdbx_description
1 polymer 'Thermostable carboxypeptidase 1'
2 non-polymer GLYCEROL
3 non-polymer 'ZINC ION'
4 water water
#
_entity_poly.entity_id   1
_entity_poly.type   'polypeptide(L)'
_entity_poly.pdbx_seq_one_letter_code
;MTPEAAYQNLLEFQRETAYLASLGALAAWDQRTMIPKKGHEHRARQMAALARLLHQRMTDPRIGEWLEKVEGSPLVQDPL
SDAAVNVREWRQAYERARAIPERLAVELAQAESEAESFWEEARPRDDWRGFLPYLKRVYALTKEKAEVLFALPPAPGDPP
YGELYDALLDGYEPGMRARELLPLFAELKEGLKGLLDRILGSGKRPDTSILHRPYPVEAQRRFALELLSACGYDLEAGRL
DPTAHPFEIAIGPGDVRITTRYYEDFFNAGIFGTLHEMGHALYEQGLPKEHWGTPRGDAVSLGVHESQSRTWENLVGRSL
GFWERFFPRAREVFASLGDVSLEDFHFAVNAVEPSLIRVEADEVTYNLHILVRLELELALFRGELSPEDLPEAWAEKYRD
HLGVAPKDYKDGVMQDVHWAGGLFGYFPTYTLGNLYAAQFFQKAEAELGPLEPRFARGEFQPFLDWTRARIHAEGSRFRP
RVLVERVTGEAPSARPFLAYLEKKYAALYG
;
_entity_poly.pdbx_strand_id   A,B,C
#
loop_
_chem_comp.id
_chem_comp.type
_chem_comp.name
_chem_comp.formula
GOL non-polymer GLYCEROL 'C3 H8 O3'
ZN non-polymer 'ZINC ION' 'Zn 2'
#
# COMPACT_ATOMS: atom_id res chain seq x y z
N MET A 1 14.72 24.34 -33.42
CA MET A 1 13.29 24.43 -33.85
C MET A 1 12.39 24.60 -32.66
N THR A 2 11.78 25.77 -32.59
CA THR A 2 10.83 26.04 -31.53
C THR A 2 9.64 25.09 -31.60
N PRO A 3 8.84 24.99 -30.53
CA PRO A 3 7.54 24.33 -30.65
C PRO A 3 6.63 25.00 -31.66
N GLU A 4 6.68 26.33 -31.80
CA GLU A 4 5.83 26.99 -32.78
C GLU A 4 6.21 26.58 -34.21
N ALA A 5 7.50 26.57 -34.53
CA ALA A 5 7.91 26.15 -35.86
C ALA A 5 7.49 24.70 -36.13
N ALA A 6 7.60 23.84 -35.12
CA ALA A 6 7.26 22.45 -35.34
C ALA A 6 5.76 22.30 -35.53
N TYR A 7 4.98 23.09 -34.80
CA TYR A 7 3.55 23.03 -34.93
C TYR A 7 3.11 23.51 -36.30
N GLN A 8 3.75 24.56 -36.83
CA GLN A 8 3.43 24.99 -38.20
C GLN A 8 3.77 23.93 -39.22
N ASN A 9 4.96 23.33 -39.12
CA ASN A 9 5.36 22.32 -40.10
C ASN A 9 4.37 21.18 -40.08
N LEU A 10 3.89 20.88 -38.90
CA LEU A 10 3.05 19.73 -38.70
C LEU A 10 1.65 20.02 -39.22
N LEU A 11 1.17 21.24 -38.98
CA LEU A 11 -0.10 21.69 -39.53
C LEU A 11 -0.08 21.72 -41.06
N GLU A 12 0.99 22.25 -41.67
CA GLU A 12 1.08 22.26 -43.13
C GLU A 12 1.08 20.84 -43.69
N PHE A 13 1.89 19.97 -43.12
CA PHE A 13 1.99 18.62 -43.61
C PHE A 13 0.66 17.88 -43.46
N GLN A 14 -0.01 18.04 -42.32
CA GLN A 14 -1.25 17.32 -42.04
C GLN A 14 -2.40 17.86 -42.89
N ARG A 15 -2.42 19.16 -43.11
CA ARG A 15 -3.46 19.75 -43.95
C ARG A 15 -3.30 19.29 -45.39
N GLU A 16 -2.05 19.14 -45.86
CA GLU A 16 -1.82 18.69 -47.23
C GLU A 16 -2.29 17.25 -47.41
N THR A 17 -2.03 16.41 -46.43
CA THR A 17 -2.59 15.07 -46.49
C THR A 17 -4.12 15.11 -46.61
N ALA A 18 -4.77 16.01 -45.89
CA ALA A 18 -6.23 16.03 -45.96
C ALA A 18 -6.70 16.40 -47.36
N TYR A 19 -6.07 17.41 -47.99
CA TYR A 19 -6.41 17.75 -49.35
C TYR A 19 -6.24 16.58 -50.31
N LEU A 20 -5.14 15.82 -50.19
CA LEU A 20 -4.96 14.69 -51.10
C LEU A 20 -6.01 13.62 -50.84
N ALA A 21 -6.31 13.38 -49.57
CA ALA A 21 -7.34 12.44 -49.23
C ALA A 21 -8.73 12.87 -49.73
N SER A 22 -8.96 14.17 -49.83
CA SER A 22 -10.28 14.57 -50.26
C SER A 22 -10.52 14.30 -51.73
N LEU A 23 -9.45 14.18 -52.55
CA LEU A 23 -9.60 13.66 -53.91
C LEU A 23 -10.04 12.22 -53.87
N GLY A 24 -9.66 11.49 -52.82
CA GLY A 24 -10.25 10.20 -52.61
C GLY A 24 -11.74 10.28 -52.28
N ALA A 25 -12.14 11.31 -51.51
CA ALA A 25 -13.55 11.49 -51.22
C ALA A 25 -14.32 11.74 -52.49
N LEU A 26 -13.78 12.57 -53.37
CA LEU A 26 -14.45 12.84 -54.63
C LEU A 26 -14.59 11.57 -55.46
N ALA A 27 -13.53 10.76 -55.53
CA ALA A 27 -13.63 9.57 -56.37
C ALA A 27 -14.62 8.57 -55.79
N ALA A 28 -14.71 8.52 -54.47
CA ALA A 28 -15.68 7.62 -53.84
C ALA A 28 -17.10 8.05 -54.11
N TRP A 29 -17.36 9.37 -54.08
CA TRP A 29 -18.67 9.89 -54.49
C TRP A 29 -18.99 9.49 -55.93
N ASP A 30 -18.03 9.74 -56.82
CA ASP A 30 -18.23 9.48 -58.24
C ASP A 30 -18.46 8.01 -58.49
N GLN A 31 -17.77 7.16 -57.74
CA GLN A 31 -17.88 5.70 -57.90
C GLN A 31 -19.31 5.20 -57.65
N ARG A 32 -20.06 5.90 -56.81
CA ARG A 32 -21.41 5.51 -56.45
C ARG A 32 -22.48 6.28 -57.21
N THR A 33 -22.12 7.30 -57.97
CA THR A 33 -23.12 8.09 -58.71
C THR A 33 -22.88 8.13 -60.21
N MET A 34 -21.76 8.72 -60.69
CA MET A 34 -21.58 9.06 -62.10
C MET A 34 -20.72 8.08 -62.89
N ILE A 35 -20.05 7.15 -62.23
CA ILE A 35 -19.01 6.37 -62.90
C ILE A 35 -19.64 5.47 -63.97
N PRO A 36 -19.01 5.31 -65.13
CA PRO A 36 -19.51 4.34 -66.08
C PRO A 36 -19.38 2.92 -65.60
N LYS A 37 -20.28 2.10 -66.15
CA LYS A 37 -20.40 0.71 -65.75
C LYS A 37 -19.07 -0.01 -65.89
N LYS A 38 -18.25 0.38 -66.86
CA LYS A 38 -17.00 -0.30 -67.16
C LYS A 38 -15.78 0.34 -66.50
N GLY A 39 -15.98 1.36 -65.64
CA GLY A 39 -14.88 2.09 -65.03
C GLY A 39 -14.54 1.71 -63.60
N HIS A 40 -15.12 0.64 -63.09
CA HIS A 40 -14.93 0.29 -61.67
C HIS A 40 -13.54 -0.28 -61.40
N GLU A 41 -13.02 -1.11 -62.31
CA GLU A 41 -11.75 -1.75 -62.02
C GLU A 41 -10.65 -0.73 -61.96
N HIS A 42 -10.71 0.25 -62.84
CA HIS A 42 -9.72 1.30 -62.78
C HIS A 42 -9.90 2.13 -61.51
N ARG A 43 -11.14 2.38 -61.11
CA ARG A 43 -11.37 3.20 -59.94
C ARG A 43 -10.76 2.55 -58.73
N ALA A 44 -10.91 1.23 -58.63
CA ALA A 44 -10.33 0.51 -57.49
C ALA A 44 -8.83 0.68 -57.47
N ARG A 45 -8.21 0.58 -58.65
CA ARG A 45 -6.78 0.75 -58.73
C ARG A 45 -6.39 2.16 -58.33
N GLN A 46 -7.12 3.16 -58.77
CA GLN A 46 -6.86 4.53 -58.31
C GLN A 46 -6.96 4.64 -56.80
N MET A 47 -8.02 4.06 -56.21
CA MET A 47 -8.20 4.16 -54.75
C MET A 47 -7.04 3.49 -54.02
N ALA A 48 -6.62 2.32 -54.49
CA ALA A 48 -5.49 1.59 -53.93
C ALA A 48 -4.18 2.40 -53.97
N ALA A 49 -3.93 3.10 -55.07
CA ALA A 49 -2.73 3.92 -55.13
C ALA A 49 -2.85 5.11 -54.18
N LEU A 50 -4.01 5.77 -54.13
CA LEU A 50 -4.16 6.81 -53.12
C LEU A 50 -3.91 6.26 -51.71
N ALA A 51 -4.47 5.07 -51.39
CA ALA A 51 -4.32 4.54 -50.03
C ALA A 51 -2.85 4.33 -49.65
N ARG A 52 -2.02 3.82 -50.59
CA ARG A 52 -0.58 3.68 -50.31
C ARG A 52 0.04 5.03 -49.98
N LEU A 53 -0.18 6.04 -50.84
CA LEU A 53 0.31 7.38 -50.56
C LEU A 53 -0.08 7.86 -49.17
N LEU A 54 -1.37 7.74 -48.82
CA LEU A 54 -1.81 8.25 -47.52
C LEU A 54 -1.14 7.47 -46.40
N HIS A 55 -0.94 6.17 -46.60
CA HIS A 55 -0.32 5.39 -45.55
C HIS A 55 1.12 5.85 -45.33
N GLN A 56 1.86 6.14 -46.41
CA GLN A 56 3.17 6.76 -46.27
C GLN A 56 3.08 8.08 -45.54
N ARG A 57 2.16 8.95 -45.93
CA ARG A 57 2.16 10.26 -45.30
C ARG A 57 1.77 10.19 -43.83
N MET A 58 0.87 9.28 -43.48
CA MET A 58 0.41 9.14 -42.11
C MET A 58 1.45 8.49 -41.20
N THR A 59 2.48 7.85 -41.74
CA THR A 59 3.53 7.25 -40.91
C THR A 59 4.89 7.89 -41.15
N ASP A 60 4.95 8.96 -41.90
CA ASP A 60 6.19 9.66 -42.12
C ASP A 60 6.84 9.95 -40.78
N PRO A 61 8.07 9.50 -40.55
CA PRO A 61 8.73 9.75 -39.26
C PRO A 61 8.82 11.21 -38.92
N ARG A 62 8.69 12.11 -39.89
CA ARG A 62 8.77 13.51 -39.54
C ARG A 62 7.67 13.90 -38.57
N ILE A 63 6.52 13.25 -38.67
CA ILE A 63 5.43 13.54 -37.76
C ILE A 63 5.86 13.27 -36.31
N GLY A 64 6.65 12.22 -36.09
CA GLY A 64 7.14 11.94 -34.74
C GLY A 64 8.09 13.00 -34.24
N GLU A 65 9.04 13.40 -35.08
CA GLU A 65 9.95 14.47 -34.74
C GLU A 65 9.20 15.73 -34.33
N TRP A 66 8.27 16.19 -35.17
CA TRP A 66 7.56 17.42 -34.86
C TRP A 66 6.72 17.28 -33.60
N LEU A 67 6.02 16.15 -33.46
CA LEU A 67 5.26 15.93 -32.25
C LEU A 67 6.15 15.95 -31.03
N GLU A 68 7.28 15.24 -31.07
CA GLU A 68 8.23 15.25 -29.95
C GLU A 68 8.56 16.68 -29.52
N LYS A 69 8.77 17.57 -30.48
CA LYS A 69 9.13 18.96 -30.19
C LYS A 69 7.96 19.84 -29.76
N VAL A 70 6.71 19.40 -29.87
CA VAL A 70 5.59 20.27 -29.55
C VAL A 70 5.02 19.85 -28.22
N GLU A 71 5.07 18.55 -27.95
CA GLU A 71 4.44 18.00 -26.76
C GLU A 71 5.16 18.48 -25.51
N GLY A 72 4.39 18.75 -24.46
CA GLY A 72 4.95 19.38 -23.27
C GLY A 72 5.31 20.84 -23.43
N SER A 73 5.15 21.44 -24.63
CA SER A 73 5.42 22.86 -24.76
C SER A 73 4.26 23.67 -24.18
N PRO A 74 4.51 24.96 -23.86
CA PRO A 74 3.39 25.81 -23.39
C PRO A 74 2.24 25.86 -24.38
N LEU A 75 2.55 25.84 -25.68
CA LEU A 75 1.54 25.90 -26.75
C LEU A 75 0.39 24.93 -26.55
N VAL A 76 0.61 23.81 -25.87
CA VAL A 76 -0.33 22.73 -25.76
C VAL A 76 -0.84 22.56 -24.34
N GLN A 77 -0.42 23.41 -23.41
CA GLN A 77 -0.81 23.14 -22.04
C GLN A 77 -2.31 23.25 -21.82
N ASP A 78 -2.97 24.13 -22.55
CA ASP A 78 -4.42 24.26 -22.39
C ASP A 78 -5.13 23.19 -23.21
N PRO A 79 -5.78 22.21 -22.60
CA PRO A 79 -6.37 21.14 -23.43
C PRO A 79 -7.46 21.62 -24.36
N LEU A 80 -8.01 22.81 -24.13
CA LEU A 80 -9.11 23.36 -24.91
C LEU A 80 -8.65 24.18 -26.09
N SER A 81 -7.34 24.36 -26.27
CA SER A 81 -6.79 25.18 -27.34
C SER A 81 -6.70 24.41 -28.66
N ASP A 82 -6.70 25.17 -29.75
CA ASP A 82 -6.68 24.55 -31.06
C ASP A 82 -5.49 23.61 -31.17
N ALA A 83 -4.31 24.12 -30.84
CA ALA A 83 -3.10 23.34 -30.95
C ALA A 83 -3.15 22.06 -30.10
N ALA A 84 -3.61 22.16 -28.85
CA ALA A 84 -3.75 20.96 -28.05
C ALA A 84 -4.72 19.98 -28.68
N VAL A 85 -5.84 20.48 -29.20
CA VAL A 85 -6.86 19.61 -29.78
C VAL A 85 -6.27 18.86 -30.96
N ASN A 86 -5.59 19.60 -31.83
CA ASN A 86 -4.95 19.04 -33.01
C ASN A 86 -3.88 18.02 -32.67
N VAL A 87 -2.93 18.42 -31.82
CA VAL A 87 -1.81 17.54 -31.49
C VAL A 87 -2.31 16.29 -30.79
N ARG A 88 -3.35 16.41 -29.96
CA ARG A 88 -3.89 15.24 -29.29
C ARG A 88 -4.29 14.18 -30.32
N GLU A 89 -4.97 14.62 -31.37
CA GLU A 89 -5.46 13.72 -32.39
C GLU A 89 -4.34 13.23 -33.31
N TRP A 90 -3.45 14.13 -33.71
CA TRP A 90 -2.34 13.76 -34.57
C TRP A 90 -1.45 12.69 -33.94
N ARG A 91 -1.13 12.86 -32.64
CA ARG A 91 -0.36 11.86 -31.91
C ARG A 91 -1.09 10.52 -31.92
N GLN A 92 -2.38 10.54 -31.61
CA GLN A 92 -3.10 9.28 -31.44
C GLN A 92 -3.25 8.56 -32.74
N ALA A 93 -3.41 9.27 -33.86
CA ALA A 93 -3.47 8.59 -35.16
C ALA A 93 -2.11 8.07 -35.59
N TYR A 94 -1.07 8.88 -35.39
CA TYR A 94 0.29 8.46 -35.69
C TYR A 94 0.67 7.20 -34.94
N GLU A 95 0.40 7.17 -33.63
CA GLU A 95 0.80 6.00 -32.83
C GLU A 95 0.03 4.75 -33.24
N ARG A 96 -1.24 4.89 -33.57
CA ARG A 96 -2.04 3.74 -33.95
C ARG A 96 -1.65 3.24 -35.33
N ALA A 97 -1.29 4.14 -36.23
CA ALA A 97 -0.90 3.75 -37.56
C ALA A 97 0.47 3.06 -37.57
N ARG A 98 1.40 3.55 -36.73
CA ARG A 98 2.73 2.96 -36.63
C ARG A 98 2.77 1.66 -35.88
N ALA A 99 1.77 1.39 -35.05
CA ALA A 99 1.82 0.24 -34.17
C ALA A 99 1.31 -1.01 -34.83
N ILE A 100 0.57 -0.89 -35.93
CA ILE A 100 0.05 -2.05 -36.65
C ILE A 100 1.17 -2.52 -37.58
N PRO A 101 1.64 -3.77 -37.46
CA PRO A 101 2.60 -4.30 -38.44
C PRO A 101 1.99 -4.44 -39.82
N GLU A 102 2.76 -4.07 -40.86
CA GLU A 102 2.24 -4.16 -42.23
C GLU A 102 1.65 -5.53 -42.49
N ARG A 103 2.29 -6.58 -41.97
CA ARG A 103 1.81 -7.93 -42.13
C ARG A 103 0.36 -8.03 -41.70
N LEU A 104 0.02 -7.38 -40.58
CA LEU A 104 -1.30 -7.49 -40.00
C LEU A 104 -2.31 -6.63 -40.74
N ALA A 105 -1.95 -5.39 -41.08
CA ALA A 105 -2.83 -4.56 -41.90
C ALA A 105 -3.16 -5.24 -43.24
N VAL A 106 -2.16 -5.89 -43.84
CA VAL A 106 -2.39 -6.48 -45.15
C VAL A 106 -3.27 -7.71 -45.03
N GLU A 107 -3.06 -8.55 -44.01
CA GLU A 107 -3.91 -9.73 -43.93
C GLU A 107 -5.33 -9.34 -43.56
N LEU A 108 -5.48 -8.32 -42.70
CA LEU A 108 -6.81 -7.91 -42.27
C LEU A 108 -7.55 -7.32 -43.46
N ALA A 109 -6.90 -6.40 -44.19
CA ALA A 109 -7.51 -5.80 -45.36
C ALA A 109 -7.95 -6.84 -46.37
N GLN A 110 -7.11 -7.87 -46.55
CA GLN A 110 -7.42 -8.96 -47.48
C GLN A 110 -8.58 -9.81 -46.96
N ALA A 111 -8.60 -10.09 -45.66
CA ALA A 111 -9.62 -10.98 -45.14
C ALA A 111 -10.99 -10.31 -45.18
N GLU A 112 -11.02 -9.00 -44.93
CA GLU A 112 -12.27 -8.25 -45.00
C GLU A 112 -12.78 -8.13 -46.43
N SER A 113 -11.88 -7.94 -47.40
CA SER A 113 -12.31 -7.93 -48.78
C SER A 113 -12.87 -9.30 -49.18
N GLU A 114 -12.15 -10.38 -48.89
CA GLU A 114 -12.66 -11.70 -49.23
C GLU A 114 -13.98 -12.00 -48.55
N ALA A 115 -14.12 -11.64 -47.28
CA ALA A 115 -15.36 -11.98 -46.60
C ALA A 115 -16.52 -11.10 -47.07
N GLU A 116 -16.25 -9.83 -47.38
CA GLU A 116 -17.34 -9.01 -47.92
C GLU A 116 -17.87 -9.58 -49.22
N SER A 117 -16.98 -9.86 -50.20
CA SER A 117 -17.47 -10.35 -51.48
C SER A 117 -18.09 -11.73 -51.35
N PHE A 118 -17.53 -12.60 -50.52
CA PHE A 118 -18.22 -13.87 -50.31
C PHE A 118 -19.58 -13.66 -49.65
N TRP A 119 -19.72 -12.64 -48.81
CA TRP A 119 -20.96 -12.47 -48.07
C TRP A 119 -22.08 -11.97 -48.97
N GLU A 120 -21.76 -11.12 -49.96
CA GLU A 120 -22.75 -10.63 -50.92
C GLU A 120 -23.62 -11.76 -51.47
N GLU A 121 -22.98 -12.83 -51.96
CA GLU A 121 -23.72 -13.92 -52.58
C GLU A 121 -24.22 -14.95 -51.57
N ALA A 122 -23.46 -15.18 -50.50
CA ALA A 122 -23.83 -16.18 -49.52
C ALA A 122 -25.06 -15.81 -48.68
N ARG A 123 -25.38 -14.52 -48.52
CA ARG A 123 -26.56 -14.19 -47.73
C ARG A 123 -27.84 -14.56 -48.46
N PRO A 124 -28.05 -14.16 -49.71
CA PRO A 124 -29.20 -14.71 -50.46
C PRO A 124 -29.26 -16.24 -50.45
N ARG A 125 -28.12 -16.94 -50.48
CA ARG A 125 -28.11 -18.40 -50.41
C ARG A 125 -28.23 -18.95 -49.00
N ASP A 126 -28.34 -18.12 -47.96
CA ASP A 126 -28.48 -18.62 -46.57
C ASP A 126 -27.27 -19.50 -46.18
N ASP A 127 -26.09 -19.20 -46.73
CA ASP A 127 -24.94 -20.10 -46.65
C ASP A 127 -24.03 -19.68 -45.48
N TRP A 128 -24.47 -20.03 -44.27
CA TRP A 128 -23.60 -19.79 -43.13
C TRP A 128 -22.32 -20.58 -43.27
N ARG A 129 -22.45 -21.88 -43.57
CA ARG A 129 -21.32 -22.81 -43.49
C ARG A 129 -20.13 -22.32 -44.30
N GLY A 130 -20.38 -21.79 -45.49
CA GLY A 130 -19.29 -21.29 -46.31
C GLY A 130 -18.79 -19.93 -45.92
N PHE A 131 -19.61 -19.15 -45.19
CA PHE A 131 -19.24 -17.80 -44.78
C PHE A 131 -18.38 -17.83 -43.53
N LEU A 132 -18.68 -18.76 -42.61
CA LEU A 132 -18.02 -18.82 -41.31
C LEU A 132 -16.51 -18.80 -41.39
N PRO A 133 -15.85 -19.60 -42.23
CA PRO A 133 -14.39 -19.49 -42.30
C PRO A 133 -13.92 -18.10 -42.62
N TYR A 134 -14.65 -17.39 -43.45
CA TYR A 134 -14.24 -16.03 -43.81
C TYR A 134 -14.38 -15.10 -42.61
N LEU A 135 -15.47 -15.24 -41.86
CA LEU A 135 -15.72 -14.41 -40.70
C LEU A 135 -14.74 -14.74 -39.58
N LYS A 136 -14.51 -16.04 -39.36
CA LYS A 136 -13.53 -16.52 -38.39
C LYS A 136 -12.17 -15.85 -38.62
N ARG A 137 -11.75 -15.77 -39.88
CA ARG A 137 -10.45 -15.16 -40.14
C ARG A 137 -10.47 -13.67 -39.84
N VAL A 138 -11.57 -12.99 -40.18
CA VAL A 138 -11.63 -11.55 -39.96
C VAL A 138 -11.66 -11.26 -38.47
N TYR A 139 -12.35 -12.08 -37.72
CA TYR A 139 -12.42 -11.83 -36.29
C TYR A 139 -11.04 -11.91 -35.69
N ALA A 140 -10.34 -13.01 -35.98
CA ALA A 140 -9.01 -13.29 -35.45
C ALA A 140 -8.06 -12.13 -35.66
N LEU A 141 -7.92 -11.70 -36.90
CA LEU A 141 -7.03 -10.57 -37.15
C LEU A 141 -7.58 -9.29 -36.51
N THR A 142 -8.90 -9.13 -36.43
CA THR A 142 -9.43 -7.98 -35.72
C THR A 142 -9.06 -8.06 -34.25
N LYS A 143 -9.23 -9.25 -33.64
CA LYS A 143 -8.80 -9.44 -32.27
C LYS A 143 -7.32 -9.15 -32.11
N GLU A 144 -6.51 -9.57 -33.07
CA GLU A 144 -5.08 -9.31 -32.96
C GLU A 144 -4.81 -7.81 -33.03
N LYS A 145 -5.51 -7.09 -33.92
CA LYS A 145 -5.39 -5.63 -33.98
C LYS A 145 -5.79 -4.99 -32.65
N ALA A 146 -6.85 -5.50 -32.02
CA ALA A 146 -7.29 -4.95 -30.74
C ALA A 146 -6.19 -5.03 -29.68
N GLU A 147 -5.55 -6.18 -29.55
CA GLU A 147 -4.46 -6.35 -28.59
C GLU A 147 -3.29 -5.39 -28.88
N VAL A 148 -2.96 -5.17 -30.13
CA VAL A 148 -1.91 -4.23 -30.41
C VAL A 148 -2.29 -2.86 -29.92
N LEU A 149 -3.52 -2.44 -30.21
CA LEU A 149 -3.93 -1.09 -29.84
C LEU A 149 -4.13 -0.96 -28.36
N PHE A 150 -4.62 -2.02 -27.71
CA PHE A 150 -4.86 -1.99 -26.27
C PHE A 150 -3.58 -1.70 -25.49
N ALA A 151 -2.45 -2.23 -25.97
CA ALA A 151 -1.17 -2.14 -25.29
C ALA A 151 -0.50 -0.80 -25.49
N LEU A 152 -1.05 0.04 -26.30
CA LEU A 152 -0.64 1.44 -26.27
C LEU A 152 -1.26 2.16 -25.07
N PRO A 153 -0.54 3.13 -24.50
CA PRO A 153 -1.18 4.03 -23.54
C PRO A 153 -2.29 4.82 -24.22
N PRO A 154 -3.47 4.89 -23.60
CA PRO A 154 -4.52 5.76 -24.14
C PRO A 154 -4.08 7.22 -24.21
N ALA A 155 -4.86 7.95 -24.97
CA ALA A 155 -4.59 9.37 -25.13
C ALA A 155 -4.62 10.11 -23.79
N PRO A 156 -3.68 11.00 -23.54
CA PRO A 156 -3.75 11.82 -22.30
C PRO A 156 -5.05 12.58 -22.22
N GLY A 157 -5.80 12.31 -21.16
CA GLY A 157 -6.98 13.05 -20.81
C GLY A 157 -8.26 12.26 -20.85
N ASP A 158 -8.25 11.02 -21.43
CA ASP A 158 -9.43 10.20 -21.61
C ASP A 158 -9.48 9.05 -20.62
N PRO A 159 -10.66 8.50 -20.36
CA PRO A 159 -10.74 7.28 -19.54
C PRO A 159 -9.85 6.17 -20.10
N PRO A 160 -9.14 5.43 -19.24
CA PRO A 160 -8.34 4.32 -19.75
C PRO A 160 -9.23 3.27 -20.37
N TYR A 161 -8.62 2.44 -21.23
CA TYR A 161 -9.36 1.29 -21.68
C TYR A 161 -9.65 0.42 -20.48
N GLY A 162 -10.85 -0.15 -20.45
CA GLY A 162 -11.31 -1.02 -19.40
C GLY A 162 -11.06 -2.46 -19.78
N GLU A 163 -11.10 -2.75 -21.08
CA GLU A 163 -10.96 -4.11 -21.63
C GLU A 163 -10.63 -4.02 -23.11
N LEU A 164 -10.44 -5.19 -23.71
CA LEU A 164 -9.94 -5.25 -25.09
C LEU A 164 -10.82 -4.42 -26.05
N TYR A 165 -12.11 -4.69 -26.06
CA TYR A 165 -13.07 -4.01 -26.93
C TYR A 165 -12.86 -2.51 -26.97
N ASP A 166 -12.64 -1.89 -25.81
CA ASP A 166 -12.55 -0.43 -25.78
C ASP A 166 -11.53 0.08 -26.80
N ALA A 167 -10.50 -0.71 -27.09
CA ALA A 167 -9.50 -0.27 -28.06
C ALA A 167 -10.09 -0.13 -29.46
N LEU A 168 -11.10 -0.96 -29.78
CA LEU A 168 -11.83 -0.83 -31.03
C LEU A 168 -12.85 0.29 -30.94
N LEU A 169 -13.67 0.24 -29.91
CA LEU A 169 -14.69 1.25 -29.76
C LEU A 169 -14.09 2.67 -29.81
N ASP A 170 -12.89 2.85 -29.26
CA ASP A 170 -12.33 4.21 -29.17
C ASP A 170 -12.06 4.80 -30.55
N GLY A 171 -11.77 3.95 -31.54
CA GLY A 171 -11.54 4.43 -32.89
C GLY A 171 -12.76 5.07 -33.51
N TYR A 172 -13.94 4.50 -33.25
CA TYR A 172 -15.16 5.07 -33.79
C TYR A 172 -15.75 6.13 -32.89
N GLU A 173 -15.61 5.96 -31.57
CA GLU A 173 -16.24 6.86 -30.60
C GLU A 173 -15.22 7.28 -29.55
N PRO A 174 -14.33 8.25 -29.90
CA PRO A 174 -13.28 8.66 -28.94
C PRO A 174 -13.75 8.80 -27.49
N GLY A 175 -13.07 8.11 -26.57
CA GLY A 175 -13.31 8.23 -25.15
C GLY A 175 -14.41 7.34 -24.62
N MET A 176 -15.14 6.68 -25.51
CA MET A 176 -16.26 5.88 -25.10
C MET A 176 -15.77 4.50 -24.71
N ARG A 177 -16.24 4.01 -23.56
CA ARG A 177 -15.83 2.73 -23.03
C ARG A 177 -17.06 1.86 -22.70
N ALA A 178 -16.81 0.55 -22.68
CA ALA A 178 -17.87 -0.39 -22.40
C ALA A 178 -18.53 -0.10 -21.05
N ARG A 179 -17.73 0.24 -20.04
CA ARG A 179 -18.34 0.44 -18.73
C ARG A 179 -19.22 1.68 -18.70
N GLU A 180 -19.13 2.61 -19.66
CA GLU A 180 -20.20 3.62 -19.79
C GLU A 180 -21.40 3.10 -20.60
N LEU A 181 -21.16 2.27 -21.62
CA LEU A 181 -22.26 1.77 -22.44
C LEU A 181 -23.17 0.86 -21.65
N LEU A 182 -22.63 0.03 -20.80
CA LEU A 182 -23.39 -0.92 -20.01
C LEU A 182 -24.58 -0.27 -19.29
N PRO A 183 -24.38 0.70 -18.39
CA PRO A 183 -25.55 1.34 -17.74
C PRO A 183 -26.43 2.08 -18.69
N LEU A 184 -25.82 2.78 -19.66
CA LEU A 184 -26.58 3.48 -20.68
C LEU A 184 -27.57 2.55 -21.33
N PHE A 185 -27.09 1.41 -21.86
CA PHE A 185 -27.97 0.52 -22.63
C PHE A 185 -28.89 -0.30 -21.73
N ALA A 186 -28.47 -0.61 -20.50
CA ALA A 186 -29.39 -1.30 -19.60
C ALA A 186 -30.63 -0.48 -19.34
N GLU A 187 -30.44 0.84 -19.10
CA GLU A 187 -31.58 1.71 -18.89
C GLU A 187 -32.44 1.78 -20.14
N LEU A 188 -31.82 1.89 -21.31
CA LEU A 188 -32.56 1.96 -22.54
C LEU A 188 -33.39 0.69 -22.77
N LYS A 189 -32.77 -0.46 -22.58
CA LYS A 189 -33.47 -1.75 -22.78
C LYS A 189 -34.74 -1.84 -21.93
N GLU A 190 -34.62 -1.59 -20.63
CA GLU A 190 -35.79 -1.67 -19.77
C GLU A 190 -36.90 -0.76 -20.29
N GLY A 191 -36.56 0.47 -20.65
CA GLY A 191 -37.57 1.44 -21.08
C GLY A 191 -38.21 1.10 -22.42
N LEU A 192 -37.42 0.56 -23.36
CA LEU A 192 -37.96 0.19 -24.65
C LEU A 192 -38.89 -1.01 -24.53
N LYS A 193 -38.53 -2.03 -23.72
CA LYS A 193 -39.39 -3.19 -23.61
C LYS A 193 -40.72 -2.81 -22.98
N GLY A 194 -40.69 -1.98 -21.94
CA GLY A 194 -41.94 -1.51 -21.36
C GLY A 194 -42.78 -0.73 -22.35
N LEU A 195 -42.15 0.08 -23.18
CA LEU A 195 -42.93 0.88 -24.12
C LEU A 195 -43.47 0.02 -25.27
N LEU A 196 -42.65 -0.89 -25.80
CA LEU A 196 -43.10 -1.91 -26.74
C LEU A 196 -44.32 -2.68 -26.22
N ASP A 197 -44.21 -3.19 -24.99
CA ASP A 197 -45.29 -3.91 -24.33
C ASP A 197 -46.58 -3.08 -24.30
N ARG A 198 -46.50 -1.78 -24.01
CA ARG A 198 -47.70 -0.95 -24.04
C ARG A 198 -48.21 -0.72 -25.47
N ILE A 199 -47.32 -0.57 -26.45
CA ILE A 199 -47.76 -0.44 -27.83
C ILE A 199 -48.47 -1.71 -28.29
N LEU A 200 -47.95 -2.86 -27.90
CA LEU A 200 -48.48 -4.14 -28.34
C LEU A 200 -49.88 -4.37 -27.82
N GLY A 201 -50.20 -3.78 -26.66
CA GLY A 201 -51.47 -3.97 -26.00
C GLY A 201 -52.50 -2.94 -26.36
N SER A 202 -52.23 -2.12 -27.36
CA SER A 202 -52.97 -0.90 -27.62
C SER A 202 -54.18 -1.17 -28.49
N GLY A 203 -54.06 -2.11 -29.41
CA GLY A 203 -55.14 -2.27 -30.33
C GLY A 203 -55.41 -1.10 -31.24
N LYS A 204 -54.52 -0.12 -31.31
CA LYS A 204 -54.64 0.92 -32.31
C LYS A 204 -53.73 0.63 -33.51
N ARG A 205 -54.30 0.83 -34.71
CA ARG A 205 -53.70 0.92 -36.09
C ARG A 205 -52.33 0.49 -36.20
N PRO A 206 -51.41 1.21 -36.96
CA PRO A 206 -51.35 2.27 -38.00
C PRO A 206 -51.61 1.77 -39.40
N ASP A 207 -52.08 2.66 -40.27
CA ASP A 207 -52.39 2.27 -41.64
C ASP A 207 -51.17 2.49 -42.52
N THR A 208 -50.28 1.50 -42.49
CA THR A 208 -49.05 1.55 -43.28
C THR A 208 -49.30 1.35 -44.74
N SER A 209 -50.42 0.72 -45.10
CA SER A 209 -50.71 0.53 -46.51
C SER A 209 -50.74 1.85 -47.26
N ILE A 210 -51.03 2.96 -46.58
CA ILE A 210 -51.01 4.29 -47.23
C ILE A 210 -49.64 4.54 -47.87
N LEU A 211 -48.58 4.19 -47.17
CA LEU A 211 -47.22 4.40 -47.64
C LEU A 211 -46.84 3.51 -48.81
N HIS A 212 -47.59 2.44 -49.10
CA HIS A 212 -47.27 1.53 -50.20
C HIS A 212 -48.14 1.73 -51.42
N ARG A 213 -48.92 2.80 -51.48
CA ARG A 213 -49.57 3.26 -52.72
C ARG A 213 -48.47 3.77 -53.66
N PRO A 214 -48.82 4.27 -54.83
CA PRO A 214 -47.79 4.77 -55.71
C PRO A 214 -47.38 6.20 -55.37
N TYR A 215 -46.08 6.45 -55.59
CA TYR A 215 -45.47 7.73 -55.29
C TYR A 215 -44.42 7.95 -56.37
N PRO A 216 -44.82 8.49 -57.51
CA PRO A 216 -43.87 8.68 -58.61
C PRO A 216 -42.53 9.24 -58.17
N VAL A 217 -41.51 8.51 -58.57
CA VAL A 217 -40.13 8.80 -58.21
C VAL A 217 -39.74 10.25 -58.46
N GLU A 218 -40.18 10.83 -59.56
CA GLU A 218 -39.74 12.18 -59.84
C GLU A 218 -40.44 13.20 -58.95
N ALA A 219 -41.60 12.86 -58.45
CA ALA A 219 -42.27 13.78 -57.56
C ALA A 219 -41.64 13.71 -56.17
N GLN A 220 -41.30 12.50 -55.69
CA GLN A 220 -40.42 12.35 -54.54
C GLN A 220 -39.16 13.21 -54.65
N ARG A 221 -38.48 13.21 -55.79
CA ARG A 221 -37.26 14.00 -55.87
C ARG A 221 -37.57 15.48 -55.66
N ARG A 222 -38.59 16.01 -56.36
CA ARG A 222 -38.94 17.43 -56.25
C ARG A 222 -39.38 17.80 -54.85
N PHE A 223 -40.13 16.90 -54.20
CA PHE A 223 -40.60 17.16 -52.85
C PHE A 223 -39.42 17.13 -51.87
N ALA A 224 -38.49 16.19 -52.05
CA ALA A 224 -37.33 16.16 -51.16
C ALA A 224 -36.49 17.43 -51.29
N LEU A 225 -36.38 17.97 -52.51
CA LEU A 225 -35.62 19.21 -52.69
C LEU A 225 -36.25 20.38 -51.95
N GLU A 226 -37.59 20.45 -51.93
CA GLU A 226 -38.28 21.46 -51.13
C GLU A 226 -37.94 21.29 -49.65
N LEU A 227 -38.00 20.06 -49.16
CA LEU A 227 -37.67 19.77 -47.79
C LEU A 227 -36.24 20.19 -47.46
N LEU A 228 -35.29 19.80 -48.32
CA LEU A 228 -33.88 20.15 -48.11
C LEU A 228 -33.70 21.66 -48.03
N SER A 229 -34.37 22.38 -48.91
CA SER A 229 -34.25 23.84 -48.93
C SER A 229 -34.86 24.46 -47.68
N ALA A 230 -36.06 24.03 -47.28
CA ALA A 230 -36.70 24.59 -46.09
C ALA A 230 -35.90 24.28 -44.81
N CYS A 231 -35.31 23.12 -44.71
CA CYS A 231 -34.58 22.80 -43.49
C CYS A 231 -33.22 23.48 -43.41
N GLY A 232 -32.70 24.10 -44.47
CA GLY A 232 -31.43 24.78 -44.36
C GLY A 232 -30.22 24.12 -45.02
N TYR A 233 -30.38 23.02 -45.75
CA TYR A 233 -29.28 22.49 -46.55
C TYR A 233 -28.97 23.45 -47.69
N ASP A 234 -27.70 23.76 -47.84
CA ASP A 234 -27.24 24.74 -48.83
C ASP A 234 -26.98 24.03 -50.14
N LEU A 235 -27.97 24.07 -51.04
CA LEU A 235 -27.85 23.40 -52.31
C LEU A 235 -26.82 24.05 -53.23
N GLU A 236 -26.49 25.32 -53.01
CA GLU A 236 -25.38 25.92 -53.71
C GLU A 236 -24.04 25.36 -53.26
N ALA A 237 -24.04 24.57 -52.19
CA ALA A 237 -22.83 23.96 -51.64
C ALA A 237 -22.97 22.45 -51.58
N GLY A 238 -23.82 21.90 -52.41
CA GLY A 238 -24.07 20.48 -52.36
C GLY A 238 -24.83 20.05 -53.58
N ARG A 239 -25.35 18.84 -53.48
CA ARG A 239 -26.16 18.34 -54.55
C ARG A 239 -26.77 17.04 -54.09
N LEU A 240 -27.77 16.60 -54.84
CA LEU A 240 -28.58 15.44 -54.52
C LEU A 240 -28.66 14.60 -55.77
N ASP A 241 -28.32 13.32 -55.67
CA ASP A 241 -28.26 12.43 -56.83
C ASP A 241 -28.69 11.04 -56.39
N PRO A 242 -29.19 10.23 -57.29
CA PRO A 242 -29.57 8.86 -56.92
C PRO A 242 -28.39 7.93 -56.81
N THR A 243 -28.55 6.93 -55.95
CA THR A 243 -27.52 5.92 -55.74
C THR A 243 -28.25 4.65 -55.30
N ALA A 244 -27.52 3.53 -55.29
CA ALA A 244 -28.08 2.27 -54.79
C ALA A 244 -28.19 2.25 -53.27
N HIS A 245 -27.20 2.78 -52.56
CA HIS A 245 -27.21 2.81 -51.10
C HIS A 245 -26.96 4.23 -50.56
N PRO A 246 -27.99 4.92 -50.06
CA PRO A 246 -27.80 6.32 -49.64
C PRO A 246 -26.62 6.55 -48.71
N PHE A 247 -25.96 7.67 -48.94
CA PHE A 247 -24.88 8.12 -48.07
C PHE A 247 -24.70 9.62 -48.26
N GLU A 248 -23.94 10.21 -47.38
CA GLU A 248 -23.55 11.59 -47.45
C GLU A 248 -22.02 11.58 -47.53
N ILE A 249 -21.43 12.59 -48.14
CA ILE A 249 -19.97 12.58 -48.28
C ILE A 249 -19.49 14.02 -48.42
N ALA A 250 -18.53 14.41 -47.59
CA ALA A 250 -18.04 15.77 -47.56
C ALA A 250 -16.74 15.84 -48.35
N ILE A 251 -16.74 16.65 -49.39
CA ILE A 251 -15.57 16.78 -50.25
C ILE A 251 -14.67 17.94 -49.81
N GLY A 252 -15.23 18.97 -49.22
CA GLY A 252 -14.50 20.10 -48.73
C GLY A 252 -15.47 21.24 -48.45
N PRO A 253 -14.95 22.33 -47.91
CA PRO A 253 -15.79 23.51 -47.71
C PRO A 253 -16.46 23.94 -49.00
N GLY A 254 -17.77 24.12 -48.96
CA GLY A 254 -18.55 24.48 -50.12
C GLY A 254 -19.02 23.32 -50.94
N ASP A 255 -18.71 22.09 -50.54
CA ASP A 255 -18.95 20.91 -51.38
C ASP A 255 -19.28 19.71 -50.48
N VAL A 256 -20.55 19.59 -50.10
CA VAL A 256 -21.03 18.47 -49.27
C VAL A 256 -22.23 17.85 -49.97
N ARG A 257 -22.14 16.55 -50.30
CA ARG A 257 -23.04 15.91 -51.24
C ARG A 257 -23.89 14.82 -50.59
N ILE A 258 -25.12 14.70 -51.06
CA ILE A 258 -26.13 13.78 -50.56
C ILE A 258 -26.52 12.84 -51.70
N THR A 259 -26.84 11.60 -51.35
CA THR A 259 -27.42 10.68 -52.30
C THR A 259 -28.58 9.96 -51.63
N THR A 260 -29.50 9.44 -52.46
CA THR A 260 -30.68 8.80 -51.92
C THR A 260 -31.24 7.83 -52.95
N ARG A 261 -32.28 7.12 -52.57
CA ARG A 261 -32.86 6.06 -53.34
C ARG A 261 -34.36 6.14 -53.18
N TYR A 262 -35.06 6.18 -54.29
CA TYR A 262 -36.49 6.27 -54.22
C TYR A 262 -37.12 4.97 -54.65
N TYR A 263 -38.33 4.75 -54.18
CA TYR A 263 -39.09 3.53 -54.44
C TYR A 263 -40.48 3.98 -54.85
N GLU A 264 -40.87 3.57 -56.06
CA GLU A 264 -42.16 3.95 -56.63
C GLU A 264 -43.31 3.61 -55.69
N ASP A 265 -43.14 2.58 -54.87
CA ASP A 265 -44.20 2.00 -54.06
C ASP A 265 -43.90 2.04 -52.56
N PHE A 266 -43.01 2.94 -52.13
CA PHE A 266 -42.77 3.09 -50.69
C PHE A 266 -42.30 4.49 -50.41
N PHE A 267 -43.18 5.31 -49.82
CA PHE A 267 -42.88 6.72 -49.53
C PHE A 267 -41.63 6.87 -48.63
N ASN A 268 -41.56 6.12 -47.53
CA ASN A 268 -40.58 6.36 -46.47
C ASN A 268 -39.15 6.43 -47.01
N ALA A 269 -38.75 5.40 -47.73
CA ALA A 269 -37.34 5.17 -48.03
C ALA A 269 -36.67 6.43 -48.55
N GLY A 270 -37.25 7.02 -49.59
CA GLY A 270 -36.61 8.13 -50.24
C GLY A 270 -36.80 9.43 -49.51
N ILE A 271 -37.93 9.63 -48.84
CA ILE A 271 -38.14 10.90 -48.15
C ILE A 271 -37.36 10.94 -46.86
N PHE A 272 -37.52 9.92 -46.03
CA PHE A 272 -36.85 9.97 -44.74
C PHE A 272 -35.38 9.69 -44.90
N GLY A 273 -35.02 8.89 -45.92
CA GLY A 273 -33.61 8.70 -46.25
C GLY A 273 -32.94 9.96 -46.73
N THR A 274 -33.67 10.80 -47.47
CA THR A 274 -33.08 12.07 -47.87
C THR A 274 -32.86 12.93 -46.64
N LEU A 275 -33.84 12.95 -45.74
CA LEU A 275 -33.71 13.74 -44.52
C LEU A 275 -32.57 13.24 -43.63
N HIS A 276 -32.40 11.91 -43.55
CA HIS A 276 -31.34 11.31 -42.76
C HIS A 276 -29.98 11.73 -43.29
N GLU A 277 -29.79 11.66 -44.59
CA GLU A 277 -28.55 12.10 -45.17
C GLU A 277 -28.38 13.61 -45.07
N MET A 278 -29.48 14.37 -45.12
CA MET A 278 -29.39 15.81 -44.91
C MET A 278 -28.81 16.14 -43.53
N GLY A 279 -29.25 15.43 -42.49
CA GLY A 279 -28.70 15.68 -41.19
C GLY A 279 -27.19 15.53 -41.13
N HIS A 280 -26.65 14.46 -41.72
CA HIS A 280 -25.20 14.33 -41.82
C HIS A 280 -24.64 15.56 -42.50
N ALA A 281 -25.21 15.91 -43.66
CA ALA A 281 -24.65 17.00 -44.46
C ALA A 281 -24.69 18.32 -43.71
N LEU A 282 -25.69 18.51 -42.87
CA LEU A 282 -25.80 19.78 -42.16
C LEU A 282 -24.69 19.94 -41.13
N TYR A 283 -24.29 18.83 -40.51
CA TYR A 283 -23.12 18.83 -39.65
C TYR A 283 -21.89 19.23 -40.44
N GLU A 284 -21.64 18.56 -41.57
CA GLU A 284 -20.46 18.87 -42.35
C GLU A 284 -20.46 20.32 -42.81
N GLN A 285 -21.62 20.87 -43.19
CA GLN A 285 -21.65 22.24 -43.67
C GLN A 285 -21.51 23.24 -42.53
N GLY A 286 -21.77 22.80 -41.31
CA GLY A 286 -21.65 23.69 -40.19
C GLY A 286 -20.31 23.59 -39.48
N LEU A 287 -19.40 22.66 -39.87
CA LEU A 287 -18.06 22.65 -39.27
C LEU A 287 -17.34 23.92 -39.68
N PRO A 288 -16.40 24.38 -38.86
CA PRO A 288 -15.72 25.68 -39.07
C PRO A 288 -14.68 25.59 -40.16
N LYS A 289 -14.91 26.34 -41.25
CA LYS A 289 -14.08 26.19 -42.44
C LYS A 289 -12.62 26.60 -42.22
N GLU A 290 -12.35 27.52 -41.29
CA GLU A 290 -10.95 27.93 -41.12
C GLU A 290 -10.11 26.83 -40.50
N HIS A 291 -10.73 25.75 -40.05
CA HIS A 291 -9.99 24.60 -39.53
C HIS A 291 -10.12 23.39 -40.41
N TRP A 292 -10.65 23.52 -41.62
CA TRP A 292 -10.69 22.37 -42.51
C TRP A 292 -9.31 21.72 -42.61
N GLY A 293 -9.31 20.39 -42.70
CA GLY A 293 -8.04 19.69 -42.80
C GLY A 293 -7.34 19.39 -41.47
N THR A 294 -7.89 19.80 -40.33
CA THR A 294 -7.33 19.59 -39.02
C THR A 294 -8.36 18.99 -38.08
N PRO A 295 -7.93 18.38 -36.99
CA PRO A 295 -8.90 17.79 -36.07
C PRO A 295 -9.87 18.81 -35.47
N ARG A 296 -9.46 20.06 -35.34
CA ARG A 296 -10.37 21.06 -34.78
C ARG A 296 -11.53 21.30 -35.72
N GLY A 297 -11.37 21.01 -37.02
CA GLY A 297 -12.42 21.17 -38.02
C GLY A 297 -13.07 19.91 -38.54
N ASP A 298 -12.88 18.76 -37.91
CA ASP A 298 -13.48 17.50 -38.32
C ASP A 298 -14.58 17.14 -37.35
N ALA A 299 -15.54 16.38 -37.86
CA ALA A 299 -16.57 15.78 -37.03
C ALA A 299 -15.94 14.87 -36.00
N VAL A 300 -16.54 14.88 -34.81
CA VAL A 300 -15.87 14.32 -33.65
C VAL A 300 -16.07 12.81 -33.55
N SER A 301 -17.19 12.26 -34.01
CA SER A 301 -17.43 10.82 -33.88
C SER A 301 -18.62 10.40 -34.69
N LEU A 302 -18.72 9.09 -34.89
CA LEU A 302 -19.87 8.53 -35.55
C LEU A 302 -21.12 8.68 -34.70
N GLY A 303 -21.01 8.58 -33.40
CA GLY A 303 -22.20 8.83 -32.59
C GLY A 303 -22.74 10.23 -32.80
N VAL A 304 -21.88 11.24 -32.75
CA VAL A 304 -22.41 12.58 -32.92
C VAL A 304 -22.90 12.78 -34.35
N HIS A 305 -22.21 12.22 -35.31
CA HIS A 305 -22.68 12.34 -36.69
C HIS A 305 -24.07 11.73 -36.83
N GLU A 306 -24.24 10.53 -36.31
CA GLU A 306 -25.52 9.89 -36.36
C GLU A 306 -26.58 10.63 -35.52
N SER A 307 -26.15 11.42 -34.53
CA SER A 307 -27.12 12.19 -33.76
C SER A 307 -27.72 13.28 -34.63
N GLN A 308 -26.95 13.76 -35.61
CA GLN A 308 -27.45 14.83 -36.48
C GLN A 308 -28.28 14.30 -37.63
N SER A 309 -27.93 13.14 -38.16
CA SER A 309 -28.81 12.51 -39.13
C SER A 309 -30.15 12.13 -38.49
N ARG A 310 -30.11 11.57 -37.28
CA ARG A 310 -31.35 11.14 -36.65
C ARG A 310 -32.15 12.31 -36.15
N THR A 311 -31.49 13.43 -35.85
CA THR A 311 -32.23 14.61 -35.46
C THR A 311 -33.17 15.02 -36.58
N TRP A 312 -32.67 15.05 -37.81
CA TRP A 312 -33.46 15.58 -38.88
C TRP A 312 -34.35 14.51 -39.48
N GLU A 313 -33.95 13.25 -39.48
CA GLU A 313 -34.85 12.22 -39.98
C GLU A 313 -36.09 12.09 -39.11
N ASN A 314 -35.88 11.92 -37.81
CA ASN A 314 -36.93 11.52 -36.88
C ASN A 314 -37.43 12.69 -36.01
N LEU A 315 -36.56 13.32 -35.19
CA LEU A 315 -37.04 14.29 -34.22
C LEU A 315 -37.71 15.47 -34.92
N VAL A 316 -37.16 15.88 -36.05
CA VAL A 316 -37.82 16.86 -36.90
C VAL A 316 -38.73 16.14 -37.89
N GLY A 317 -38.13 15.30 -38.72
CA GLY A 317 -38.76 14.88 -39.95
C GLY A 317 -40.00 14.03 -39.76
N ARG A 318 -40.09 13.32 -38.64
CA ARG A 318 -41.22 12.47 -38.33
C ARG A 318 -42.10 13.07 -37.24
N SER A 319 -42.01 14.38 -36.98
CA SER A 319 -42.79 15.04 -35.94
C SER A 319 -44.12 15.59 -36.48
N LEU A 320 -45.08 15.75 -35.57
CA LEU A 320 -46.36 16.34 -35.94
C LEU A 320 -46.16 17.72 -36.57
N GLY A 321 -45.36 18.55 -35.93
CA GLY A 321 -45.13 19.87 -36.44
C GLY A 321 -44.60 19.89 -37.86
N PHE A 322 -43.67 18.99 -38.15
CA PHE A 322 -43.10 18.94 -39.47
C PHE A 322 -44.18 18.69 -40.50
N TRP A 323 -45.04 17.71 -40.24
CA TRP A 323 -46.08 17.36 -41.19
C TRP A 323 -47.27 18.32 -41.15
N GLU A 324 -47.61 18.94 -40.00
CA GLU A 324 -48.51 20.10 -40.04
C GLU A 324 -48.05 21.10 -41.11
N ARG A 325 -46.74 21.22 -41.29
CA ARG A 325 -46.18 22.19 -42.22
C ARG A 325 -46.25 21.72 -43.67
N PHE A 326 -45.82 20.48 -43.91
CA PHE A 326 -45.54 19.98 -45.25
C PHE A 326 -46.59 19.01 -45.78
N PHE A 327 -47.55 18.56 -44.96
CA PHE A 327 -48.57 17.62 -45.46
C PHE A 327 -49.47 18.22 -46.54
N PRO A 328 -49.90 19.47 -46.41
CA PRO A 328 -50.68 20.07 -47.50
C PRO A 328 -49.93 19.97 -48.81
N ARG A 329 -48.64 20.35 -48.83
CA ARG A 329 -47.87 20.25 -50.05
C ARG A 329 -47.83 18.82 -50.55
N ALA A 330 -47.68 17.86 -49.65
CA ALA A 330 -47.60 16.49 -50.11
C ALA A 330 -48.91 16.04 -50.77
N ARG A 331 -50.06 16.49 -50.26
CA ARG A 331 -51.33 16.20 -50.93
C ARG A 331 -51.44 16.89 -52.30
N GLU A 332 -50.88 18.10 -52.45
CA GLU A 332 -50.79 18.70 -53.78
C GLU A 332 -49.96 17.87 -54.77
N VAL A 333 -48.86 17.21 -54.34
CA VAL A 333 -47.97 16.61 -55.34
C VAL A 333 -48.16 15.09 -55.52
N PHE A 334 -48.87 14.41 -54.62
CA PHE A 334 -48.98 12.94 -54.62
C PHE A 334 -50.44 12.52 -54.68
N ALA A 335 -50.83 11.93 -55.79
CA ALA A 335 -52.24 11.57 -55.93
C ALA A 335 -52.66 10.59 -54.86
N SER A 336 -51.77 9.70 -54.46
CA SER A 336 -52.19 8.70 -53.49
C SER A 336 -52.57 9.28 -52.14
N LEU A 337 -52.46 10.59 -51.95
CA LEU A 337 -52.73 11.18 -50.66
C LEU A 337 -54.03 11.97 -50.64
N GLY A 338 -54.75 12.02 -51.77
CA GLY A 338 -55.93 12.87 -51.89
C GLY A 338 -56.96 12.61 -50.80
N ASP A 339 -57.17 11.35 -50.44
CA ASP A 339 -58.16 10.97 -49.45
C ASP A 339 -57.54 10.66 -48.09
N VAL A 340 -56.37 11.22 -47.80
CA VAL A 340 -55.63 10.89 -46.58
C VAL A 340 -55.56 12.12 -45.68
N SER A 341 -55.83 11.92 -44.41
CA SER A 341 -55.80 12.96 -43.42
C SER A 341 -54.42 13.09 -42.79
N LEU A 342 -54.17 14.26 -42.20
CA LEU A 342 -52.90 14.47 -41.51
C LEU A 342 -52.71 13.44 -40.41
N GLU A 343 -53.75 13.17 -39.63
CA GLU A 343 -53.60 12.28 -38.48
C GLU A 343 -53.22 10.88 -38.93
N ASP A 344 -53.86 10.36 -39.98
CA ASP A 344 -53.49 9.07 -40.55
C ASP A 344 -52.05 9.02 -41.03
N PHE A 345 -51.62 10.06 -41.73
CA PHE A 345 -50.29 10.03 -42.32
C PHE A 345 -49.22 10.05 -41.25
N HIS A 346 -49.40 10.90 -40.23
CA HIS A 346 -48.40 11.05 -39.18
C HIS A 346 -48.22 9.77 -38.40
N PHE A 347 -49.34 9.08 -38.13
CA PHE A 347 -49.32 7.77 -37.48
C PHE A 347 -48.68 6.73 -38.36
N ALA A 348 -48.92 6.81 -39.66
CA ALA A 348 -48.40 5.79 -40.56
C ALA A 348 -46.88 5.86 -40.64
N VAL A 349 -46.34 7.06 -40.87
CA VAL A 349 -44.89 7.19 -40.94
C VAL A 349 -44.21 6.88 -39.60
N ASN A 350 -44.98 6.72 -38.52
CA ASN A 350 -44.39 6.41 -37.24
C ASN A 350 -44.78 5.03 -36.73
N ALA A 351 -45.29 4.17 -37.61
CA ALA A 351 -45.57 2.78 -37.25
C ALA A 351 -44.38 2.12 -36.57
N VAL A 352 -44.70 1.29 -35.59
CA VAL A 352 -43.79 0.49 -34.80
C VAL A 352 -44.08 -1.00 -35.00
N GLU A 353 -43.03 -1.80 -35.17
CA GLU A 353 -43.21 -3.22 -35.39
C GLU A 353 -41.93 -4.00 -35.07
N PRO A 354 -41.89 -4.81 -34.03
CA PRO A 354 -40.80 -5.79 -33.89
C PRO A 354 -40.62 -6.57 -35.17
N SER A 355 -39.38 -6.64 -35.64
CA SER A 355 -39.06 -7.27 -36.92
C SER A 355 -37.66 -7.85 -36.85
N LEU A 356 -37.32 -8.68 -37.84
CA LEU A 356 -36.00 -9.29 -37.79
C LEU A 356 -34.89 -8.38 -38.30
N ILE A 357 -35.19 -7.42 -39.18
CA ILE A 357 -34.14 -6.71 -39.91
C ILE A 357 -33.95 -5.30 -39.36
N ARG A 358 -32.73 -5.04 -38.88
CA ARG A 358 -32.39 -3.79 -38.22
C ARG A 358 -32.56 -2.58 -39.15
N VAL A 359 -32.06 -2.68 -40.38
CA VAL A 359 -32.09 -1.55 -41.30
C VAL A 359 -33.50 -1.14 -41.72
N GLU A 360 -34.51 -1.92 -41.35
CA GLU A 360 -35.89 -1.57 -41.64
C GLU A 360 -36.70 -1.28 -40.37
N ALA A 361 -36.05 -1.23 -39.21
CA ALA A 361 -36.73 -1.05 -37.94
C ALA A 361 -37.12 0.39 -37.70
N ASP A 362 -38.24 0.51 -37.01
CA ASP A 362 -38.78 1.77 -36.58
C ASP A 362 -37.93 2.31 -35.44
N GLU A 363 -38.21 3.56 -35.08
CA GLU A 363 -37.32 4.19 -34.13
C GLU A 363 -37.48 3.62 -32.73
N VAL A 364 -38.59 2.94 -32.43
CA VAL A 364 -38.75 2.36 -31.09
C VAL A 364 -38.04 1.04 -30.99
N THR A 365 -37.96 0.28 -32.08
CA THR A 365 -37.39 -1.07 -32.01
C THR A 365 -35.96 -1.10 -32.46
N TYR A 366 -35.55 -0.17 -33.31
CA TYR A 366 -34.21 -0.16 -33.90
C TYR A 366 -33.11 -0.39 -32.90
N ASN A 367 -33.10 0.29 -31.75
CA ASN A 367 -31.92 0.22 -30.89
C ASN A 367 -31.79 -1.12 -30.17
N LEU A 368 -32.88 -1.82 -29.97
CA LEU A 368 -32.75 -3.17 -29.45
C LEU A 368 -31.91 -4.03 -30.40
N HIS A 369 -31.99 -3.79 -31.71
CA HIS A 369 -31.13 -4.55 -32.61
C HIS A 369 -29.66 -4.28 -32.30
N ILE A 370 -29.35 -3.04 -31.94
CA ILE A 370 -27.97 -2.72 -31.63
C ILE A 370 -27.54 -3.39 -30.34
N LEU A 371 -28.41 -3.43 -29.34
CA LEU A 371 -28.02 -4.06 -28.09
C LEU A 371 -27.55 -5.51 -28.33
N VAL A 372 -28.23 -6.26 -29.18
CA VAL A 372 -27.81 -7.65 -29.29
C VAL A 372 -26.45 -7.73 -29.97
N ARG A 373 -26.22 -6.92 -31.00
CA ARG A 373 -24.92 -6.93 -31.62
C ARG A 373 -23.84 -6.54 -30.62
N LEU A 374 -24.13 -5.56 -29.76
CA LEU A 374 -23.16 -5.19 -28.74
C LEU A 374 -22.90 -6.36 -27.82
N GLU A 375 -23.97 -6.99 -27.33
CA GLU A 375 -23.83 -8.09 -26.37
C GLU A 375 -23.01 -9.20 -26.95
N LEU A 376 -23.20 -9.50 -28.24
CA LEU A 376 -22.44 -10.55 -28.89
C LEU A 376 -21.00 -10.14 -29.11
N GLU A 377 -20.77 -8.91 -29.50
CA GLU A 377 -19.39 -8.50 -29.73
C GLU A 377 -18.59 -8.55 -28.42
N LEU A 378 -19.20 -8.16 -27.30
CA LEU A 378 -18.49 -8.21 -26.03
C LEU A 378 -18.19 -9.65 -25.66
N ALA A 379 -19.14 -10.55 -25.91
CA ALA A 379 -18.89 -11.95 -25.62
C ALA A 379 -17.71 -12.45 -26.44
N LEU A 380 -17.71 -12.19 -27.75
CA LEU A 380 -16.56 -12.58 -28.58
C LEU A 380 -15.24 -12.09 -27.99
N PHE A 381 -15.07 -10.77 -27.85
CA PHE A 381 -13.77 -10.24 -27.46
C PHE A 381 -13.39 -10.57 -26.02
N ARG A 382 -14.35 -10.87 -25.15
CA ARG A 382 -14.02 -11.31 -23.79
C ARG A 382 -13.70 -12.80 -23.75
N GLY A 383 -13.72 -13.47 -24.91
CA GLY A 383 -13.40 -14.87 -24.97
C GLY A 383 -14.44 -15.79 -24.40
N GLU A 384 -15.68 -15.33 -24.30
CA GLU A 384 -16.76 -16.13 -23.71
C GLU A 384 -17.65 -16.75 -24.76
N LEU A 385 -17.51 -16.34 -26.01
CA LEU A 385 -18.34 -16.83 -27.07
C LEU A 385 -17.46 -17.02 -28.30
N SER A 386 -17.76 -18.07 -29.07
CA SER A 386 -17.04 -18.42 -30.28
C SER A 386 -17.85 -18.13 -31.55
N PRO A 387 -17.23 -17.63 -32.61
CA PRO A 387 -17.98 -17.42 -33.86
C PRO A 387 -18.85 -18.59 -34.29
N GLU A 388 -18.51 -19.84 -33.93
CA GLU A 388 -19.32 -20.98 -34.35
C GLU A 388 -20.68 -20.97 -33.66
N ASP A 389 -20.73 -20.50 -32.42
CA ASP A 389 -21.95 -20.48 -31.62
C ASP A 389 -22.73 -19.19 -31.78
N LEU A 390 -22.38 -18.36 -32.74
CA LEU A 390 -23.00 -17.08 -32.97
C LEU A 390 -24.46 -17.18 -33.43
N PRO A 391 -24.82 -18.13 -34.28
CA PRO A 391 -26.22 -18.20 -34.73
C PRO A 391 -27.23 -18.54 -33.64
N GLU A 392 -26.83 -19.36 -32.66
CA GLU A 392 -27.77 -19.66 -31.58
C GLU A 392 -27.86 -18.49 -30.63
N ALA A 393 -26.72 -17.88 -30.31
CA ALA A 393 -26.75 -16.79 -29.35
C ALA A 393 -27.46 -15.59 -29.94
N TRP A 394 -27.38 -15.44 -31.26
CA TRP A 394 -28.11 -14.38 -31.93
C TRP A 394 -29.63 -14.54 -31.72
N ALA A 395 -30.17 -15.72 -32.01
CA ALA A 395 -31.61 -15.88 -31.92
C ALA A 395 -32.08 -15.80 -30.47
N GLU A 396 -31.24 -16.24 -29.55
CA GLU A 396 -31.55 -16.17 -28.12
C GLU A 396 -31.78 -14.72 -27.69
N LYS A 397 -30.92 -13.81 -28.15
CA LYS A 397 -31.03 -12.42 -27.75
C LYS A 397 -32.08 -11.69 -28.58
N TYR A 398 -32.30 -12.10 -29.82
CA TYR A 398 -33.42 -11.55 -30.56
C TYR A 398 -34.75 -11.92 -29.92
N ARG A 399 -34.81 -13.08 -29.25
CA ARG A 399 -36.06 -13.46 -28.61
C ARG A 399 -36.26 -12.69 -27.31
N ASP A 400 -35.19 -12.53 -26.54
CA ASP A 400 -35.32 -11.81 -25.28
C ASP A 400 -35.51 -10.30 -25.46
N HIS A 401 -34.84 -9.68 -26.44
CA HIS A 401 -34.92 -8.23 -26.61
C HIS A 401 -36.16 -7.83 -27.41
N LEU A 402 -36.43 -8.52 -28.50
CA LEU A 402 -37.49 -8.12 -29.40
C LEU A 402 -38.69 -9.09 -29.43
N GLY A 403 -38.58 -10.29 -28.88
CA GLY A 403 -39.69 -11.22 -28.92
C GLY A 403 -39.98 -11.80 -30.28
N VAL A 404 -38.95 -11.94 -31.12
CA VAL A 404 -39.12 -12.52 -32.43
C VAL A 404 -37.74 -13.04 -32.80
N ALA A 405 -37.69 -14.19 -33.47
CA ALA A 405 -36.41 -14.83 -33.75
C ALA A 405 -36.32 -15.26 -35.21
N PRO A 406 -35.14 -15.18 -35.80
CA PRO A 406 -34.98 -15.55 -37.20
C PRO A 406 -35.10 -17.05 -37.36
N LYS A 407 -35.60 -17.45 -38.52
CA LYS A 407 -35.76 -18.85 -38.84
C LYS A 407 -34.66 -19.34 -39.76
N ASP A 408 -33.81 -18.43 -40.24
CA ASP A 408 -32.73 -18.78 -41.14
C ASP A 408 -31.50 -17.95 -40.77
N TYR A 409 -30.47 -18.02 -41.62
CA TYR A 409 -29.30 -17.17 -41.47
C TYR A 409 -29.40 -15.89 -42.30
N LYS A 410 -30.07 -15.94 -43.46
CA LYS A 410 -30.17 -14.79 -44.36
C LYS A 410 -30.70 -13.55 -43.64
N ASP A 411 -31.87 -13.67 -43.01
CA ASP A 411 -32.48 -12.57 -42.27
C ASP A 411 -32.17 -12.64 -40.77
N GLY A 412 -31.11 -13.38 -40.39
CA GLY A 412 -30.63 -13.47 -39.03
C GLY A 412 -29.20 -12.94 -38.93
N VAL A 413 -28.27 -13.75 -38.40
CA VAL A 413 -26.91 -13.30 -38.09
C VAL A 413 -26.13 -12.78 -39.30
N MET A 414 -26.55 -13.10 -40.52
CA MET A 414 -25.88 -12.68 -41.74
C MET A 414 -26.47 -11.44 -42.38
N GLN A 415 -27.40 -10.74 -41.69
CA GLN A 415 -28.18 -9.68 -42.36
C GLN A 415 -27.39 -8.43 -42.64
N ASP A 416 -26.35 -8.16 -41.86
CA ASP A 416 -25.55 -6.96 -41.99
C ASP A 416 -24.15 -7.34 -42.44
N VAL A 417 -23.52 -6.47 -43.25
CA VAL A 417 -22.16 -6.66 -43.74
C VAL A 417 -21.09 -6.42 -42.68
N HIS A 418 -21.41 -5.68 -41.62
CA HIS A 418 -20.38 -5.07 -40.75
C HIS A 418 -19.30 -6.07 -40.32
N TRP A 419 -19.69 -7.22 -39.79
CA TRP A 419 -18.67 -8.11 -39.24
C TRP A 419 -17.74 -8.64 -40.34
N ALA A 420 -18.27 -8.87 -41.54
CA ALA A 420 -17.43 -9.33 -42.64
C ALA A 420 -16.46 -8.26 -43.04
N GLY A 421 -16.87 -7.00 -42.95
CA GLY A 421 -15.97 -5.87 -43.18
C GLY A 421 -15.07 -5.54 -42.03
N GLY A 422 -15.06 -6.36 -40.98
CA GLY A 422 -14.23 -6.08 -39.83
C GLY A 422 -14.65 -4.85 -39.02
N LEU A 423 -15.93 -4.50 -39.06
CA LEU A 423 -16.39 -3.35 -38.29
C LEU A 423 -16.87 -3.87 -36.95
N PHE A 424 -15.96 -4.01 -36.01
CA PHE A 424 -16.32 -4.37 -34.65
C PHE A 424 -16.10 -3.13 -33.80
N GLY A 425 -16.90 -3.00 -32.74
CA GLY A 425 -16.98 -1.74 -32.01
C GLY A 425 -17.63 -0.59 -32.75
N TYR A 426 -18.31 -0.87 -33.85
CA TYR A 426 -18.93 0.16 -34.70
C TYR A 426 -20.41 0.34 -34.35
N PHE A 427 -21.13 -0.77 -34.19
CA PHE A 427 -22.58 -0.73 -34.01
C PHE A 427 -23.04 0.16 -32.84
N PRO A 428 -22.39 0.16 -31.69
CA PRO A 428 -22.94 0.98 -30.60
C PRO A 428 -23.13 2.41 -31.00
N THR A 429 -22.35 2.91 -31.97
CA THR A 429 -22.46 4.32 -32.32
C THR A 429 -23.84 4.66 -32.84
N TYR A 430 -24.50 3.73 -33.55
CA TYR A 430 -25.85 4.00 -34.04
C TYR A 430 -26.77 4.38 -32.88
N THR A 431 -26.68 3.64 -31.78
CA THR A 431 -27.55 3.94 -30.66
C THR A 431 -27.10 5.20 -29.95
N LEU A 432 -25.77 5.40 -29.82
CA LEU A 432 -25.32 6.60 -29.14
C LEU A 432 -25.86 7.82 -29.86
N GLY A 433 -25.92 7.76 -31.20
CA GLY A 433 -26.50 8.86 -31.97
C GLY A 433 -27.96 9.11 -31.63
N ASN A 434 -28.73 8.06 -31.40
CA ASN A 434 -30.10 8.32 -31.00
C ASN A 434 -30.16 8.91 -29.60
N LEU A 435 -29.33 8.42 -28.67
CA LEU A 435 -29.45 8.95 -27.31
C LEU A 435 -28.99 10.41 -27.26
N TYR A 436 -27.84 10.71 -27.85
CA TYR A 436 -27.35 12.09 -27.97
C TYR A 436 -28.38 13.00 -28.62
N ALA A 437 -29.00 12.54 -29.70
CA ALA A 437 -29.89 13.42 -30.43
C ALA A 437 -31.02 13.91 -29.54
N ALA A 438 -31.64 12.99 -28.77
CA ALA A 438 -32.74 13.40 -27.92
C ALA A 438 -32.24 14.28 -26.78
N GLN A 439 -31.03 14.02 -26.31
CA GLN A 439 -30.49 14.81 -25.23
C GLN A 439 -30.21 16.24 -25.68
N PHE A 440 -29.62 16.38 -26.86
CA PHE A 440 -29.44 17.70 -27.47
C PHE A 440 -30.78 18.36 -27.68
N PHE A 441 -31.74 17.59 -28.21
CA PHE A 441 -33.03 18.15 -28.57
C PHE A 441 -33.76 18.67 -27.34
N GLN A 442 -33.60 17.99 -26.22
CA GLN A 442 -34.31 18.43 -25.02
C GLN A 442 -33.76 19.77 -24.50
N LYS A 443 -32.44 19.95 -24.56
CA LYS A 443 -31.85 21.21 -24.17
C LYS A 443 -32.23 22.32 -25.14
N ALA A 444 -32.29 21.99 -26.43
CA ALA A 444 -32.65 23.00 -27.41
C ALA A 444 -34.06 23.51 -27.14
N GLU A 445 -34.97 22.60 -26.84
CA GLU A 445 -36.34 23.04 -26.53
C GLU A 445 -36.36 23.87 -25.26
N ALA A 446 -35.57 23.46 -24.26
CA ALA A 446 -35.55 24.22 -23.02
C ALA A 446 -34.98 25.61 -23.23
N GLU A 447 -34.02 25.79 -24.14
CA GLU A 447 -33.43 27.10 -24.36
C GLU A 447 -34.15 27.91 -25.41
N LEU A 448 -34.70 27.26 -26.43
CA LEU A 448 -35.34 27.93 -27.55
C LEU A 448 -36.87 28.07 -27.42
N GLY A 449 -37.51 27.35 -26.51
CA GLY A 449 -38.95 27.29 -26.47
C GLY A 449 -39.43 26.10 -27.27
N PRO A 450 -40.62 25.55 -26.98
CA PRO A 450 -41.08 24.37 -27.72
C PRO A 450 -40.94 24.57 -29.23
N LEU A 451 -40.54 23.51 -29.93
CA LEU A 451 -40.24 23.58 -31.35
C LEU A 451 -41.39 23.14 -32.27
N GLU A 452 -42.33 22.26 -31.84
CA GLU A 452 -43.51 21.90 -32.66
C GLU A 452 -44.17 23.12 -33.31
N PRO A 453 -44.54 24.17 -32.59
CA PRO A 453 -45.15 25.32 -33.25
C PRO A 453 -44.27 25.95 -34.29
N ARG A 454 -42.95 25.94 -34.06
CA ARG A 454 -42.04 26.58 -35.00
C ARG A 454 -41.91 25.75 -36.26
N PHE A 455 -41.85 24.44 -36.08
CA PHE A 455 -41.80 23.55 -37.23
C PHE A 455 -43.05 23.69 -38.08
N ALA A 456 -44.20 23.79 -37.43
CA ALA A 456 -45.45 23.86 -38.16
C ALA A 456 -45.50 25.07 -39.10
N ARG A 457 -44.74 26.12 -38.82
CA ARG A 457 -44.67 27.27 -39.72
C ARG A 457 -43.45 27.23 -40.64
N GLY A 458 -42.72 26.14 -40.66
CA GLY A 458 -41.52 26.06 -41.46
C GLY A 458 -40.30 26.80 -40.94
N GLU A 459 -40.27 27.16 -39.65
CA GLU A 459 -39.16 27.92 -39.06
C GLU A 459 -38.15 26.93 -38.50
N PHE A 460 -37.21 26.50 -39.34
CA PHE A 460 -36.22 25.53 -38.89
C PHE A 460 -34.88 26.16 -38.60
N GLN A 461 -34.68 27.43 -38.90
CA GLN A 461 -33.32 27.95 -38.98
C GLN A 461 -32.78 28.17 -37.57
N PRO A 462 -33.59 28.61 -36.59
CA PRO A 462 -33.02 28.79 -35.24
C PRO A 462 -32.51 27.52 -34.63
N PHE A 463 -33.24 26.40 -34.81
CA PHE A 463 -32.73 25.15 -34.26
C PHE A 463 -31.47 24.75 -35.00
N LEU A 464 -31.42 24.96 -36.32
CA LEU A 464 -30.20 24.66 -37.07
C LEU A 464 -29.03 25.51 -36.57
N ASP A 465 -29.25 26.82 -36.39
CA ASP A 465 -28.21 27.70 -35.87
C ASP A 465 -27.72 27.25 -34.47
N TRP A 466 -28.65 26.75 -33.65
CA TRP A 466 -28.33 26.24 -32.33
C TRP A 466 -27.42 25.03 -32.43
N THR A 467 -27.68 24.10 -33.37
CA THR A 467 -26.81 22.93 -33.46
C THR A 467 -25.42 23.32 -33.97
N ARG A 468 -25.35 24.34 -34.82
CA ARG A 468 -24.08 24.90 -35.25
C ARG A 468 -23.31 25.53 -34.11
N ALA A 469 -23.97 26.32 -33.27
CA ALA A 469 -23.22 26.97 -32.21
C ALA A 469 -22.86 26.01 -31.10
N ARG A 470 -23.62 24.94 -30.91
CA ARG A 470 -23.39 24.03 -29.80
C ARG A 470 -22.51 22.85 -30.14
N ILE A 471 -22.60 22.34 -31.38
CA ILE A 471 -22.00 21.08 -31.79
C ILE A 471 -21.06 21.27 -32.99
N HIS A 472 -21.60 21.77 -34.11
CA HIS A 472 -20.79 21.80 -35.33
C HIS A 472 -19.58 22.73 -35.15
N ALA A 473 -19.77 23.84 -34.49
CA ALA A 473 -18.68 24.80 -34.36
C ALA A 473 -17.49 24.21 -33.62
N GLU A 474 -17.71 23.18 -32.79
CA GLU A 474 -16.68 22.65 -31.90
C GLU A 474 -15.74 21.66 -32.60
N GLY A 475 -16.15 21.09 -33.73
CA GLY A 475 -15.28 20.11 -34.39
C GLY A 475 -14.97 19.01 -33.42
N SER A 476 -13.69 18.68 -33.31
CA SER A 476 -13.22 17.61 -32.44
C SER A 476 -12.59 18.12 -31.16
N ARG A 477 -12.91 19.36 -30.79
CA ARG A 477 -12.37 19.97 -29.60
C ARG A 477 -12.71 19.17 -28.34
N PHE A 478 -13.93 18.65 -28.26
CA PHE A 478 -14.38 17.92 -27.08
C PHE A 478 -14.74 16.49 -27.47
N ARG A 479 -14.20 15.49 -26.76
CA ARG A 479 -14.70 14.13 -26.90
C ARG A 479 -16.22 14.12 -26.70
N PRO A 480 -16.94 13.21 -27.39
CA PRO A 480 -18.40 13.23 -27.33
C PRO A 480 -18.96 13.30 -25.95
N ARG A 481 -18.50 12.46 -25.02
CA ARG A 481 -19.05 12.50 -23.66
C ARG A 481 -18.92 13.91 -23.09
N VAL A 482 -17.79 14.57 -23.38
CA VAL A 482 -17.57 15.91 -22.84
C VAL A 482 -18.42 16.93 -23.57
N LEU A 483 -18.59 16.75 -24.90
CA LEU A 483 -19.41 17.65 -25.69
C LEU A 483 -20.87 17.58 -25.30
N VAL A 484 -21.38 16.38 -25.10
CA VAL A 484 -22.75 16.25 -24.61
C VAL A 484 -22.92 16.98 -23.30
N GLU A 485 -21.95 16.85 -22.39
CA GLU A 485 -22.06 17.53 -21.08
C GLU A 485 -21.89 19.04 -21.16
N ARG A 486 -21.09 19.55 -22.09
CA ARG A 486 -20.99 21.00 -22.22
C ARG A 486 -22.25 21.64 -22.80
N VAL A 487 -22.95 20.93 -23.71
CA VAL A 487 -24.16 21.45 -24.32
C VAL A 487 -25.38 21.24 -23.41
N THR A 488 -25.45 20.14 -22.68
CA THR A 488 -26.71 19.80 -22.03
C THR A 488 -26.63 19.86 -20.53
N GLY A 489 -25.43 19.94 -19.98
CA GLY A 489 -25.23 20.00 -18.57
C GLY A 489 -25.13 18.68 -17.87
N GLU A 490 -25.36 17.56 -18.56
CA GLU A 490 -25.26 16.26 -17.93
C GLU A 490 -24.51 15.32 -18.85
N ALA A 491 -23.95 14.28 -18.25
CA ALA A 491 -23.33 13.20 -19.00
C ALA A 491 -24.39 12.51 -19.85
N PRO A 492 -23.97 11.82 -20.92
CA PRO A 492 -24.93 11.08 -21.76
C PRO A 492 -25.79 10.17 -20.93
N SER A 493 -27.07 10.20 -21.25
CA SER A 493 -28.05 9.38 -20.57
C SER A 493 -29.12 8.93 -21.56
N ALA A 494 -29.78 7.83 -21.22
CA ALA A 494 -30.90 7.34 -22.00
C ALA A 494 -32.23 8.04 -21.69
N ARG A 495 -32.35 8.78 -20.58
CA ARG A 495 -33.67 9.27 -20.18
C ARG A 495 -34.29 10.25 -21.17
N PRO A 496 -33.56 11.18 -21.75
CA PRO A 496 -34.24 12.10 -22.70
C PRO A 496 -34.81 11.37 -23.89
N PHE A 497 -34.08 10.37 -24.42
CA PHE A 497 -34.59 9.55 -25.50
C PHE A 497 -35.86 8.82 -25.09
N LEU A 498 -35.85 8.20 -23.92
CA LEU A 498 -37.02 7.50 -23.46
C LEU A 498 -38.19 8.45 -23.20
N ALA A 499 -37.92 9.59 -22.59
CA ALA A 499 -38.98 10.57 -22.41
C ALA A 499 -39.58 11.00 -23.74
N TYR A 500 -38.72 11.21 -24.74
CA TYR A 500 -39.18 11.63 -26.04
C TYR A 500 -40.08 10.57 -26.68
N LEU A 501 -39.67 9.31 -26.59
CA LEU A 501 -40.47 8.23 -27.13
C LEU A 501 -41.75 8.08 -26.33
N GLU A 502 -41.66 8.12 -25.00
CA GLU A 502 -42.82 7.81 -24.19
C GLU A 502 -43.92 8.80 -24.48
N LYS A 503 -43.57 10.04 -24.72
CA LYS A 503 -44.58 11.04 -24.97
C LYS A 503 -45.14 10.90 -26.39
N LYS A 504 -44.28 10.59 -27.36
CA LYS A 504 -44.70 10.61 -28.75
C LYS A 504 -45.63 9.45 -29.05
N TYR A 505 -45.36 8.30 -28.42
CA TYR A 505 -46.02 7.06 -28.71
C TYR A 505 -47.16 6.78 -27.73
N ALA A 506 -47.15 7.41 -26.56
CA ALA A 506 -48.35 7.48 -25.74
C ALA A 506 -49.48 8.16 -26.46
N ALA A 507 -49.17 9.06 -27.37
CA ALA A 507 -50.20 9.84 -28.05
C ALA A 507 -50.69 9.14 -29.31
N LEU A 508 -49.77 8.55 -30.05
CA LEU A 508 -50.13 7.85 -31.26
C LEU A 508 -50.86 6.54 -30.96
N TYR A 509 -50.37 5.78 -29.98
CA TYR A 509 -50.95 4.49 -29.64
C TYR A 509 -51.84 4.53 -28.38
N GLY A 510 -52.36 5.71 -28.02
CA GLY A 510 -53.43 5.83 -27.04
C GLY A 510 -53.03 5.21 -25.71
N MET B 1 13.22 35.76 11.98
CA MET B 1 12.51 34.63 12.64
C MET B 1 12.23 35.07 14.05
N THR B 2 11.04 34.80 14.57
CA THR B 2 10.72 35.20 15.92
C THR B 2 11.12 34.15 16.90
N PRO B 3 11.25 34.54 18.17
CA PRO B 3 11.50 33.53 19.19
C PRO B 3 10.44 32.44 19.24
N GLU B 4 9.15 32.76 19.06
CA GLU B 4 8.15 31.69 19.07
C GLU B 4 8.39 30.68 17.94
N ALA B 5 8.82 31.17 16.77
CA ALA B 5 9.05 30.26 15.66
C ALA B 5 10.24 29.37 15.92
N ALA B 6 11.35 29.99 16.35
CA ALA B 6 12.57 29.27 16.67
C ALA B 6 12.33 28.24 17.79
N TYR B 7 11.42 28.51 18.73
CA TYR B 7 11.10 27.51 19.75
C TYR B 7 10.45 26.29 19.14
N GLN B 8 9.50 26.51 18.21
CA GLN B 8 8.83 25.39 17.57
C GLN B 8 9.80 24.60 16.73
N ASN B 9 10.67 25.28 16.01
CA ASN B 9 11.57 24.52 15.15
C ASN B 9 12.44 23.63 16.01
N LEU B 10 13.02 24.24 17.04
CA LEU B 10 13.83 23.52 18.01
C LEU B 10 13.03 22.40 18.69
N LEU B 11 11.86 22.75 19.23
CA LEU B 11 11.00 21.72 19.79
C LEU B 11 10.86 20.55 18.83
N GLU B 12 10.42 20.83 17.61
CA GLU B 12 10.11 19.76 16.69
C GLU B 12 11.35 18.96 16.34
N PHE B 13 12.45 19.63 16.05
CA PHE B 13 13.71 18.94 15.79
C PHE B 13 14.19 18.07 16.97
N GLN B 14 14.06 18.57 18.21
CA GLN B 14 14.61 17.81 19.33
C GLN B 14 13.73 16.60 19.64
N ARG B 15 12.41 16.74 19.50
CA ARG B 15 11.53 15.60 19.69
C ARG B 15 11.87 14.51 18.69
N GLU B 16 12.14 14.90 17.44
CA GLU B 16 12.40 13.88 16.43
C GLU B 16 13.71 13.17 16.74
N THR B 17 14.71 13.89 17.23
CA THR B 17 15.87 13.21 17.77
C THR B 17 15.46 12.18 18.83
N ALA B 18 14.57 12.57 19.73
CA ALA B 18 14.10 11.66 20.75
C ALA B 18 13.40 10.48 20.14
N TYR B 19 12.51 10.72 19.16
CA TYR B 19 11.78 9.63 18.53
C TYR B 19 12.71 8.67 17.83
N LEU B 20 13.75 9.19 17.19
CA LEU B 20 14.67 8.28 16.53
C LEU B 20 15.34 7.40 17.57
N ALA B 21 15.87 8.02 18.61
CA ALA B 21 16.59 7.29 19.66
C ALA B 21 15.68 6.25 20.29
N SER B 22 14.43 6.62 20.53
CA SER B 22 13.40 5.69 20.94
C SER B 22 13.34 4.45 20.03
N LEU B 23 13.79 4.55 18.77
CA LEU B 23 13.91 3.33 17.97
C LEU B 23 15.13 2.52 18.36
N GLY B 24 16.22 3.18 18.75
CA GLY B 24 17.33 2.45 19.35
C GLY B 24 16.91 1.74 20.63
N ALA B 25 16.05 2.38 21.43
CA ALA B 25 15.58 1.79 22.67
C ALA B 25 14.81 0.52 22.40
N LEU B 26 13.93 0.54 21.39
CA LEU B 26 13.20 -0.66 21.00
C LEU B 26 14.14 -1.73 20.47
N ALA B 27 15.16 -1.32 19.74
CA ALA B 27 16.11 -2.29 19.23
C ALA B 27 16.95 -2.88 20.36
N ALA B 28 17.20 -2.09 21.42
CA ALA B 28 18.05 -2.55 22.53
C ALA B 28 17.32 -3.59 23.34
N TRP B 29 16.08 -3.29 23.67
CA TRP B 29 15.16 -4.26 24.25
C TRP B 29 15.10 -5.54 23.43
N ASP B 30 14.87 -5.42 22.12
CA ASP B 30 14.77 -6.60 21.28
C ASP B 30 16.04 -7.43 21.36
N GLN B 31 17.19 -6.78 21.50
CA GLN B 31 18.47 -7.47 21.44
C GLN B 31 18.64 -8.46 22.58
N ARG B 32 17.84 -8.30 23.62
CA ARG B 32 17.97 -9.04 24.88
C ARG B 32 16.69 -9.80 25.22
N THR B 33 15.78 -9.95 24.25
CA THR B 33 14.50 -10.60 24.49
C THR B 33 14.06 -11.45 23.30
N MET B 34 14.08 -10.91 22.10
CA MET B 34 13.49 -11.58 20.95
C MET B 34 14.47 -11.90 19.81
N ILE B 35 15.63 -11.26 19.79
CA ILE B 35 16.50 -11.30 18.63
C ILE B 35 17.00 -12.73 18.38
N PRO B 36 16.95 -13.24 17.15
CA PRO B 36 17.52 -14.56 16.85
C PRO B 36 19.02 -14.60 17.08
N LYS B 37 19.55 -15.84 17.10
CA LYS B 37 20.95 -16.02 17.48
C LYS B 37 21.90 -15.35 16.50
N LYS B 38 21.60 -15.43 15.21
CA LYS B 38 22.52 -14.92 14.19
C LYS B 38 22.27 -13.45 13.83
N GLY B 39 21.33 -12.78 14.51
CA GLY B 39 21.05 -11.38 14.24
C GLY B 39 21.97 -10.35 14.91
N HIS B 40 22.85 -10.77 15.81
CA HIS B 40 23.55 -9.77 16.62
C HIS B 40 24.55 -8.98 15.78
N GLU B 41 25.20 -9.59 14.79
CA GLU B 41 26.18 -8.85 14.01
C GLU B 41 25.50 -7.67 13.30
N HIS B 42 24.30 -7.88 12.76
CA HIS B 42 23.60 -6.84 12.04
C HIS B 42 23.05 -5.80 12.99
N ARG B 43 22.48 -6.23 14.12
CA ARG B 43 21.98 -5.29 15.10
C ARG B 43 23.03 -4.31 15.56
N ALA B 44 24.25 -4.79 15.80
CA ALA B 44 25.32 -3.90 16.22
C ALA B 44 25.55 -2.81 15.18
N ARG B 45 25.44 -3.19 13.89
CA ARG B 45 25.66 -2.25 12.81
C ARG B 45 24.50 -1.28 12.68
N GLN B 46 23.28 -1.74 12.97
CA GLN B 46 22.15 -0.84 13.13
C GLN B 46 22.44 0.17 14.21
N MET B 47 22.75 -0.31 15.41
CA MET B 47 22.95 0.61 16.53
C MET B 47 24.09 1.57 16.23
N ALA B 48 25.10 1.12 15.47
CA ALA B 48 26.21 2.01 15.19
C ALA B 48 25.81 3.10 14.21
N ALA B 49 24.93 2.75 13.25
CA ALA B 49 24.42 3.73 12.30
C ALA B 49 23.52 4.74 12.99
N LEU B 50 22.69 4.25 13.93
CA LEU B 50 21.86 5.16 14.71
C LEU B 50 22.72 6.13 15.52
N ALA B 51 23.79 5.61 16.13
CA ALA B 51 24.62 6.44 17.01
C ALA B 51 25.26 7.58 16.24
N ARG B 52 25.72 7.30 15.02
CA ARG B 52 26.23 8.37 14.16
C ARG B 52 25.13 9.40 13.91
N LEU B 53 23.94 8.91 13.60
CA LEU B 53 22.84 9.80 13.31
C LEU B 53 22.51 10.65 14.52
N LEU B 54 22.34 10.00 15.68
CA LEU B 54 22.10 10.74 16.92
C LEU B 54 23.23 11.69 17.26
N HIS B 55 24.49 11.28 17.02
CA HIS B 55 25.59 12.22 17.28
C HIS B 55 25.51 13.46 16.40
N GLN B 56 25.28 13.29 15.09
CA GLN B 56 25.20 14.45 14.20
C GLN B 56 24.09 15.41 14.64
N ARG B 57 22.92 14.85 15.02
CA ARG B 57 21.76 15.68 15.32
C ARG B 57 21.96 16.45 16.61
N MET B 58 22.71 15.88 17.53
CA MET B 58 22.91 16.49 18.84
C MET B 58 23.87 17.63 18.77
N THR B 59 24.72 17.65 17.75
CA THR B 59 25.67 18.73 17.53
C THR B 59 25.31 19.58 16.33
N ASP B 60 24.12 19.41 15.78
CA ASP B 60 23.71 20.10 14.56
C ASP B 60 23.68 21.60 14.83
N PRO B 61 24.47 22.40 14.10
CA PRO B 61 24.61 23.82 14.48
C PRO B 61 23.31 24.59 14.41
N ARG B 62 22.30 24.05 13.74
CA ARG B 62 21.03 24.75 13.75
C ARG B 62 20.51 24.89 15.16
N ILE B 63 20.78 23.92 16.02
CA ILE B 63 20.33 24.02 17.40
C ILE B 63 20.89 25.28 18.04
N GLY B 64 22.18 25.54 17.84
CA GLY B 64 22.77 26.83 18.16
C GLY B 64 22.00 28.06 17.68
N GLU B 65 21.77 28.16 16.37
CA GLU B 65 21.07 29.32 15.82
C GLU B 65 19.70 29.54 16.47
N TRP B 66 18.88 28.47 16.56
CA TRP B 66 17.56 28.59 17.17
C TRP B 66 17.66 28.99 18.64
N LEU B 67 18.57 28.35 19.38
CA LEU B 67 18.74 28.68 20.78
C LEU B 67 19.08 30.15 20.97
N GLU B 68 19.97 30.68 20.13
CA GLU B 68 20.36 32.08 20.27
C GLU B 68 19.19 33.02 20.05
N LYS B 69 18.15 32.57 19.35
CA LYS B 69 16.99 33.42 19.11
C LYS B 69 15.94 33.32 20.21
N VAL B 70 15.83 32.19 20.90
CA VAL B 70 14.84 32.10 21.96
C VAL B 70 15.38 32.70 23.23
N GLU B 71 16.69 32.69 23.41
CA GLU B 71 17.28 32.99 24.72
C GLU B 71 17.25 34.48 24.94
N GLY B 72 16.61 34.89 26.01
CA GLY B 72 16.49 36.29 26.36
C GLY B 72 15.20 36.94 25.91
N SER B 73 14.28 36.16 25.38
CA SER B 73 12.99 36.59 24.88
C SER B 73 11.91 36.41 25.93
N PRO B 74 10.77 37.05 25.75
CA PRO B 74 9.70 36.91 26.74
C PRO B 74 9.24 35.50 26.87
N LEU B 75 9.47 34.68 25.86
CA LEU B 75 8.99 33.32 25.91
C LEU B 75 9.61 32.54 27.05
N VAL B 76 10.81 32.95 27.47
CA VAL B 76 11.66 32.30 28.47
C VAL B 76 11.79 33.11 29.76
N GLN B 77 11.16 34.30 29.86
CA GLN B 77 11.37 35.18 31.02
C GLN B 77 11.01 34.49 32.33
N ASP B 78 10.09 33.52 32.32
CA ASP B 78 9.65 32.84 33.55
C ASP B 78 10.44 31.54 33.71
N PRO B 79 11.42 31.47 34.62
CA PRO B 79 12.28 30.27 34.69
C PRO B 79 11.54 28.98 34.89
N LEU B 80 10.32 29.02 35.45
CA LEU B 80 9.50 27.85 35.72
C LEU B 80 8.70 27.38 34.52
N SER B 81 8.77 28.08 33.40
CA SER B 81 7.93 27.70 32.28
C SER B 81 8.54 26.53 31.52
N ASP B 82 7.67 25.83 30.81
CA ASP B 82 8.12 24.73 29.96
C ASP B 82 9.17 25.19 28.95
N ALA B 83 8.99 26.39 28.39
CA ALA B 83 9.96 26.89 27.42
C ALA B 83 11.31 27.09 28.06
N ALA B 84 11.35 27.72 29.23
CA ALA B 84 12.62 28.00 29.87
C ALA B 84 13.32 26.71 30.27
N VAL B 85 12.55 25.77 30.79
CA VAL B 85 13.12 24.48 31.16
C VAL B 85 13.73 23.82 29.96
N ASN B 86 13.03 23.86 28.83
CA ASN B 86 13.52 23.10 27.70
C ASN B 86 14.77 23.74 27.12
N VAL B 87 14.81 25.08 27.03
CA VAL B 87 15.95 25.73 26.38
C VAL B 87 17.17 25.66 27.26
N ARG B 88 16.99 25.81 28.58
CA ARG B 88 18.10 25.69 29.51
C ARG B 88 18.82 24.34 29.35
N GLU B 89 18.05 23.24 29.37
CA GLU B 89 18.65 21.91 29.20
C GLU B 89 19.13 21.69 27.78
N TRP B 90 18.35 22.11 26.78
CA TRP B 90 18.81 21.95 25.41
C TRP B 90 20.15 22.64 25.23
N ARG B 91 20.29 23.83 25.78
CA ARG B 91 21.55 24.55 25.62
C ARG B 91 22.68 23.79 26.26
N GLN B 92 22.42 23.25 27.44
CA GLN B 92 23.44 22.53 28.19
C GLN B 92 23.82 21.26 27.46
N ALA B 93 22.84 20.51 26.98
CA ALA B 93 23.21 19.27 26.32
C ALA B 93 23.88 19.54 24.98
N TYR B 94 23.55 20.66 24.35
CA TYR B 94 24.23 21.00 23.12
C TYR B 94 25.67 21.41 23.39
N GLU B 95 25.91 22.22 24.43
CA GLU B 95 27.28 22.68 24.66
C GLU B 95 28.17 21.53 25.13
N ARG B 96 27.60 20.56 25.82
CA ARG B 96 28.37 19.38 26.23
C ARG B 96 28.77 18.51 25.03
N ALA B 97 27.85 18.19 24.14
CA ALA B 97 28.21 17.42 22.96
C ALA B 97 29.21 18.14 22.05
N ARG B 98 29.10 19.46 21.93
CA ARG B 98 30.09 20.22 21.17
C ARG B 98 31.47 20.21 21.82
N ALA B 99 31.54 20.00 23.13
CA ALA B 99 32.80 20.30 23.83
C ALA B 99 33.87 19.25 23.53
N ILE B 100 33.43 18.01 23.38
CA ILE B 100 34.32 16.86 23.17
C ILE B 100 34.65 16.78 21.69
N PRO B 101 35.94 16.86 21.30
CA PRO B 101 36.31 16.71 19.88
C PRO B 101 36.15 15.29 19.36
N GLU B 102 35.72 15.19 18.11
CA GLU B 102 35.50 13.87 17.52
C GLU B 102 36.67 12.93 17.80
N ARG B 103 37.90 13.43 17.67
CA ARG B 103 39.09 12.62 17.92
C ARG B 103 38.95 11.86 19.24
N LEU B 104 38.66 12.58 20.32
CA LEU B 104 38.63 11.98 21.65
C LEU B 104 37.38 11.15 21.86
N ALA B 105 36.22 11.66 21.48
CA ALA B 105 34.98 10.90 21.65
C ALA B 105 35.08 9.52 21.00
N VAL B 106 35.76 9.41 19.87
CA VAL B 106 35.87 8.14 19.17
C VAL B 106 36.88 7.22 19.86
N GLU B 107 38.07 7.75 20.17
CA GLU B 107 39.07 6.95 20.85
C GLU B 107 38.54 6.38 22.17
N LEU B 108 37.76 7.17 22.90
CA LEU B 108 37.19 6.71 24.16
C LEU B 108 36.18 5.58 23.93
N ALA B 109 35.32 5.70 22.92
CA ALA B 109 34.34 4.66 22.62
C ALA B 109 35.04 3.37 22.23
N GLN B 110 36.02 3.47 21.33
CA GLN B 110 36.96 2.40 21.02
C GLN B 110 37.46 1.69 22.29
N ALA B 111 38.18 2.42 23.15
CA ALA B 111 38.72 1.80 24.35
C ALA B 111 37.62 1.30 25.27
N GLU B 112 36.48 1.98 25.32
CA GLU B 112 35.39 1.52 26.18
C GLU B 112 34.79 0.19 25.72
N SER B 113 34.76 -0.10 24.41
CA SER B 113 34.34 -1.44 23.96
C SER B 113 35.50 -2.44 24.04
N GLU B 114 36.70 -2.00 23.68
CA GLU B 114 37.87 -2.86 23.79
C GLU B 114 38.16 -3.27 25.24
N ALA B 115 37.66 -2.53 26.24
CA ALA B 115 37.86 -2.90 27.62
C ALA B 115 36.69 -3.68 28.18
N GLU B 116 35.46 -3.32 27.81
CA GLU B 116 34.30 -4.11 28.24
C GLU B 116 34.37 -5.54 27.74
N SER B 117 34.86 -5.76 26.50
CA SER B 117 34.88 -7.10 25.92
C SER B 117 35.99 -7.94 26.55
N PHE B 118 37.22 -7.41 26.58
CA PHE B 118 38.34 -8.13 27.18
C PHE B 118 38.08 -8.48 28.62
N TRP B 119 37.21 -7.72 29.27
CA TRP B 119 36.87 -7.93 30.65
C TRP B 119 35.84 -9.04 30.83
N GLU B 120 34.97 -9.27 29.83
CA GLU B 120 33.84 -10.17 30.03
C GLU B 120 34.32 -11.56 30.43
N GLU B 121 35.47 -11.97 29.91
CA GLU B 121 36.03 -13.29 30.19
C GLU B 121 37.30 -13.21 31.03
N ALA B 122 37.93 -12.03 31.10
CA ALA B 122 39.11 -11.87 31.92
C ALA B 122 38.79 -11.88 33.42
N ARG B 123 37.53 -11.63 33.80
CA ARG B 123 37.14 -11.60 35.20
C ARG B 123 37.26 -13.03 35.73
N PRO B 124 36.41 -14.00 35.33
CA PRO B 124 36.58 -15.36 35.91
C PRO B 124 38.02 -15.85 35.80
N ARG B 125 38.74 -15.46 34.75
CA ARG B 125 40.13 -15.86 34.58
C ARG B 125 41.07 -15.20 35.58
N ASP B 126 40.66 -14.14 36.27
CA ASP B 126 41.51 -13.44 37.22
C ASP B 126 42.70 -12.75 36.55
N ASP B 127 42.55 -12.44 35.25
CA ASP B 127 43.64 -11.94 34.40
C ASP B 127 43.73 -10.43 34.53
N TRP B 128 44.29 -9.99 35.66
CA TRP B 128 44.46 -8.56 35.86
C TRP B 128 45.63 -8.02 35.06
N ARG B 129 46.65 -8.83 34.78
CA ARG B 129 47.84 -8.32 34.09
C ARG B 129 47.49 -7.91 32.66
N GLY B 130 46.57 -8.62 32.01
CA GLY B 130 46.15 -8.32 30.67
C GLY B 130 44.96 -7.40 30.57
N PHE B 131 44.44 -6.96 31.72
CA PHE B 131 43.41 -5.93 31.80
C PHE B 131 43.97 -4.54 32.10
N LEU B 132 44.95 -4.44 32.99
CA LEU B 132 45.56 -3.15 33.29
C LEU B 132 45.84 -2.31 32.05
N PRO B 133 46.35 -2.85 30.93
CA PRO B 133 46.59 -1.97 29.77
C PRO B 133 45.34 -1.38 29.14
N TYR B 134 44.24 -2.13 29.09
CA TYR B 134 43.03 -1.63 28.45
C TYR B 134 42.30 -0.64 29.34
N LEU B 135 42.34 -0.86 30.65
CA LEU B 135 41.85 0.11 31.63
C LEU B 135 42.73 1.36 31.69
N LYS B 136 44.06 1.18 31.65
CA LYS B 136 44.95 2.33 31.75
C LYS B 136 44.68 3.32 30.65
N ARG B 137 44.16 2.86 29.51
CA ARG B 137 43.88 3.74 28.39
C ARG B 137 42.49 4.34 28.52
N VAL B 138 41.49 3.59 29.00
CA VAL B 138 40.19 4.19 29.26
C VAL B 138 40.31 5.32 30.27
N TYR B 139 40.98 5.06 31.40
CA TYR B 139 41.17 6.10 32.39
C TYR B 139 41.86 7.32 31.80
N ALA B 140 42.91 7.08 31.02
CA ALA B 140 43.71 8.21 30.53
C ALA B 140 42.87 9.12 29.67
N LEU B 141 41.93 8.56 28.95
CA LEU B 141 41.05 9.29 28.07
C LEU B 141 39.86 9.84 28.80
N THR B 142 39.34 9.11 29.78
CA THR B 142 38.29 9.69 30.58
C THR B 142 38.81 10.93 31.28
N LYS B 143 40.09 10.90 31.66
CA LYS B 143 40.73 12.04 32.30
C LYS B 143 40.82 13.23 31.35
N GLU B 144 41.20 12.99 30.09
CA GLU B 144 41.09 14.05 29.08
C GLU B 144 39.67 14.59 28.98
N LYS B 145 38.67 13.72 28.83
CA LYS B 145 37.28 14.17 28.74
C LYS B 145 36.92 15.05 29.93
N ALA B 146 37.42 14.70 31.11
CA ALA B 146 37.16 15.48 32.30
C ALA B 146 37.82 16.84 32.22
N GLU B 147 39.10 16.87 31.83
CA GLU B 147 39.82 18.13 31.73
C GLU B 147 39.16 19.12 30.76
N VAL B 148 38.66 18.63 29.64
CA VAL B 148 37.99 19.49 28.68
C VAL B 148 36.74 20.09 29.31
N LEU B 149 35.87 19.25 29.87
CA LEU B 149 34.62 19.74 30.43
C LEU B 149 34.86 20.66 31.62
N PHE B 150 35.87 20.32 32.43
CA PHE B 150 36.20 21.13 33.61
C PHE B 150 36.53 22.57 33.21
N ALA B 151 37.21 22.74 32.06
CA ALA B 151 37.59 24.05 31.54
C ALA B 151 36.43 24.85 30.95
N LEU B 152 35.22 24.37 31.07
CA LEU B 152 34.07 25.08 30.58
C LEU B 152 33.15 25.40 31.74
N PRO B 153 32.42 26.50 31.69
CA PRO B 153 31.53 26.79 32.78
C PRO B 153 30.70 25.58 33.11
N PRO B 154 30.25 25.43 34.32
CA PRO B 154 29.14 24.53 34.57
C PRO B 154 27.90 25.03 33.86
N ALA B 155 26.81 24.33 34.10
CA ALA B 155 25.52 24.80 33.64
C ALA B 155 25.12 26.07 34.38
N PRO B 156 24.59 27.07 33.70
CA PRO B 156 24.09 28.24 34.42
C PRO B 156 23.15 27.84 35.54
N GLY B 157 23.34 28.48 36.71
CA GLY B 157 22.52 28.25 37.89
C GLY B 157 22.95 27.09 38.74
N ASP B 158 23.99 26.36 38.33
CA ASP B 158 24.59 25.26 39.07
C ASP B 158 25.76 25.75 39.92
N PRO B 159 26.28 24.89 40.79
CA PRO B 159 27.46 25.25 41.57
C PRO B 159 28.75 25.05 40.79
N PRO B 160 29.74 25.90 41.01
CA PRO B 160 31.03 25.71 40.33
C PRO B 160 31.57 24.31 40.55
N TYR B 161 32.37 23.82 39.59
CA TYR B 161 33.18 22.63 39.83
C TYR B 161 34.28 22.96 40.84
N GLY B 162 34.36 22.18 41.90
CA GLY B 162 35.49 22.36 42.79
C GLY B 162 36.71 21.64 42.36
N GLU B 163 36.57 20.77 41.36
CA GLU B 163 37.54 19.72 41.16
C GLU B 163 37.24 19.04 39.83
N LEU B 164 38.29 18.69 39.12
CA LEU B 164 38.21 17.81 37.95
C LEU B 164 37.10 16.78 38.04
N TYR B 165 37.07 15.98 39.10
CA TYR B 165 36.09 14.89 39.19
C TYR B 165 34.67 15.40 39.05
N ASP B 166 34.41 16.65 39.44
CA ASP B 166 33.05 17.18 39.42
C ASP B 166 32.49 17.20 38.00
N ALA B 167 33.36 17.31 37.00
CA ALA B 167 32.88 17.34 35.63
C ALA B 167 32.31 15.99 35.20
N LEU B 168 32.92 14.89 35.63
CA LEU B 168 32.37 13.58 35.31
C LEU B 168 31.13 13.29 36.14
N LEU B 169 31.11 13.77 37.38
CA LEU B 169 29.95 13.50 38.23
C LEU B 169 28.73 14.27 37.74
N ASP B 170 28.93 15.51 37.29
CA ASP B 170 27.85 16.33 36.77
C ASP B 170 27.17 15.63 35.59
N GLY B 171 27.93 14.81 34.86
CA GLY B 171 27.38 14.07 33.75
C GLY B 171 26.27 13.13 34.18
N TYR B 172 26.52 12.31 35.21
CA TYR B 172 25.50 11.37 35.62
C TYR B 172 24.53 11.97 36.63
N GLU B 173 24.93 12.99 37.40
CA GLU B 173 24.00 13.58 38.37
C GLU B 173 24.08 15.10 38.30
N PRO B 174 23.17 15.74 37.58
CA PRO B 174 23.33 17.16 37.28
C PRO B 174 23.37 18.00 38.55
N GLY B 175 24.42 18.80 38.68
CA GLY B 175 24.50 19.71 39.78
C GLY B 175 25.22 19.19 41.01
N MET B 176 25.73 17.95 40.99
CA MET B 176 26.31 17.30 42.15
C MET B 176 27.82 17.48 42.18
N ARG B 177 28.34 17.77 43.37
CA ARG B 177 29.76 18.04 43.53
C ARG B 177 30.34 17.19 44.66
N ALA B 178 31.60 16.83 44.51
CA ALA B 178 32.31 16.20 45.62
C ALA B 178 32.06 16.89 46.96
N ARG B 179 32.09 18.23 46.99
CA ARG B 179 31.92 18.97 48.23
C ARG B 179 30.63 18.63 48.94
N GLU B 180 29.58 18.31 48.19
CA GLU B 180 28.31 18.03 48.82
C GLU B 180 28.19 16.58 49.20
N LEU B 181 28.86 15.73 48.41
CA LEU B 181 28.87 14.29 48.62
C LEU B 181 29.68 13.89 49.86
N LEU B 182 30.92 14.40 49.99
CA LEU B 182 31.79 14.10 51.14
C LEU B 182 31.05 14.18 52.48
N PRO B 183 30.30 15.25 52.79
CA PRO B 183 29.55 15.25 54.05
C PRO B 183 28.45 14.21 54.12
N LEU B 184 27.83 13.87 52.99
CA LEU B 184 26.76 12.89 53.04
C LEU B 184 27.31 11.51 53.31
N PHE B 185 28.47 11.21 52.74
CA PHE B 185 29.04 9.88 52.91
C PHE B 185 29.68 9.74 54.29
N ALA B 186 30.37 10.79 54.76
CA ALA B 186 30.93 10.75 56.10
C ALA B 186 29.84 10.52 57.14
N GLU B 187 28.77 11.31 57.10
CA GLU B 187 27.66 11.06 58.02
C GLU B 187 27.16 9.62 57.88
N LEU B 188 27.18 9.09 56.67
CA LEU B 188 26.63 7.78 56.40
C LEU B 188 27.58 6.65 56.78
N LYS B 189 28.89 6.84 56.57
CA LYS B 189 29.88 5.86 57.01
C LYS B 189 29.75 5.60 58.51
N GLU B 190 29.79 6.66 59.31
CA GLU B 190 29.65 6.49 60.75
C GLU B 190 28.34 5.83 61.11
N GLY B 191 27.23 6.30 60.55
CA GLY B 191 25.94 5.70 60.85
C GLY B 191 25.88 4.21 60.55
N LEU B 192 26.48 3.77 59.43
CA LEU B 192 26.39 2.37 59.05
C LEU B 192 27.34 1.52 59.87
N LYS B 193 28.62 1.88 59.89
CA LYS B 193 29.63 1.23 60.71
C LYS B 193 29.09 0.95 62.12
N GLY B 194 28.30 1.88 62.66
CA GLY B 194 27.79 1.71 64.01
C GLY B 194 26.69 0.67 64.06
N LEU B 195 25.70 0.79 63.18
CA LEU B 195 24.65 -0.22 63.12
C LEU B 195 25.22 -1.60 62.82
N LEU B 196 26.24 -1.67 61.95
CA LEU B 196 26.85 -2.96 61.64
C LEU B 196 27.50 -3.62 62.86
N ASP B 197 28.03 -2.81 63.79
CA ASP B 197 28.48 -3.30 65.09
C ASP B 197 27.32 -3.97 65.84
N ARG B 198 26.28 -3.20 66.14
CA ARG B 198 25.12 -3.72 66.86
C ARG B 198 24.41 -4.85 66.13
N ILE B 199 24.73 -5.12 64.87
CA ILE B 199 24.21 -6.32 64.22
C ILE B 199 25.02 -7.53 64.65
N LEU B 200 26.32 -7.51 64.36
CA LEU B 200 27.18 -8.60 64.78
C LEU B 200 27.08 -8.84 66.30
N GLY B 201 27.00 -7.76 67.08
CA GLY B 201 26.86 -7.82 68.53
C GLY B 201 25.55 -8.41 69.02
N SER B 202 24.58 -8.63 68.14
CA SER B 202 23.38 -9.34 68.56
C SER B 202 23.56 -10.87 68.43
N GLY B 203 22.56 -11.56 68.98
CA GLY B 203 22.55 -13.00 68.99
C GLY B 203 21.61 -13.57 67.95
N LYS B 204 20.84 -12.68 67.34
CA LYS B 204 19.90 -13.11 66.32
C LYS B 204 20.62 -13.32 64.99
N ARG B 205 20.10 -14.27 64.22
CA ARG B 205 20.67 -14.69 62.95
C ARG B 205 19.55 -14.93 61.95
N PRO B 206 19.88 -15.04 60.66
CA PRO B 206 18.83 -15.02 59.62
C PRO B 206 18.12 -16.34 59.37
N ASP B 207 18.92 -17.34 59.03
CA ASP B 207 18.42 -18.54 58.36
C ASP B 207 18.16 -18.18 56.89
N THR B 208 19.24 -17.83 56.21
CA THR B 208 19.23 -17.62 54.77
C THR B 208 19.09 -18.94 54.00
N SER B 209 19.07 -20.07 54.71
CA SER B 209 18.73 -21.35 54.09
C SER B 209 17.33 -21.31 53.47
N ILE B 210 16.37 -20.68 54.15
CA ILE B 210 14.99 -20.62 53.64
C ILE B 210 15.00 -20.16 52.18
N LEU B 211 15.80 -19.14 51.87
CA LEU B 211 15.76 -18.48 50.57
C LEU B 211 16.45 -19.26 49.46
N HIS B 212 17.13 -20.37 49.77
CA HIS B 212 17.78 -21.19 48.77
C HIS B 212 17.10 -22.55 48.58
N ARG B 213 15.87 -22.68 49.05
CA ARG B 213 15.10 -23.90 48.89
C ARG B 213 14.73 -24.02 47.42
N PRO B 214 13.83 -24.91 47.02
CA PRO B 214 13.47 -25.00 45.60
C PRO B 214 12.93 -23.71 44.95
N TYR B 215 11.71 -23.27 45.29
CA TYR B 215 11.11 -22.11 44.63
C TYR B 215 11.11 -22.29 43.11
N PRO B 216 10.03 -22.81 42.52
CA PRO B 216 10.02 -23.03 41.07
C PRO B 216 9.77 -21.73 40.30
N VAL B 217 10.70 -21.42 39.40
CA VAL B 217 10.49 -20.44 38.33
C VAL B 217 9.11 -20.67 37.73
N GLU B 218 8.49 -19.62 37.24
CA GLU B 218 7.20 -19.73 36.57
C GLU B 218 6.09 -19.79 37.61
N ALA B 219 6.37 -20.35 38.78
CA ALA B 219 5.48 -20.10 39.91
C ALA B 219 5.73 -18.70 40.46
N GLN B 220 7.00 -18.34 40.53
CA GLN B 220 7.33 -17.02 41.04
C GLN B 220 7.09 -15.95 39.97
N ARG B 221 7.25 -16.28 38.68
CA ARG B 221 6.83 -15.35 37.62
C ARG B 221 5.40 -14.89 37.83
N ARG B 222 4.48 -15.83 38.05
CA ARG B 222 3.07 -15.46 38.20
C ARG B 222 2.84 -14.73 39.50
N PHE B 223 3.67 -15.04 40.48
CA PHE B 223 3.60 -14.33 41.74
C PHE B 223 4.00 -12.87 41.54
N ALA B 224 5.11 -12.62 40.83
CA ALA B 224 5.52 -11.26 40.58
C ALA B 224 4.38 -10.44 39.98
N LEU B 225 3.69 -10.98 38.98
CA LEU B 225 2.67 -10.22 38.27
C LEU B 225 1.62 -9.67 39.22
N GLU B 226 1.20 -10.46 40.20
CA GLU B 226 0.21 -9.99 41.18
C GLU B 226 0.75 -8.81 41.97
N LEU B 227 2.02 -8.87 42.34
CA LEU B 227 2.67 -7.73 42.98
C LEU B 227 2.57 -6.49 42.10
N LEU B 228 3.03 -6.59 40.85
CA LEU B 228 3.05 -5.41 39.97
C LEU B 228 1.64 -4.88 39.75
N SER B 229 0.68 -5.78 39.59
CA SER B 229 -0.70 -5.33 39.45
C SER B 229 -1.17 -4.58 40.70
N ALA B 230 -0.83 -5.10 41.88
CA ALA B 230 -1.32 -4.49 43.12
C ALA B 230 -0.66 -3.14 43.39
N CYS B 231 0.67 -3.05 43.18
CA CYS B 231 1.42 -1.80 43.36
C CYS B 231 1.14 -0.75 42.27
N GLY B 232 0.34 -1.02 41.23
CA GLY B 232 -0.07 0.01 40.27
C GLY B 232 0.67 0.08 38.94
N TYR B 233 1.43 -0.94 38.58
CA TYR B 233 2.11 -0.98 37.31
C TYR B 233 1.12 -1.37 36.21
N ASP B 234 1.06 -0.55 35.16
CA ASP B 234 0.03 -0.65 34.11
C ASP B 234 0.42 -1.70 33.07
N LEU B 235 -0.09 -2.93 33.19
CA LEU B 235 0.44 -4.00 32.33
C LEU B 235 0.01 -3.79 30.87
N GLU B 236 -1.10 -3.13 30.66
CA GLU B 236 -1.51 -2.65 29.36
C GLU B 236 -0.59 -1.57 28.77
N ALA B 237 0.36 -1.02 29.55
CA ALA B 237 1.38 -0.10 29.02
C ALA B 237 2.79 -0.65 29.19
N GLY B 238 2.93 -1.96 29.15
CA GLY B 238 4.24 -2.57 29.24
C GLY B 238 4.14 -4.06 29.03
N ARG B 239 5.25 -4.74 29.30
CA ARG B 239 5.31 -6.19 29.19
C ARG B 239 6.54 -6.69 29.92
N LEU B 240 6.48 -7.97 30.29
CA LEU B 240 7.55 -8.66 30.99
C LEU B 240 8.02 -9.85 30.18
N ASP B 241 9.33 -10.06 30.14
CA ASP B 241 9.96 -11.11 29.34
C ASP B 241 11.28 -11.54 29.95
N PRO B 242 11.67 -12.81 29.82
CA PRO B 242 12.97 -13.25 30.36
C PRO B 242 14.19 -12.58 29.72
N THR B 243 15.24 -12.43 30.52
CA THR B 243 16.54 -12.01 29.99
C THR B 243 17.64 -12.60 30.88
N ALA B 244 18.90 -12.37 30.48
CA ALA B 244 20.04 -12.78 31.26
C ALA B 244 20.40 -11.78 32.36
N HIS B 245 20.18 -10.48 32.11
CA HIS B 245 20.53 -9.43 33.07
C HIS B 245 19.36 -8.46 33.13
N PRO B 246 18.40 -8.68 34.05
CA PRO B 246 17.19 -7.84 34.09
C PRO B 246 17.49 -6.35 34.00
N PHE B 247 16.56 -5.64 33.38
CA PHE B 247 16.62 -4.20 33.27
C PHE B 247 15.22 -3.73 32.89
N GLU B 248 15.08 -2.44 32.82
CA GLU B 248 13.84 -1.78 32.46
C GLU B 248 14.17 -0.75 31.41
N ILE B 249 13.32 -0.63 30.41
CA ILE B 249 13.60 0.32 29.33
C ILE B 249 12.31 0.97 28.88
N ALA B 250 12.37 2.28 28.75
CA ALA B 250 11.22 3.07 28.31
C ALA B 250 11.33 3.30 26.82
N ILE B 251 10.29 2.89 26.09
CA ILE B 251 10.21 3.09 24.67
C ILE B 251 9.40 4.33 24.34
N GLY B 252 8.32 4.56 25.06
CA GLY B 252 7.56 5.77 24.95
C GLY B 252 6.35 5.76 25.85
N PRO B 253 5.55 6.82 25.80
CA PRO B 253 4.24 6.80 26.46
C PRO B 253 3.44 5.58 26.06
N GLY B 254 3.00 4.84 27.06
CA GLY B 254 2.27 3.62 26.83
C GLY B 254 3.10 2.40 26.57
N ASP B 255 4.42 2.48 26.75
CA ASP B 255 5.32 1.39 26.37
C ASP B 255 6.57 1.43 27.20
N VAL B 256 6.48 0.93 28.44
CA VAL B 256 7.63 0.72 29.32
C VAL B 256 7.72 -0.77 29.60
N ARG B 257 8.86 -1.37 29.29
CA ARG B 257 9.01 -2.82 29.33
C ARG B 257 9.96 -3.27 30.43
N ILE B 258 9.74 -4.46 30.96
CA ILE B 258 10.54 -5.00 32.05
C ILE B 258 11.10 -6.35 31.67
N THR B 259 12.36 -6.60 31.98
CA THR B 259 12.91 -7.92 31.76
C THR B 259 13.36 -8.49 33.09
N THR B 260 13.20 -9.81 33.21
CA THR B 260 13.24 -10.54 34.46
C THR B 260 14.09 -11.79 34.30
N ARG B 261 14.65 -12.24 35.43
CA ARG B 261 15.34 -13.52 35.48
C ARG B 261 15.05 -14.09 36.86
N TYR B 262 14.18 -15.08 36.90
CA TYR B 262 13.93 -15.82 38.12
C TYR B 262 14.95 -16.97 38.25
N TYR B 263 15.05 -17.51 39.47
CA TYR B 263 15.98 -18.59 39.78
C TYR B 263 15.28 -19.68 40.61
N GLU B 264 15.49 -20.95 40.19
CA GLU B 264 15.04 -22.16 40.86
C GLU B 264 15.80 -22.41 42.15
N ASP B 265 16.77 -21.55 42.44
CA ASP B 265 17.63 -21.66 43.61
C ASP B 265 17.37 -20.53 44.59
N PHE B 266 17.52 -19.28 44.14
CA PHE B 266 17.49 -18.09 44.99
C PHE B 266 16.14 -17.38 44.79
N PHE B 267 15.40 -17.19 45.88
CA PHE B 267 14.10 -16.53 45.81
C PHE B 267 14.23 -15.03 45.56
N ASN B 268 15.30 -14.42 46.09
CA ASN B 268 15.42 -12.96 46.10
C ASN B 268 15.73 -12.42 44.71
N ALA B 269 16.74 -12.98 44.05
CA ALA B 269 17.25 -12.41 42.80
C ALA B 269 16.12 -12.09 41.83
N GLY B 270 15.18 -13.01 41.65
CA GLY B 270 14.09 -12.81 40.72
C GLY B 270 13.00 -11.89 41.24
N ILE B 271 12.56 -12.10 42.47
CA ILE B 271 11.40 -11.36 42.96
C ILE B 271 11.79 -9.93 43.38
N PHE B 272 12.97 -9.74 43.98
CA PHE B 272 13.31 -8.38 44.35
C PHE B 272 13.93 -7.64 43.17
N GLY B 273 14.52 -8.38 42.24
CA GLY B 273 14.98 -7.75 41.02
C GLY B 273 13.83 -7.22 40.20
N THR B 274 12.70 -7.92 40.20
CA THR B 274 11.55 -7.48 39.44
C THR B 274 10.92 -6.25 40.08
N LEU B 275 10.78 -6.24 41.41
CA LEU B 275 10.23 -5.07 42.10
C LEU B 275 11.16 -3.85 42.00
N HIS B 276 12.44 -4.08 41.82
CA HIS B 276 13.37 -3.00 41.55
C HIS B 276 13.13 -2.37 40.16
N GLU B 277 13.21 -3.20 39.12
CA GLU B 277 12.74 -2.81 37.80
C GLU B 277 11.33 -2.26 37.83
N MET B 278 10.44 -2.82 38.64
CA MET B 278 9.11 -2.24 38.73
C MET B 278 9.20 -0.77 39.08
N GLY B 279 10.08 -0.43 40.00
CA GLY B 279 10.09 0.92 40.54
C GLY B 279 10.63 1.93 39.55
N HIS B 280 11.67 1.52 38.80
CA HIS B 280 12.09 2.24 37.59
C HIS B 280 10.89 2.51 36.67
N ALA B 281 10.14 1.45 36.35
CA ALA B 281 9.05 1.61 35.40
C ALA B 281 7.98 2.54 35.93
N LEU B 282 7.73 2.52 37.25
CA LEU B 282 6.66 3.38 37.76
C LEU B 282 7.01 4.87 37.65
N TYR B 283 8.30 5.21 37.73
CA TYR B 283 8.74 6.56 37.39
C TYR B 283 8.42 6.87 35.93
N GLU B 284 8.83 5.98 34.99
CA GLU B 284 8.59 6.20 33.55
C GLU B 284 7.11 6.37 33.27
N GLN B 285 6.29 5.49 33.80
CA GLN B 285 4.86 5.56 33.57
C GLN B 285 4.24 6.75 34.25
N GLY B 286 4.97 7.40 35.16
CA GLY B 286 4.49 8.61 35.80
C GLY B 286 4.90 9.93 35.17
N LEU B 287 5.92 9.95 34.31
CA LEU B 287 6.29 11.17 33.62
C LEU B 287 5.15 11.68 32.73
N PRO B 288 5.01 13.00 32.61
CA PRO B 288 3.88 13.55 31.83
C PRO B 288 4.05 13.31 30.32
N LYS B 289 3.08 12.60 29.75
CA LYS B 289 3.10 12.22 28.33
C LYS B 289 3.21 13.46 27.41
N GLU B 290 2.44 14.52 27.72
CA GLU B 290 2.43 15.73 26.91
C GLU B 290 3.82 16.31 26.67
N HIS B 291 4.74 16.09 27.58
CA HIS B 291 6.06 16.65 27.43
C HIS B 291 7.10 15.61 27.03
N TRP B 292 6.67 14.43 26.59
CA TRP B 292 7.63 13.40 26.18
C TRP B 292 8.56 13.92 25.09
N GLY B 293 9.80 13.47 25.15
CA GLY B 293 10.80 13.87 24.20
C GLY B 293 11.40 15.23 24.47
N THR B 294 10.98 15.90 25.53
CA THR B 294 11.53 17.19 25.89
C THR B 294 12.07 17.12 27.29
N PRO B 295 13.03 17.99 27.64
CA PRO B 295 13.58 18.01 29.00
C PRO B 295 12.52 18.12 30.11
N ARG B 296 11.44 18.86 29.87
CA ARG B 296 10.37 18.97 30.84
C ARG B 296 9.77 17.62 31.19
N GLY B 297 9.77 16.65 30.26
CA GLY B 297 9.23 15.31 30.48
C GLY B 297 10.25 14.20 30.69
N ASP B 298 11.55 14.51 30.76
CA ASP B 298 12.57 13.49 30.96
C ASP B 298 12.80 13.25 32.44
N ALA B 299 13.22 12.01 32.75
CA ALA B 299 13.73 11.66 34.06
C ALA B 299 14.88 12.58 34.43
N VAL B 300 14.87 13.05 35.68
CA VAL B 300 15.76 14.12 36.05
C VAL B 300 17.19 13.65 36.32
N SER B 301 17.40 12.42 36.82
CA SER B 301 18.77 11.95 37.07
C SER B 301 18.75 10.49 37.46
N LEU B 302 19.91 9.88 37.36
CA LEU B 302 20.05 8.52 37.82
C LEU B 302 19.69 8.40 39.28
N GLY B 303 20.15 9.36 40.08
CA GLY B 303 19.83 9.34 41.50
C GLY B 303 18.34 9.29 41.76
N VAL B 304 17.57 10.19 41.12
CA VAL B 304 16.13 10.13 41.39
C VAL B 304 15.52 8.88 40.75
N HIS B 305 16.08 8.39 39.64
CA HIS B 305 15.56 7.15 39.08
C HIS B 305 15.78 6.00 40.05
N GLU B 306 17.02 5.85 40.49
CA GLU B 306 17.32 4.82 41.46
C GLU B 306 16.56 5.04 42.78
N SER B 307 16.15 6.26 43.09
CA SER B 307 15.36 6.43 44.29
C SER B 307 14.03 5.71 44.16
N GLN B 308 13.47 5.66 42.98
CA GLN B 308 12.15 5.04 42.85
C GLN B 308 12.24 3.53 42.72
N SER B 309 13.32 3.02 42.15
CA SER B 309 13.54 1.59 42.20
C SER B 309 13.72 1.12 43.65
N ARG B 310 14.55 1.81 44.43
CA ARG B 310 14.81 1.34 45.78
C ARG B 310 13.62 1.59 46.71
N THR B 311 12.72 2.49 46.31
CA THR B 311 11.52 2.69 47.09
C THR B 311 10.63 1.46 47.03
N TRP B 312 10.54 0.83 45.87
CA TRP B 312 9.64 -0.31 45.76
C TRP B 312 10.35 -1.64 45.97
N GLU B 313 11.63 -1.75 45.65
CA GLU B 313 12.35 -2.96 46.05
C GLU B 313 12.39 -3.09 47.56
N ASN B 314 12.67 -1.98 48.26
CA ASN B 314 13.05 -2.08 49.67
C ASN B 314 12.06 -1.37 50.59
N LEU B 315 11.93 -0.06 50.51
CA LEU B 315 11.04 0.60 51.46
C LEU B 315 9.65 -0.01 51.46
N VAL B 316 9.23 -0.61 50.34
CA VAL B 316 7.93 -1.27 50.22
C VAL B 316 8.10 -2.77 50.10
N GLY B 317 8.96 -3.22 49.18
CA GLY B 317 9.07 -4.63 48.90
C GLY B 317 9.80 -5.45 49.94
N ARG B 318 10.39 -4.81 50.97
CA ARG B 318 10.98 -5.56 52.07
C ARG B 318 10.41 -5.13 53.41
N SER B 319 9.36 -4.32 53.40
CA SER B 319 8.72 -3.89 54.61
C SER B 319 7.88 -5.02 55.20
N LEU B 320 7.61 -4.89 56.49
CA LEU B 320 6.70 -5.81 57.13
C LEU B 320 5.30 -5.69 56.58
N GLY B 321 4.79 -4.46 56.45
CA GLY B 321 3.42 -4.29 56.01
C GLY B 321 3.16 -4.93 54.67
N PHE B 322 4.16 -4.85 53.79
CA PHE B 322 4.06 -5.51 52.50
C PHE B 322 3.76 -6.99 52.67
N TRP B 323 4.70 -7.71 53.29
CA TRP B 323 4.55 -9.16 53.45
C TRP B 323 3.38 -9.57 54.36
N GLU B 324 2.93 -8.71 55.28
CA GLU B 324 1.71 -9.03 56.01
C GLU B 324 0.58 -9.36 55.03
N ARG B 325 0.63 -8.77 53.83
CA ARG B 325 -0.40 -9.02 52.82
C ARG B 325 -0.06 -10.13 51.85
N PHE B 326 1.20 -10.22 51.40
CA PHE B 326 1.55 -11.18 50.36
C PHE B 326 2.20 -12.44 50.90
N PHE B 327 2.51 -12.50 52.18
CA PHE B 327 3.06 -13.76 52.69
C PHE B 327 2.03 -14.89 52.67
N PRO B 328 0.77 -14.67 53.08
CA PRO B 328 -0.22 -15.76 52.96
C PRO B 328 -0.44 -16.20 51.52
N ARG B 329 -0.38 -15.28 50.55
CA ARG B 329 -0.38 -15.67 49.15
C ARG B 329 0.87 -16.48 48.79
N ALA B 330 2.02 -16.13 49.36
CA ALA B 330 3.24 -16.87 49.06
C ALA B 330 3.13 -18.31 49.53
N ARG B 331 2.49 -18.52 50.69
CA ARG B 331 2.34 -19.87 51.22
C ARG B 331 1.44 -20.72 50.31
N GLU B 332 0.36 -20.14 49.79
CA GLU B 332 -0.47 -20.86 48.83
C GLU B 332 0.35 -21.38 47.64
N VAL B 333 1.40 -20.65 47.22
CA VAL B 333 2.02 -20.89 45.93
C VAL B 333 3.37 -21.58 46.00
N PHE B 334 4.05 -21.57 47.15
CA PHE B 334 5.39 -22.13 47.24
C PHE B 334 5.43 -23.27 48.26
N ALA B 335 5.93 -24.42 47.81
CA ALA B 335 6.07 -25.56 48.69
C ALA B 335 7.02 -25.23 49.81
N SER B 336 8.20 -24.72 49.47
CA SER B 336 9.23 -24.47 50.48
C SER B 336 8.77 -23.53 51.62
N LEU B 337 7.52 -23.04 51.61
CA LEU B 337 7.01 -22.16 52.68
C LEU B 337 5.94 -22.83 53.55
N GLY B 338 6.04 -24.15 53.75
CA GLY B 338 5.22 -24.84 54.72
C GLY B 338 5.63 -24.53 56.15
N ASP B 339 6.87 -24.86 56.51
CA ASP B 339 7.36 -24.70 57.88
C ASP B 339 8.07 -23.36 58.07
N VAL B 340 7.37 -22.29 57.72
CA VAL B 340 7.94 -20.94 57.80
C VAL B 340 6.89 -19.96 58.27
N SER B 341 7.28 -19.10 59.19
CA SER B 341 6.45 -18.02 59.71
C SER B 341 6.72 -16.71 58.96
N LEU B 342 5.75 -15.79 59.06
CA LEU B 342 5.98 -14.43 58.58
C LEU B 342 7.30 -13.91 59.11
N GLU B 343 7.49 -14.00 60.43
CA GLU B 343 8.62 -13.38 61.10
C GLU B 343 9.94 -13.88 60.53
N ASP B 344 10.10 -15.19 60.45
CA ASP B 344 11.37 -15.74 59.96
C ASP B 344 11.62 -15.38 58.50
N PHE B 345 10.55 -15.09 57.74
CA PHE B 345 10.69 -14.73 56.33
C PHE B 345 11.11 -13.27 56.19
N HIS B 346 10.32 -12.36 56.76
CA HIS B 346 10.65 -10.93 56.78
C HIS B 346 12.05 -10.68 57.33
N PHE B 347 12.57 -11.62 58.14
CA PHE B 347 13.92 -11.51 58.67
C PHE B 347 14.95 -11.99 57.66
N ALA B 348 14.65 -13.07 56.93
CA ALA B 348 15.66 -13.66 56.04
C ALA B 348 15.92 -12.75 54.82
N VAL B 349 14.86 -12.22 54.21
CA VAL B 349 15.01 -11.32 53.07
C VAL B 349 15.78 -10.07 53.46
N ASN B 350 15.61 -9.60 54.71
CA ASN B 350 16.34 -8.45 55.21
C ASN B 350 17.63 -8.84 55.93
N ALA B 351 18.25 -9.94 55.54
CA ALA B 351 19.48 -10.36 56.18
C ALA B 351 20.59 -9.37 55.87
N VAL B 352 21.55 -9.29 56.79
CA VAL B 352 22.72 -8.42 56.71
C VAL B 352 23.97 -9.27 56.86
N GLU B 353 24.96 -9.02 56.01
CA GLU B 353 26.23 -9.74 56.08
C GLU B 353 27.28 -8.97 55.29
N PRO B 354 28.42 -8.62 55.87
CA PRO B 354 29.50 -8.00 55.08
C PRO B 354 30.12 -8.91 54.04
N SER B 355 29.65 -8.80 52.79
CA SER B 355 30.11 -9.63 51.70
C SER B 355 31.10 -8.88 50.83
N LEU B 356 31.72 -9.60 49.88
CA LEU B 356 32.71 -9.03 48.97
C LEU B 356 32.12 -8.39 47.71
N ILE B 357 30.91 -8.77 47.31
CA ILE B 357 30.38 -8.44 45.99
C ILE B 357 29.24 -7.44 46.16
N ARG B 358 29.33 -6.32 45.43
CA ARG B 358 28.35 -5.25 45.54
C ARG B 358 26.98 -5.69 45.07
N VAL B 359 26.92 -6.32 43.90
CA VAL B 359 25.63 -6.71 43.33
C VAL B 359 24.80 -7.48 44.34
N GLU B 360 25.45 -8.35 45.12
CA GLU B 360 24.76 -9.28 46.03
C GLU B 360 24.67 -8.75 47.46
N ALA B 361 25.28 -7.60 47.75
CA ALA B 361 25.17 -7.01 49.07
C ALA B 361 23.74 -6.62 49.40
N ASP B 362 23.54 -6.35 50.67
CA ASP B 362 22.25 -6.11 51.27
C ASP B 362 22.05 -4.63 51.54
N GLU B 363 20.81 -4.29 51.88
CA GLU B 363 20.40 -2.92 52.15
C GLU B 363 21.38 -2.14 53.05
N VAL B 364 21.95 -2.78 54.07
CA VAL B 364 22.74 -2.07 55.11
C VAL B 364 24.21 -1.95 54.72
N THR B 365 24.79 -2.95 54.07
CA THR B 365 26.17 -2.85 53.64
C THR B 365 26.34 -2.24 52.23
N TYR B 366 25.28 -2.11 51.43
CA TYR B 366 25.47 -1.78 50.02
C TYR B 366 26.27 -0.50 49.85
N ASN B 367 25.89 0.53 50.57
CA ASN B 367 26.43 1.85 50.28
C ASN B 367 27.91 1.96 50.68
N LEU B 368 28.39 1.09 51.57
CA LEU B 368 29.81 1.05 51.89
C LEU B 368 30.63 0.54 50.70
N HIS B 369 30.03 -0.25 49.82
CA HIS B 369 30.69 -0.61 48.57
C HIS B 369 30.84 0.61 47.67
N ILE B 370 29.81 1.45 47.59
CA ILE B 370 29.88 2.69 46.83
C ILE B 370 31.01 3.55 47.37
N LEU B 371 31.14 3.60 48.69
CA LEU B 371 32.11 4.50 49.29
C LEU B 371 33.53 4.11 48.90
N VAL B 372 33.81 2.84 48.68
CA VAL B 372 35.19 2.54 48.33
C VAL B 372 35.44 2.92 46.90
N ARG B 373 34.43 2.76 46.05
CA ARG B 373 34.60 3.17 44.67
C ARG B 373 34.80 4.68 44.64
N LEU B 374 33.98 5.41 45.38
CA LEU B 374 34.11 6.85 45.39
C LEU B 374 35.49 7.27 45.83
N GLU B 375 35.99 6.71 46.94
CA GLU B 375 37.28 7.13 47.47
C GLU B 375 38.39 6.77 46.49
N LEU B 376 38.25 5.61 45.83
CA LEU B 376 39.26 5.21 44.86
C LEU B 376 39.22 6.14 43.64
N GLU B 377 38.03 6.55 43.21
CA GLU B 377 37.92 7.43 42.05
C GLU B 377 38.46 8.81 42.38
N LEU B 378 38.05 9.36 43.52
CA LEU B 378 38.57 10.68 43.87
C LEU B 378 40.08 10.65 43.92
N ALA B 379 40.63 9.55 44.44
CA ALA B 379 42.07 9.38 44.56
C ALA B 379 42.74 9.36 43.18
N LEU B 380 42.12 8.67 42.21
CA LEU B 380 42.70 8.63 40.86
C LEU B 380 42.79 10.02 40.23
N PHE B 381 41.67 10.72 40.17
CA PHE B 381 41.68 11.98 39.41
C PHE B 381 42.40 13.11 40.15
N ARG B 382 42.53 13.00 41.46
CA ARG B 382 43.31 13.97 42.21
C ARG B 382 44.81 13.72 42.11
N GLY B 383 45.23 12.71 41.35
CA GLY B 383 46.63 12.44 41.08
C GLY B 383 47.35 11.60 42.12
N GLU B 384 46.69 11.23 43.21
CA GLU B 384 47.36 10.66 44.36
C GLU B 384 47.28 9.14 44.40
N LEU B 385 46.92 8.51 43.30
CA LEU B 385 46.81 7.07 43.22
C LEU B 385 46.83 6.66 41.76
N SER B 386 47.69 5.75 41.43
CA SER B 386 47.82 5.28 40.07
C SER B 386 47.03 3.99 39.90
N PRO B 387 46.54 3.69 38.69
CA PRO B 387 45.76 2.45 38.50
C PRO B 387 46.52 1.18 38.86
N GLU B 388 47.85 1.18 38.75
CA GLU B 388 48.61 -0.02 39.04
C GLU B 388 48.48 -0.40 40.52
N ASP B 389 48.44 0.61 41.39
CA ASP B 389 48.31 0.44 42.85
C ASP B 389 46.86 0.23 43.28
N LEU B 390 45.97 -0.01 42.33
CA LEU B 390 44.54 0.01 42.57
C LEU B 390 44.08 -1.22 43.34
N PRO B 391 44.52 -2.43 42.98
CA PRO B 391 44.02 -3.59 43.74
C PRO B 391 44.41 -3.54 45.20
N GLU B 392 45.68 -3.24 45.51
CA GLU B 392 46.12 -3.18 46.90
C GLU B 392 45.35 -2.11 47.67
N ALA B 393 44.99 -0.99 47.01
CA ALA B 393 44.14 -0.01 47.69
C ALA B 393 42.71 -0.49 47.78
N TRP B 394 42.22 -1.20 46.76
CA TRP B 394 40.88 -1.76 46.84
C TRP B 394 40.76 -2.60 48.09
N ALA B 395 41.77 -3.42 48.36
CA ALA B 395 41.76 -4.26 49.54
C ALA B 395 41.74 -3.42 50.82
N GLU B 396 42.70 -2.49 50.96
CA GLU B 396 42.74 -1.62 52.14
C GLU B 396 41.34 -1.08 52.47
N LYS B 397 40.67 -0.45 51.50
CA LYS B 397 39.39 0.20 51.76
C LYS B 397 38.33 -0.82 52.13
N TYR B 398 38.29 -1.96 51.45
CA TYR B 398 37.31 -2.98 51.78
C TYR B 398 37.52 -3.51 53.19
N ARG B 399 38.78 -3.73 53.56
CA ARG B 399 39.15 -4.00 54.94
C ARG B 399 38.58 -2.91 55.85
N ASP B 400 38.92 -1.65 55.56
CA ASP B 400 38.64 -0.53 56.46
C ASP B 400 37.16 -0.18 56.59
N HIS B 401 36.30 -0.53 55.63
CA HIS B 401 34.90 -0.09 55.69
C HIS B 401 33.94 -1.22 55.99
N LEU B 402 34.27 -2.42 55.53
CA LEU B 402 33.41 -3.57 55.63
C LEU B 402 33.96 -4.66 56.55
N GLY B 403 35.28 -4.75 56.69
CA GLY B 403 35.89 -5.72 57.55
C GLY B 403 36.20 -7.04 56.89
N VAL B 404 36.24 -7.07 55.56
CA VAL B 404 36.63 -8.27 54.81
C VAL B 404 37.76 -7.87 53.87
N ALA B 405 38.03 -8.67 52.87
CA ALA B 405 39.06 -8.33 51.91
C ALA B 405 39.00 -9.34 50.78
N PRO B 406 39.38 -8.96 49.57
CA PRO B 406 39.42 -9.94 48.48
C PRO B 406 40.76 -10.65 48.39
N LYS B 407 40.68 -11.95 48.10
CA LYS B 407 41.88 -12.71 47.76
C LYS B 407 42.15 -12.57 46.27
N ASP B 408 41.25 -13.10 45.45
CA ASP B 408 41.35 -13.02 44.00
C ASP B 408 41.00 -11.60 43.56
N TYR B 409 40.94 -11.41 42.24
CA TYR B 409 40.48 -10.19 41.62
C TYR B 409 39.03 -10.29 41.15
N LYS B 410 38.60 -11.47 40.67
CA LYS B 410 37.25 -11.60 40.12
C LYS B 410 36.19 -11.23 41.15
N ASP B 411 36.51 -11.32 42.43
CA ASP B 411 35.61 -10.86 43.49
C ASP B 411 36.18 -9.64 44.23
N GLY B 412 37.23 -9.04 43.69
CA GLY B 412 37.72 -7.75 44.17
C GLY B 412 37.58 -6.61 43.17
N VAL B 413 38.71 -6.12 42.67
CA VAL B 413 38.76 -4.84 41.96
C VAL B 413 38.01 -4.91 40.63
N MET B 414 37.98 -6.07 39.98
CA MET B 414 37.35 -6.17 38.67
C MET B 414 36.02 -6.92 38.74
N GLN B 415 35.30 -6.81 39.85
CA GLN B 415 34.00 -7.43 39.96
C GLN B 415 32.93 -6.69 39.17
N ASP B 416 33.14 -5.40 38.93
CA ASP B 416 32.17 -4.54 38.27
C ASP B 416 32.67 -4.11 36.89
N VAL B 417 31.73 -3.96 35.96
CA VAL B 417 32.10 -3.57 34.59
C VAL B 417 32.28 -2.07 34.46
N HIS B 418 31.65 -1.30 35.36
CA HIS B 418 31.56 0.14 35.24
C HIS B 418 32.83 0.83 34.75
N TRP B 419 33.99 0.54 35.37
CA TRP B 419 35.20 1.26 34.97
C TRP B 419 35.70 0.81 33.60
N ALA B 420 35.45 -0.44 33.24
CA ALA B 420 35.80 -0.85 31.89
C ALA B 420 35.07 0.01 30.87
N GLY B 421 33.77 0.24 31.09
CA GLY B 421 32.97 1.11 30.23
C GLY B 421 33.21 2.59 30.43
N GLY B 422 34.26 2.99 31.12
CA GLY B 422 34.47 4.41 31.35
C GLY B 422 33.45 5.08 32.27
N LEU B 423 32.68 4.30 33.03
CA LEU B 423 31.64 4.87 33.89
C LEU B 423 32.27 5.35 35.19
N PHE B 424 32.98 6.47 35.08
CA PHE B 424 33.53 7.18 36.23
C PHE B 424 32.62 8.33 36.63
N GLY B 425 32.47 8.52 37.93
CA GLY B 425 31.51 9.49 38.40
C GLY B 425 30.10 8.97 38.43
N TYR B 426 29.92 7.67 38.27
CA TYR B 426 28.61 7.02 38.17
C TYR B 426 28.16 6.41 39.48
N PHE B 427 29.07 5.70 40.20
CA PHE B 427 28.65 4.90 41.35
C PHE B 427 27.97 5.72 42.43
N PRO B 428 28.40 6.94 42.75
CA PRO B 428 27.68 7.71 43.79
C PRO B 428 26.18 7.79 43.59
N THR B 429 25.73 7.63 42.35
CA THR B 429 24.29 7.80 42.06
C THR B 429 23.46 6.71 42.71
N TYR B 430 23.99 5.49 42.83
CA TYR B 430 23.32 4.40 43.53
C TYR B 430 23.00 4.78 44.98
N THR B 431 24.00 5.32 45.68
CA THR B 431 23.81 5.70 47.08
C THR B 431 22.84 6.88 47.19
N LEU B 432 22.92 7.83 46.25
CA LEU B 432 21.96 8.92 46.22
C LEU B 432 20.54 8.40 46.09
N GLY B 433 20.35 7.33 45.33
CA GLY B 433 19.00 6.80 45.23
C GLY B 433 18.48 6.35 46.57
N ASN B 434 19.33 5.70 47.37
CA ASN B 434 18.89 5.20 48.67
C ASN B 434 18.60 6.34 49.63
N LEU B 435 19.46 7.37 49.64
CA LEU B 435 19.23 8.55 50.50
C LEU B 435 17.99 9.30 50.07
N TYR B 436 17.81 9.48 48.76
CA TYR B 436 16.65 10.22 48.29
C TYR B 436 15.37 9.46 48.61
N ALA B 437 15.40 8.13 48.43
CA ALA B 437 14.21 7.32 48.69
C ALA B 437 13.74 7.49 50.12
N ALA B 438 14.63 7.22 51.06
CA ALA B 438 14.30 7.36 52.48
C ALA B 438 13.83 8.76 52.81
N GLN B 439 14.50 9.77 52.24
CA GLN B 439 14.06 11.14 52.50
C GLN B 439 12.68 11.40 51.89
N PHE B 440 12.41 10.91 50.68
CA PHE B 440 11.07 11.06 50.11
C PHE B 440 10.06 10.31 50.97
N PHE B 441 10.41 9.07 51.39
CA PHE B 441 9.48 8.19 52.09
C PHE B 441 9.07 8.75 53.45
N GLN B 442 10.01 9.36 54.16
CA GLN B 442 9.70 9.96 55.44
C GLN B 442 8.71 11.12 55.31
N LYS B 443 8.93 11.99 54.32
CA LYS B 443 7.98 13.07 54.10
C LYS B 443 6.60 12.52 53.75
N ALA B 444 6.56 11.43 52.99
CA ALA B 444 5.26 10.91 52.57
C ALA B 444 4.52 10.29 53.75
N GLU B 445 5.20 9.49 54.60
CA GLU B 445 4.57 9.03 55.84
C GLU B 445 4.05 10.22 56.64
N ALA B 446 4.88 11.25 56.81
CA ALA B 446 4.45 12.41 57.58
C ALA B 446 3.19 13.05 57.03
N GLU B 447 2.85 12.81 55.77
CA GLU B 447 1.70 13.46 55.15
C GLU B 447 0.51 12.53 54.95
N LEU B 448 0.76 11.24 54.77
CA LEU B 448 -0.32 10.29 54.49
C LEU B 448 -0.76 9.50 55.72
N GLY B 449 0.00 9.59 56.82
CA GLY B 449 -0.18 8.73 57.97
C GLY B 449 0.76 7.55 57.86
N PRO B 450 1.00 6.84 58.96
CA PRO B 450 1.91 5.68 58.87
C PRO B 450 1.47 4.79 57.73
N LEU B 451 2.43 4.18 57.05
CA LEU B 451 2.09 3.44 55.84
C LEU B 451 2.11 1.94 56.02
N GLU B 452 2.96 1.39 56.88
CA GLU B 452 2.95 -0.06 57.08
C GLU B 452 1.54 -0.64 57.22
N PRO B 453 0.59 -0.04 57.96
CA PRO B 453 -0.77 -0.59 58.00
C PRO B 453 -1.51 -0.50 56.68
N ARG B 454 -1.29 0.54 55.88
CA ARG B 454 -1.94 0.64 54.58
C ARG B 454 -1.41 -0.42 53.61
N PHE B 455 -0.13 -0.77 53.71
CA PHE B 455 0.43 -1.80 52.84
C PHE B 455 -0.11 -3.17 53.20
N ALA B 456 -0.55 -3.35 54.45
CA ALA B 456 -1.02 -4.65 54.90
C ALA B 456 -2.36 -5.02 54.27
N ARG B 457 -3.16 -4.03 53.86
CA ARG B 457 -4.42 -4.27 53.16
C ARG B 457 -4.35 -3.93 51.67
N GLY B 458 -3.14 -3.93 51.09
CA GLY B 458 -2.93 -3.74 49.65
C GLY B 458 -3.13 -2.34 49.14
N GLU B 459 -3.23 -1.35 50.03
CA GLU B 459 -3.49 0.04 49.63
C GLU B 459 -2.15 0.73 49.34
N PHE B 460 -1.66 0.53 48.11
CA PHE B 460 -0.46 1.22 47.66
C PHE B 460 -0.78 2.41 46.79
N GLN B 461 -1.97 2.49 46.24
CA GLN B 461 -2.23 3.50 45.22
C GLN B 461 -2.02 4.90 45.77
N PRO B 462 -2.46 5.24 46.99
CA PRO B 462 -2.28 6.63 47.47
C PRO B 462 -0.81 7.05 47.64
N PHE B 463 0.08 6.11 47.98
CA PHE B 463 1.51 6.41 47.97
C PHE B 463 2.00 6.65 46.55
N LEU B 464 1.65 5.76 45.63
CA LEU B 464 2.03 5.95 44.23
C LEU B 464 1.52 7.28 43.70
N ASP B 465 0.27 7.63 44.04
CA ASP B 465 -0.25 8.88 43.53
C ASP B 465 0.53 10.07 44.09
N TRP B 466 1.07 9.92 45.29
CA TRP B 466 1.88 10.98 45.91
C TRP B 466 3.23 11.10 45.25
N THR B 467 3.85 9.97 44.88
CA THR B 467 5.10 10.05 44.13
C THR B 467 4.89 10.70 42.76
N ARG B 468 3.71 10.50 42.16
CA ARG B 468 3.49 11.07 40.84
C ARG B 468 3.25 12.56 40.90
N ALA B 469 2.52 13.03 41.90
CA ALA B 469 2.30 14.47 42.02
C ALA B 469 3.60 15.18 42.38
N ARG B 470 4.41 14.58 43.25
CA ARG B 470 5.57 15.26 43.82
C ARG B 470 6.86 15.04 43.04
N ILE B 471 7.04 13.88 42.40
CA ILE B 471 8.27 13.60 41.67
C ILE B 471 8.08 13.38 40.16
N HIS B 472 7.42 12.28 39.80
CA HIS B 472 7.27 11.89 38.40
C HIS B 472 6.76 13.03 37.53
N ALA B 473 5.74 13.77 37.99
CA ALA B 473 5.09 14.79 37.15
C ALA B 473 5.99 15.98 36.83
N GLU B 474 7.04 16.22 37.62
CA GLU B 474 7.91 17.36 37.44
C GLU B 474 8.95 17.14 36.33
N GLY B 475 9.03 15.94 35.78
CA GLY B 475 10.14 15.62 34.91
C GLY B 475 11.42 16.24 35.41
N SER B 476 12.16 16.91 34.52
CA SER B 476 13.34 17.67 34.89
C SER B 476 13.05 19.18 35.00
N ARG B 477 11.85 19.59 35.41
CA ARG B 477 11.64 21.02 35.66
C ARG B 477 12.57 21.56 36.77
N PHE B 478 13.02 20.70 37.69
CA PHE B 478 13.84 21.05 38.85
C PHE B 478 15.02 20.11 38.98
N ARG B 479 16.20 20.67 39.15
CA ARG B 479 17.39 19.91 39.45
C ARG B 479 17.16 18.93 40.59
N PRO B 480 17.87 17.80 40.65
CA PRO B 480 17.54 16.81 41.70
C PRO B 480 17.64 17.38 43.11
N ARG B 481 18.73 18.06 43.45
CA ARG B 481 18.79 18.68 44.77
C ARG B 481 17.60 19.62 44.99
N VAL B 482 17.31 20.46 44.02
CA VAL B 482 16.20 21.39 44.21
C VAL B 482 14.90 20.61 44.46
N LEU B 483 14.69 19.54 43.69
CA LEU B 483 13.46 18.76 43.78
C LEU B 483 13.32 18.11 45.15
N VAL B 484 14.42 17.54 45.66
CA VAL B 484 14.39 16.90 46.97
C VAL B 484 13.94 17.90 48.02
N GLU B 485 14.54 19.10 47.99
CA GLU B 485 14.18 20.14 48.94
C GLU B 485 12.74 20.62 48.75
N ARG B 486 12.26 20.73 47.51
CA ARG B 486 10.90 21.20 47.29
C ARG B 486 9.88 20.21 47.88
N VAL B 487 10.14 18.92 47.70
CA VAL B 487 9.24 17.87 48.17
C VAL B 487 9.34 17.68 49.67
N THR B 488 10.57 17.56 50.22
CA THR B 488 10.74 17.13 51.60
C THR B 488 11.02 18.29 52.56
N GLY B 489 11.31 19.47 52.06
CA GLY B 489 11.51 20.60 52.92
C GLY B 489 12.92 20.79 53.40
N GLU B 490 13.85 19.89 53.04
CA GLU B 490 15.22 19.93 53.51
C GLU B 490 16.15 19.44 52.41
N ALA B 491 17.35 20.00 52.38
CA ALA B 491 18.32 19.56 51.41
C ALA B 491 18.65 18.08 51.62
N PRO B 492 19.09 17.38 50.60
CA PRO B 492 19.32 15.93 50.72
C PRO B 492 20.27 15.63 51.88
N SER B 493 19.84 14.73 52.75
CA SER B 493 20.59 14.34 53.94
C SER B 493 20.71 12.83 54.06
N ALA B 494 21.81 12.39 54.67
CA ALA B 494 21.94 10.98 55.01
C ALA B 494 20.98 10.57 56.11
N ARG B 495 20.37 11.51 56.85
CA ARG B 495 19.79 11.15 58.13
C ARG B 495 18.55 10.30 57.98
N PRO B 496 17.61 10.61 57.10
CA PRO B 496 16.39 9.80 57.05
C PRO B 496 16.65 8.35 56.68
N PHE B 497 17.70 8.09 55.91
CA PHE B 497 18.07 6.71 55.57
C PHE B 497 18.62 5.99 56.80
N LEU B 498 19.49 6.67 57.56
CA LEU B 498 19.98 6.15 58.81
C LEU B 498 18.83 5.89 59.77
N ALA B 499 17.89 6.82 59.86
CA ALA B 499 16.78 6.61 60.79
C ALA B 499 16.00 5.35 60.44
N TYR B 500 15.52 5.28 59.19
CA TYR B 500 14.83 4.11 58.68
C TYR B 500 15.60 2.82 58.98
N LEU B 501 16.88 2.77 58.64
CA LEU B 501 17.66 1.58 58.94
C LEU B 501 17.72 1.29 60.44
N GLU B 502 17.97 2.32 61.26
CA GLU B 502 18.15 2.09 62.69
C GLU B 502 16.87 1.56 63.32
N LYS B 503 15.72 2.11 62.94
CA LYS B 503 14.46 1.55 63.39
C LYS B 503 14.29 0.10 62.91
N LYS B 504 14.44 -0.12 61.61
CA LYS B 504 14.07 -1.40 61.02
C LYS B 504 14.94 -2.52 61.56
N TYR B 505 16.22 -2.25 61.74
CA TYR B 505 17.18 -3.25 62.16
C TYR B 505 17.36 -3.32 63.68
N ALA B 506 16.75 -2.40 64.43
CA ALA B 506 16.66 -2.57 65.86
C ALA B 506 15.61 -3.61 66.20
N ALA B 507 14.45 -3.51 65.57
CA ALA B 507 13.43 -4.54 65.71
C ALA B 507 13.97 -5.89 65.29
N LEU B 508 14.50 -5.98 64.09
CA LEU B 508 14.87 -7.29 63.56
C LEU B 508 16.03 -7.88 64.36
N TYR B 509 17.22 -7.31 64.21
CA TYR B 509 18.41 -7.88 64.85
C TYR B 509 18.48 -7.62 66.36
N GLY B 510 17.37 -7.85 67.06
CA GLY B 510 17.32 -7.96 68.51
C GLY B 510 17.97 -6.81 69.27
N MET C 1 36.84 13.89 -7.62
CA MET C 1 35.72 12.93 -7.74
C MET C 1 35.81 12.17 -9.07
N THR C 2 36.33 10.96 -8.99
CA THR C 2 36.34 10.02 -10.09
C THR C 2 35.11 9.14 -10.03
N PRO C 3 34.75 8.49 -11.14
CA PRO C 3 33.62 7.55 -11.09
C PRO C 3 33.75 6.50 -9.99
N GLU C 4 34.91 5.87 -9.82
CA GLU C 4 35.01 4.79 -8.83
C GLU C 4 34.75 5.32 -7.42
N ALA C 5 35.27 6.51 -7.13
CA ALA C 5 35.09 7.11 -5.81
C ALA C 5 33.64 7.53 -5.56
N ALA C 6 33.02 8.17 -6.56
CA ALA C 6 31.62 8.55 -6.43
C ALA C 6 30.74 7.33 -6.19
N TYR C 7 31.02 6.24 -6.89
CA TYR C 7 30.28 5.00 -6.65
C TYR C 7 30.48 4.48 -5.23
N GLN C 8 31.68 4.64 -4.65
CA GLN C 8 31.88 4.20 -3.26
C GLN C 8 31.12 5.10 -2.29
N ASN C 9 31.09 6.40 -2.53
CA ASN C 9 30.31 7.25 -1.64
C ASN C 9 28.84 6.84 -1.64
N LEU C 10 28.29 6.54 -2.82
CA LEU C 10 26.90 6.13 -2.94
C LEU C 10 26.63 4.86 -2.16
N LEU C 11 27.47 3.85 -2.40
CA LEU C 11 27.36 2.56 -1.73
C LEU C 11 27.37 2.76 -0.22
N GLU C 12 28.37 3.48 0.28
CA GLU C 12 28.47 3.79 1.71
C GLU C 12 27.23 4.53 2.22
N PHE C 13 26.79 5.59 1.50
CA PHE C 13 25.69 6.43 1.98
C PHE C 13 24.36 5.73 1.87
N GLN C 14 24.15 4.96 0.80
CA GLN C 14 22.89 4.21 0.62
C GLN C 14 22.76 3.04 1.60
N ARG C 15 23.85 2.30 1.84
CA ARG C 15 23.82 1.25 2.88
C ARG C 15 23.43 1.84 4.22
N GLU C 16 24.07 2.96 4.60
CA GLU C 16 23.78 3.58 5.87
C GLU C 16 22.27 3.85 6.00
N THR C 17 21.67 4.33 4.92
CA THR C 17 20.23 4.53 4.93
C THR C 17 19.50 3.20 5.13
N ALA C 18 20.05 2.12 4.58
CA ALA C 18 19.37 0.83 4.69
C ALA C 18 19.36 0.35 6.13
N TYR C 19 20.50 0.45 6.80
CA TYR C 19 20.52 0.13 8.23
C TYR C 19 19.50 0.95 8.98
N LEU C 20 19.49 2.28 8.80
CA LEU C 20 18.53 3.11 9.52
C LEU C 20 17.12 2.66 9.23
N ALA C 21 16.84 2.29 7.99
CA ALA C 21 15.49 1.89 7.65
C ALA C 21 15.14 0.54 8.27
N SER C 22 16.14 -0.35 8.46
CA SER C 22 15.85 -1.64 9.11
C SER C 22 15.34 -1.48 10.55
N LEU C 23 15.66 -0.36 11.22
CA LEU C 23 15.08 -0.09 12.55
C LEU C 23 13.59 0.11 12.47
N GLY C 24 13.12 0.81 11.43
CA GLY C 24 11.68 0.90 11.23
C GLY C 24 11.05 -0.43 10.91
N ALA C 25 11.81 -1.32 10.28
CA ALA C 25 11.31 -2.67 10.04
C ALA C 25 11.08 -3.40 11.35
N LEU C 26 12.09 -3.39 12.23
CA LEU C 26 11.90 -3.92 13.57
C LEU C 26 10.68 -3.28 14.22
N ALA C 27 10.61 -1.95 14.19
CA ALA C 27 9.48 -1.28 14.83
C ALA C 27 8.15 -1.74 14.23
N ALA C 28 8.15 -2.09 12.96
CA ALA C 28 6.92 -2.47 12.26
C ALA C 28 6.50 -3.88 12.63
N TRP C 29 7.47 -4.78 12.74
CA TRP C 29 7.24 -6.11 13.28
C TRP C 29 6.66 -6.04 14.69
N ASP C 30 7.34 -5.29 15.58
CA ASP C 30 6.89 -5.15 16.95
C ASP C 30 5.44 -4.70 17.03
N GLN C 31 5.07 -3.70 16.23
CA GLN C 31 3.71 -3.17 16.27
C GLN C 31 2.66 -4.27 16.12
N ARG C 32 2.97 -5.32 15.36
CA ARG C 32 1.99 -6.35 15.07
C ARG C 32 2.21 -7.62 15.87
N THR C 33 3.26 -7.65 16.72
CA THR C 33 3.47 -8.75 17.65
C THR C 33 3.53 -8.32 19.13
N MET C 34 4.62 -7.69 19.59
CA MET C 34 4.91 -7.49 21.01
C MET C 34 4.43 -6.17 21.61
N ILE C 35 3.90 -5.24 20.84
CA ILE C 35 3.68 -3.90 21.39
C ILE C 35 2.55 -3.96 22.43
N PRO C 36 2.65 -3.24 23.54
CA PRO C 36 1.51 -3.14 24.47
C PRO C 36 0.34 -2.35 23.89
N LYS C 37 -0.84 -2.59 24.49
CA LYS C 37 -2.08 -2.05 23.94
C LYS C 37 -2.12 -0.53 23.95
N LYS C 38 -1.45 0.09 24.91
CA LYS C 38 -1.44 1.54 25.03
C LYS C 38 -0.26 2.17 24.31
N GLY C 39 0.56 1.37 23.63
CA GLY C 39 1.72 1.83 22.90
C GLY C 39 1.52 2.21 21.43
N HIS C 40 0.29 2.16 20.90
CA HIS C 40 0.11 2.27 19.46
C HIS C 40 0.32 3.70 18.95
N GLU C 41 -0.22 4.71 19.66
CA GLU C 41 -0.06 6.07 19.13
C GLU C 41 1.40 6.53 19.19
N HIS C 42 2.18 6.12 20.18
CA HIS C 42 3.58 6.48 20.16
C HIS C 42 4.32 5.79 19.01
N ARG C 43 4.03 4.52 18.73
CA ARG C 43 4.67 3.88 17.59
C ARG C 43 4.40 4.64 16.27
N ALA C 44 3.19 5.13 16.08
CA ALA C 44 2.91 5.81 14.83
C ALA C 44 3.78 7.05 14.70
N ARG C 45 4.01 7.72 15.81
CA ARG C 45 4.85 8.92 15.78
C ARG C 45 6.31 8.53 15.52
N GLN C 46 6.72 7.37 15.97
CA GLN C 46 8.05 6.89 15.65
C GLN C 46 8.21 6.69 14.15
N MET C 47 7.26 6.00 13.54
CA MET C 47 7.31 5.79 12.09
C MET C 47 7.35 7.12 11.34
N ALA C 48 6.46 8.04 11.70
CA ALA C 48 6.49 9.35 11.09
C ALA C 48 7.87 9.97 11.17
N ALA C 49 8.49 9.93 12.36
CA ALA C 49 9.78 10.58 12.53
C ALA C 49 10.86 9.89 11.70
N LEU C 50 10.78 8.58 11.57
CA LEU C 50 11.75 7.88 10.75
C LEU C 50 11.51 8.18 9.28
N ALA C 51 10.25 8.30 8.90
CA ALA C 51 9.91 8.63 7.52
C ALA C 51 10.51 9.98 7.13
N ARG C 52 10.34 11.02 7.97
CA ARG C 52 10.93 12.32 7.67
C ARG C 52 12.41 12.17 7.45
N LEU C 53 13.08 11.47 8.37
CA LEU C 53 14.53 11.30 8.30
C LEU C 53 14.95 10.49 7.09
N LEU C 54 14.28 9.38 6.82
CA LEU C 54 14.68 8.61 5.65
C LEU C 54 14.44 9.42 4.38
N HIS C 55 13.32 10.14 4.34
CA HIS C 55 13.06 10.97 3.16
C HIS C 55 14.16 12.01 2.98
N GLN C 56 14.66 12.56 4.08
CA GLN C 56 15.69 13.58 3.95
C GLN C 56 16.99 13.00 3.39
N ARG C 57 17.32 11.77 3.79
CA ARG C 57 18.51 11.09 3.29
C ARG C 57 18.34 10.66 1.85
N MET C 58 17.14 10.14 1.53
CA MET C 58 16.87 9.68 0.18
C MET C 58 16.83 10.82 -0.85
N THR C 59 16.60 12.07 -0.42
CA THR C 59 16.62 13.21 -1.33
C THR C 59 17.88 14.03 -1.20
N ASP C 60 18.85 13.58 -0.41
CA ASP C 60 20.11 14.29 -0.25
C ASP C 60 20.67 14.64 -1.63
N PRO C 61 20.93 15.91 -1.92
CA PRO C 61 21.47 16.27 -3.25
C PRO C 61 22.81 15.61 -3.59
N ARG C 62 23.57 15.13 -2.61
CA ARG C 62 24.82 14.46 -2.97
C ARG C 62 24.58 13.21 -3.83
N ILE C 63 23.40 12.59 -3.69
CA ILE C 63 23.12 11.39 -4.45
C ILE C 63 23.08 11.72 -5.93
N GLY C 64 22.42 12.83 -6.27
CA GLY C 64 22.43 13.31 -7.63
C GLY C 64 23.82 13.64 -8.13
N GLU C 65 24.64 14.32 -7.32
CA GLU C 65 26.02 14.58 -7.72
C GLU C 65 26.76 13.29 -7.99
N TRP C 66 26.58 12.29 -7.13
CA TRP C 66 27.37 11.07 -7.30
C TRP C 66 26.86 10.25 -8.48
N LEU C 67 25.56 10.24 -8.69
CA LEU C 67 25.03 9.50 -9.82
C LEU C 67 25.55 10.07 -11.12
N GLU C 68 25.55 11.41 -11.25
CA GLU C 68 25.96 12.03 -12.50
C GLU C 68 27.40 11.65 -12.84
N LYS C 69 28.26 11.59 -11.83
CA LYS C 69 29.62 11.18 -12.05
C LYS C 69 29.74 9.72 -12.46
N VAL C 70 28.80 8.88 -12.08
CA VAL C 70 28.94 7.45 -12.36
C VAL C 70 28.20 7.08 -13.65
N GLU C 71 27.10 7.74 -13.96
CA GLU C 71 26.34 7.41 -15.14
C GLU C 71 27.15 7.74 -16.38
N GLY C 72 27.13 6.83 -17.36
CA GLY C 72 27.91 6.93 -18.58
C GLY C 72 29.38 6.61 -18.45
N SER C 73 29.86 6.30 -17.25
CA SER C 73 31.25 5.96 -17.05
C SER C 73 31.51 4.55 -17.50
N PRO C 74 32.78 4.12 -17.50
CA PRO C 74 33.07 2.70 -17.79
C PRO C 74 32.53 1.76 -16.75
N LEU C 75 32.36 2.23 -15.54
CA LEU C 75 32.05 1.32 -14.46
C LEU C 75 30.64 0.74 -14.63
N VAL C 76 29.81 1.37 -15.44
CA VAL C 76 28.49 0.86 -15.72
C VAL C 76 28.32 0.47 -17.19
N GLN C 77 29.43 0.26 -17.91
CA GLN C 77 29.35 -0.11 -19.32
C GLN C 77 28.45 -1.32 -19.52
N ASP C 78 28.58 -2.31 -18.64
CA ASP C 78 27.84 -3.55 -18.77
C ASP C 78 26.56 -3.42 -17.96
N PRO C 79 25.40 -3.39 -18.59
CA PRO C 79 24.17 -3.21 -17.80
C PRO C 79 23.85 -4.37 -16.89
N LEU C 80 24.50 -5.53 -17.04
CA LEU C 80 24.28 -6.66 -16.13
C LEU C 80 25.26 -6.68 -14.97
N SER C 81 26.16 -5.71 -14.90
CA SER C 81 27.13 -5.63 -13.83
C SER C 81 26.45 -5.05 -12.61
N ASP C 82 26.99 -5.39 -11.44
CA ASP C 82 26.32 -5.05 -10.19
C ASP C 82 26.27 -3.54 -10.03
N ALA C 83 27.35 -2.85 -10.38
CA ALA C 83 27.35 -1.42 -10.22
C ALA C 83 26.28 -0.78 -11.10
N ALA C 84 26.14 -1.26 -12.35
CA ALA C 84 25.12 -0.71 -13.22
C ALA C 84 23.71 -0.93 -12.65
N VAL C 85 23.44 -2.15 -12.14
CA VAL C 85 22.15 -2.42 -11.53
C VAL C 85 21.89 -1.46 -10.38
N ASN C 86 22.91 -1.22 -9.57
CA ASN C 86 22.69 -0.39 -8.40
C ASN C 86 22.42 1.05 -8.75
N VAL C 87 23.13 1.62 -9.75
CA VAL C 87 22.93 3.03 -10.04
C VAL C 87 21.58 3.25 -10.74
N ARG C 88 21.21 2.35 -11.63
CA ARG C 88 19.90 2.42 -12.26
C ARG C 88 18.80 2.52 -11.21
N GLU C 89 18.79 1.59 -10.25
CA GLU C 89 17.74 1.61 -9.23
C GLU C 89 17.88 2.78 -8.28
N TRP C 90 19.10 3.21 -8.01
CA TRP C 90 19.29 4.37 -7.14
C TRP C 90 18.73 5.61 -7.81
N ARG C 91 19.07 5.81 -9.08
CA ARG C 91 18.52 6.94 -9.82
C ARG C 91 17.00 6.95 -9.71
N GLN C 92 16.36 5.81 -9.97
CA GLN C 92 14.89 5.80 -9.99
C GLN C 92 14.34 6.10 -8.63
N ALA C 93 14.94 5.51 -7.59
CA ALA C 93 14.42 5.75 -6.25
C ALA C 93 14.65 7.19 -5.84
N TYR C 94 15.81 7.72 -6.20
CA TYR C 94 16.12 9.11 -5.89
C TYR C 94 15.10 10.06 -6.55
N GLU C 95 14.65 9.76 -7.77
CA GLU C 95 13.72 10.64 -8.46
C GLU C 95 12.31 10.48 -7.90
N ARG C 96 11.90 9.26 -7.55
CA ARG C 96 10.61 9.11 -6.85
C ARG C 96 10.60 9.90 -5.55
N ALA C 97 11.64 9.76 -4.72
CA ALA C 97 11.67 10.44 -3.43
C ALA C 97 11.62 11.95 -3.63
N ARG C 98 12.42 12.46 -4.57
CA ARG C 98 12.41 13.90 -4.80
C ARG C 98 11.05 14.44 -5.22
N ALA C 99 10.18 13.60 -5.79
CA ALA C 99 8.89 14.06 -6.24
C ALA C 99 7.84 14.03 -5.15
N ILE C 100 7.99 13.12 -4.20
CA ILE C 100 7.13 12.97 -3.03
C ILE C 100 7.51 14.00 -1.97
N PRO C 101 6.66 14.97 -1.67
CA PRO C 101 7.01 15.97 -0.64
C PRO C 101 7.24 15.34 0.71
N GLU C 102 8.23 15.88 1.44
CA GLU C 102 8.52 15.40 2.79
C GLU C 102 7.25 15.25 3.60
N ARG C 103 6.39 16.24 3.50
CA ARG C 103 5.14 16.29 4.21
C ARG C 103 4.26 15.08 3.85
N LEU C 104 4.35 14.62 2.62
CA LEU C 104 3.49 13.51 2.22
C LEU C 104 4.06 12.21 2.75
N ALA C 105 5.38 12.06 2.70
CA ALA C 105 5.96 10.83 3.19
C ALA C 105 5.68 10.61 4.68
N VAL C 106 5.79 11.65 5.52
CA VAL C 106 5.58 11.41 6.97
C VAL C 106 4.10 11.25 7.30
N GLU C 107 3.24 12.11 6.73
CA GLU C 107 1.80 11.96 6.96
C GLU C 107 1.31 10.59 6.53
N LEU C 108 1.91 10.01 5.49
CA LEU C 108 1.49 8.69 5.05
C LEU C 108 1.94 7.61 6.02
N ALA C 109 3.21 7.64 6.44
CA ALA C 109 3.66 6.67 7.43
C ALA C 109 2.81 6.77 8.68
N GLN C 110 2.59 7.97 9.19
CA GLN C 110 1.71 8.13 10.33
C GLN C 110 0.36 7.48 10.11
N ALA C 111 -0.28 7.79 8.98
CA ALA C 111 -1.66 7.38 8.78
C ALA C 111 -1.76 5.88 8.56
N GLU C 112 -0.74 5.27 7.94
CA GLU C 112 -0.70 3.82 7.79
C GLU C 112 -0.60 3.15 9.15
N SER C 113 0.26 3.66 10.03
CA SER C 113 0.39 3.09 11.37
C SER C 113 -0.93 3.15 12.14
N GLU C 114 -1.57 4.31 12.17
CA GLU C 114 -2.83 4.43 12.89
C GLU C 114 -3.90 3.53 12.27
N ALA C 115 -4.01 3.52 10.94
CA ALA C 115 -5.03 2.71 10.29
C ALA C 115 -4.87 1.23 10.65
N GLU C 116 -3.68 0.68 10.41
CA GLU C 116 -3.40 -0.70 10.79
C GLU C 116 -3.81 -0.99 12.24
N SER C 117 -3.33 -0.17 13.18
CA SER C 117 -3.66 -0.38 14.60
C SER C 117 -5.16 -0.38 14.82
N PHE C 118 -5.87 0.63 14.31
CA PHE C 118 -7.30 0.70 14.50
C PHE C 118 -8.01 -0.44 13.75
N TRP C 119 -7.46 -0.85 12.62
CA TRP C 119 -8.05 -1.96 11.87
C TRP C 119 -8.03 -3.26 12.67
N GLU C 120 -6.93 -3.55 13.39
CA GLU C 120 -6.83 -4.82 14.13
C GLU C 120 -7.93 -4.91 15.19
N GLU C 121 -8.25 -3.78 15.81
CA GLU C 121 -9.29 -3.76 16.82
C GLU C 121 -10.66 -3.68 16.19
N ALA C 122 -10.79 -3.02 15.05
CA ALA C 122 -12.09 -2.72 14.48
C ALA C 122 -12.66 -3.82 13.61
N ARG C 123 -11.80 -4.66 12.99
CA ARG C 123 -12.32 -5.81 12.26
C ARG C 123 -13.13 -6.75 13.15
N PRO C 124 -12.59 -7.34 14.23
CA PRO C 124 -13.42 -8.25 15.06
C PRO C 124 -14.72 -7.61 15.58
N ARG C 125 -14.75 -6.31 15.72
CA ARG C 125 -15.97 -5.61 16.03
C ARG C 125 -16.85 -5.36 14.80
N ASP C 126 -16.34 -5.58 13.60
CA ASP C 126 -17.11 -5.25 12.40
C ASP C 126 -17.39 -3.74 12.31
N ASP C 127 -16.39 -2.91 12.68
CA ASP C 127 -16.64 -1.47 12.86
C ASP C 127 -16.22 -0.67 11.62
N TRP C 128 -16.99 -0.83 10.55
CA TRP C 128 -16.67 -0.10 9.32
C TRP C 128 -16.74 1.42 9.54
N ARG C 129 -17.83 1.91 10.16
CA ARG C 129 -18.00 3.35 10.38
C ARG C 129 -16.79 4.01 11.05
N GLY C 130 -16.20 3.34 12.06
CA GLY C 130 -15.06 3.89 12.75
C GLY C 130 -13.74 3.70 12.03
N PHE C 131 -13.68 2.70 11.14
CA PHE C 131 -12.49 2.45 10.33
C PHE C 131 -12.46 3.33 9.10
N LEU C 132 -13.63 3.70 8.57
CA LEU C 132 -13.72 4.46 7.32
C LEU C 132 -12.84 5.72 7.30
N PRO C 133 -12.89 6.62 8.28
CA PRO C 133 -12.04 7.82 8.21
C PRO C 133 -10.56 7.52 8.21
N TYR C 134 -10.11 6.42 8.84
CA TYR C 134 -8.71 6.02 8.77
C TYR C 134 -8.35 5.64 7.34
N LEU C 135 -9.21 4.82 6.72
CA LEU C 135 -9.01 4.42 5.34
C LEU C 135 -9.00 5.63 4.41
N LYS C 136 -9.95 6.55 4.59
CA LYS C 136 -10.03 7.70 3.68
C LYS C 136 -8.74 8.52 3.72
N ARG C 137 -8.14 8.67 4.90
CA ARG C 137 -6.91 9.45 4.99
C ARG C 137 -5.76 8.70 4.32
N VAL C 138 -5.70 7.38 4.50
CA VAL C 138 -4.66 6.60 3.84
C VAL C 138 -4.86 6.65 2.33
N TYR C 139 -6.07 6.33 1.87
CA TYR C 139 -6.36 6.40 0.45
C TYR C 139 -5.97 7.77 -0.12
N ALA C 140 -6.51 8.84 0.44
CA ALA C 140 -6.28 10.16 -0.16
C ALA C 140 -4.80 10.48 -0.29
N LEU C 141 -4.00 9.97 0.65
CA LEU C 141 -2.58 10.25 0.63
C LEU C 141 -1.87 9.38 -0.40
N THR C 142 -2.29 8.12 -0.57
CA THR C 142 -1.59 7.32 -1.58
C THR C 142 -2.02 7.77 -2.97
N LYS C 143 -3.25 8.26 -3.08
CA LYS C 143 -3.72 8.92 -4.29
C LYS C 143 -2.89 10.16 -4.56
N GLU C 144 -2.67 11.00 -3.57
CA GLU C 144 -1.79 12.14 -3.80
C GLU C 144 -0.39 11.67 -4.22
N LYS C 145 0.11 10.58 -3.60
CA LYS C 145 1.40 10.00 -3.98
C LYS C 145 1.39 9.54 -5.43
N ALA C 146 0.38 8.79 -5.82
CA ALA C 146 0.20 8.42 -7.23
C ALA C 146 0.33 9.62 -8.17
N GLU C 147 -0.38 10.72 -7.89
CA GLU C 147 -0.38 11.84 -8.84
C GLU C 147 1.04 12.32 -9.17
N VAL C 148 1.88 12.52 -8.16
CA VAL C 148 3.23 13.03 -8.42
C VAL C 148 4.12 11.96 -8.97
N LEU C 149 3.84 10.70 -8.68
CA LEU C 149 4.60 9.63 -9.31
C LEU C 149 4.18 9.39 -10.76
N PHE C 150 2.89 9.49 -11.06
CA PHE C 150 2.42 9.38 -12.43
C PHE C 150 3.02 10.45 -13.34
N ALA C 151 3.31 11.64 -12.81
CA ALA C 151 3.84 12.70 -13.67
C ALA C 151 5.28 12.48 -14.09
N LEU C 152 5.99 11.65 -13.37
CA LEU C 152 7.35 11.32 -13.69
C LEU C 152 7.42 10.38 -14.88
N PRO C 153 8.50 10.43 -15.66
CA PRO C 153 8.70 9.40 -16.64
C PRO C 153 8.95 8.08 -15.96
N PRO C 154 8.51 6.96 -16.54
CA PRO C 154 8.91 5.65 -16.01
C PRO C 154 10.39 5.42 -16.15
N ALA C 155 10.83 4.39 -15.50
CA ALA C 155 12.22 4.02 -15.58
C ALA C 155 12.57 3.77 -17.04
N PRO C 156 13.75 4.19 -17.50
CA PRO C 156 14.13 3.95 -18.89
C PRO C 156 13.91 2.52 -19.31
N GLY C 157 13.48 2.34 -20.56
CA GLY C 157 13.10 1.05 -21.08
C GLY C 157 11.80 0.46 -20.55
N ASP C 158 11.14 1.09 -19.63
CA ASP C 158 9.85 0.57 -19.23
C ASP C 158 8.72 1.17 -20.06
N PRO C 159 7.58 0.48 -20.14
CA PRO C 159 6.48 1.01 -20.93
C PRO C 159 5.88 2.23 -20.28
N PRO C 160 5.29 3.14 -21.05
CA PRO C 160 4.68 4.31 -20.45
C PRO C 160 3.64 3.96 -19.41
N TYR C 161 3.35 4.91 -18.55
CA TYR C 161 2.24 4.77 -17.63
C TYR C 161 0.97 4.99 -18.42
N GLY C 162 0.02 4.08 -18.25
CA GLY C 162 -1.25 4.23 -18.95
C GLY C 162 -2.18 5.12 -18.17
N GLU C 163 -2.12 4.99 -16.85
CA GLU C 163 -3.10 5.62 -15.98
C GLU C 163 -2.51 5.76 -14.59
N LEU C 164 -3.18 6.56 -13.75
CA LEU C 164 -2.69 6.85 -12.40
C LEU C 164 -2.31 5.59 -11.62
N TYR C 165 -3.13 4.55 -11.67
CA TYR C 165 -2.83 3.31 -10.95
C TYR C 165 -1.45 2.76 -11.29
N ASP C 166 -0.99 2.93 -12.52
CA ASP C 166 0.23 2.27 -12.92
C ASP C 166 1.42 2.75 -12.10
N ALA C 167 1.42 4.01 -11.66
CA ALA C 167 2.52 4.47 -10.82
C ALA C 167 2.56 3.74 -9.48
N LEU C 168 1.42 3.32 -8.91
CA LEU C 168 1.51 2.55 -7.68
C LEU C 168 1.93 1.12 -7.97
N LEU C 169 1.36 0.56 -9.03
CA LEU C 169 1.64 -0.80 -9.39
C LEU C 169 3.13 -1.02 -9.64
N ASP C 170 3.77 -0.03 -10.25
CA ASP C 170 5.18 -0.12 -10.61
C ASP C 170 6.10 -0.17 -9.38
N GLY C 171 5.75 0.50 -8.28
CA GLY C 171 6.59 0.41 -7.10
C GLY C 171 6.70 -0.98 -6.52
N TYR C 172 5.64 -1.78 -6.64
CA TYR C 172 5.71 -3.16 -6.18
C TYR C 172 6.12 -4.14 -7.27
N GLU C 173 5.82 -3.82 -8.54
CA GLU C 173 6.13 -4.72 -9.66
C GLU C 173 6.68 -3.91 -10.84
N PRO C 174 7.99 -3.69 -10.87
CA PRO C 174 8.61 -2.86 -11.91
C PRO C 174 8.22 -3.27 -13.31
N GLY C 175 7.88 -2.24 -14.12
CA GLY C 175 7.42 -2.38 -15.49
C GLY C 175 5.96 -2.76 -15.69
N MET C 176 5.23 -3.19 -14.66
CA MET C 176 3.90 -3.75 -14.80
C MET C 176 2.87 -2.66 -14.92
N ARG C 177 1.82 -2.94 -15.70
CA ARG C 177 0.78 -1.94 -15.97
C ARG C 177 -0.62 -2.55 -16.00
N ALA C 178 -1.61 -1.69 -15.75
CA ALA C 178 -3.00 -2.09 -15.91
C ALA C 178 -3.21 -2.81 -17.22
N ARG C 179 -2.67 -2.26 -18.31
CA ARG C 179 -3.00 -2.77 -19.62
C ARG C 179 -2.35 -4.11 -19.90
N GLU C 180 -1.35 -4.50 -19.13
CA GLU C 180 -0.89 -5.87 -19.21
C GLU C 180 -1.63 -6.78 -18.25
N LEU C 181 -2.15 -6.27 -17.13
CA LEU C 181 -2.83 -7.13 -16.16
C LEU C 181 -4.20 -7.53 -16.65
N LEU C 182 -4.96 -6.58 -17.15
CA LEU C 182 -6.36 -6.83 -17.49
C LEU C 182 -6.54 -7.95 -18.52
N PRO C 183 -5.75 -8.05 -19.60
CA PRO C 183 -5.88 -9.23 -20.49
C PRO C 183 -5.46 -10.55 -19.83
N LEU C 184 -4.46 -10.51 -18.99
CA LEU C 184 -4.12 -11.71 -18.23
C LEU C 184 -5.29 -12.15 -17.34
N PHE C 185 -5.92 -11.22 -16.62
CA PHE C 185 -7.06 -11.58 -15.77
C PHE C 185 -8.25 -12.02 -16.60
N ALA C 186 -8.45 -11.43 -17.79
CA ALA C 186 -9.55 -11.85 -18.65
C ALA C 186 -9.31 -13.26 -19.15
N GLU C 187 -8.08 -13.58 -19.54
CA GLU C 187 -7.74 -14.96 -19.89
C GLU C 187 -8.01 -15.88 -18.72
N LEU C 188 -7.70 -15.43 -17.51
CA LEU C 188 -7.71 -16.29 -16.34
C LEU C 188 -9.13 -16.56 -15.87
N LYS C 189 -9.94 -15.51 -15.82
CA LYS C 189 -11.37 -15.66 -15.57
C LYS C 189 -11.99 -16.77 -16.42
N GLU C 190 -11.71 -16.77 -17.73
CA GLU C 190 -12.29 -17.77 -18.64
C GLU C 190 -11.79 -19.17 -18.33
N GLY C 191 -10.48 -19.34 -18.25
CA GLY C 191 -9.92 -20.64 -17.85
C GLY C 191 -10.53 -21.17 -16.56
N LEU C 192 -10.74 -20.31 -15.56
CA LEU C 192 -11.23 -20.73 -14.26
C LEU C 192 -12.73 -20.96 -14.28
N LYS C 193 -13.47 -20.29 -15.17
CA LYS C 193 -14.91 -20.54 -15.30
C LYS C 193 -15.17 -21.99 -15.67
N GLY C 194 -14.48 -22.49 -16.69
CA GLY C 194 -14.69 -23.86 -17.13
C GLY C 194 -14.28 -24.85 -16.07
N LEU C 195 -13.06 -24.71 -15.56
CA LEU C 195 -12.61 -25.65 -14.55
C LEU C 195 -13.55 -25.71 -13.37
N LEU C 196 -14.17 -24.59 -13.03
CA LEU C 196 -15.08 -24.54 -11.90
C LEU C 196 -16.43 -25.19 -12.20
N ASP C 197 -16.95 -25.03 -13.43
CA ASP C 197 -18.18 -25.73 -13.79
C ASP C 197 -17.98 -27.23 -13.71
N ARG C 198 -16.91 -27.73 -14.34
CA ARG C 198 -16.59 -29.15 -14.34
C ARG C 198 -16.37 -29.69 -12.93
N ILE C 199 -15.82 -28.88 -12.04
CA ILE C 199 -15.61 -29.30 -10.65
C ILE C 199 -16.94 -29.33 -9.89
N LEU C 200 -17.77 -28.30 -10.07
CA LEU C 200 -19.09 -28.29 -9.46
C LEU C 200 -19.89 -29.53 -9.88
N GLY C 201 -19.91 -29.82 -11.19
CA GLY C 201 -20.66 -30.94 -11.72
C GLY C 201 -19.86 -32.23 -11.80
N SER C 202 -19.04 -32.49 -10.77
CA SER C 202 -18.27 -33.72 -10.71
C SER C 202 -18.79 -34.70 -9.67
N GLY C 203 -19.57 -34.22 -8.69
CA GLY C 203 -20.10 -35.09 -7.64
C GLY C 203 -19.04 -36.02 -7.07
N LYS C 204 -18.09 -35.45 -6.33
CA LYS C 204 -17.23 -36.26 -5.49
C LYS C 204 -16.94 -35.44 -4.24
N ARG C 205 -17.37 -35.98 -3.09
CA ARG C 205 -17.12 -35.49 -1.72
C ARG C 205 -16.82 -33.98 -1.74
N PRO C 206 -15.74 -33.47 -1.06
CA PRO C 206 -14.72 -33.87 -0.04
C PRO C 206 -15.20 -33.63 1.40
N ASP C 207 -14.53 -34.23 2.39
CA ASP C 207 -15.00 -34.07 3.77
C ASP C 207 -14.48 -32.75 4.30
N THR C 208 -15.22 -31.68 4.01
CA THR C 208 -14.77 -30.35 4.40
C THR C 208 -14.65 -30.26 5.91
N SER C 209 -15.53 -30.95 6.66
CA SER C 209 -15.66 -30.73 8.10
C SER C 209 -14.57 -31.40 8.94
N ILE C 210 -13.75 -32.30 8.39
CA ILE C 210 -12.69 -32.86 9.23
C ILE C 210 -11.67 -31.79 9.58
N LEU C 211 -11.65 -30.69 8.80
CA LEU C 211 -10.77 -29.54 9.00
C LEU C 211 -11.32 -28.51 9.97
N HIS C 212 -12.62 -28.57 10.27
CA HIS C 212 -13.25 -27.72 11.27
C HIS C 212 -13.39 -28.42 12.64
N ARG C 213 -12.72 -29.57 12.79
CA ARG C 213 -12.68 -30.28 14.04
C ARG C 213 -11.75 -29.57 14.98
N PRO C 214 -11.77 -29.91 16.26
CA PRO C 214 -10.81 -29.31 17.19
C PRO C 214 -9.37 -29.61 16.78
N TYR C 215 -8.56 -28.55 16.75
CA TYR C 215 -7.11 -28.65 16.61
C TYR C 215 -6.50 -27.67 17.62
N PRO C 216 -5.83 -28.16 18.68
CA PRO C 216 -5.38 -27.24 19.73
C PRO C 216 -4.36 -26.25 19.20
N VAL C 217 -4.61 -24.97 19.49
CA VAL C 217 -3.71 -23.90 19.05
C VAL C 217 -2.27 -24.18 19.49
N GLU C 218 -2.07 -24.83 20.64
CA GLU C 218 -0.70 -25.04 21.11
C GLU C 218 0.01 -26.12 20.31
N ALA C 219 -0.72 -27.16 19.89
CA ALA C 219 -0.11 -28.17 19.03
C ALA C 219 0.27 -27.59 17.67
N GLN C 220 -0.66 -26.84 17.06
CA GLN C 220 -0.41 -26.24 15.75
C GLN C 220 0.93 -25.51 15.73
N ARG C 221 1.25 -24.81 16.82
CA ARG C 221 2.51 -24.07 16.88
C ARG C 221 3.72 -25.01 16.87
N ARG C 222 3.66 -26.10 17.63
CA ARG C 222 4.80 -27.01 17.68
C ARG C 222 4.90 -27.79 16.38
N PHE C 223 3.76 -28.08 15.74
CA PHE C 223 3.76 -28.75 14.44
C PHE C 223 4.30 -27.81 13.35
N ALA C 224 3.91 -26.53 13.41
CA ALA C 224 4.40 -25.57 12.44
C ALA C 224 5.91 -25.47 12.49
N LEU C 225 6.47 -25.43 13.71
CA LEU C 225 7.92 -25.32 13.85
C LEU C 225 8.64 -26.51 13.24
N GLU C 226 7.97 -27.66 13.17
CA GLU C 226 8.61 -28.85 12.62
C GLU C 226 8.78 -28.69 11.12
N LEU C 227 7.68 -28.31 10.47
CA LEU C 227 7.69 -27.97 9.06
C LEU C 227 8.78 -26.95 8.73
N LEU C 228 8.87 -25.86 9.50
CA LEU C 228 9.86 -24.82 9.22
C LEU C 228 11.29 -25.38 9.23
N SER C 229 11.64 -26.19 10.24
CA SER C 229 12.98 -26.77 10.24
C SER C 229 13.15 -27.82 9.15
N ALA C 230 12.09 -28.58 8.85
CA ALA C 230 12.19 -29.62 7.83
C ALA C 230 12.43 -29.02 6.44
N CYS C 231 11.63 -28.01 6.06
CA CYS C 231 11.70 -27.44 4.73
C CYS C 231 12.91 -26.53 4.51
N GLY C 232 13.58 -26.06 5.56
CA GLY C 232 14.87 -25.39 5.37
C GLY C 232 14.95 -23.96 5.90
N TYR C 233 13.89 -23.44 6.47
CA TYR C 233 13.94 -22.17 7.18
C TYR C 233 14.79 -22.30 8.44
N ASP C 234 15.92 -21.58 8.48
CA ASP C 234 16.81 -21.49 9.64
C ASP C 234 16.12 -20.75 10.79
N LEU C 235 15.78 -21.46 11.89
CA LEU C 235 15.24 -20.77 13.07
C LEU C 235 16.29 -20.02 13.88
N GLU C 236 17.57 -20.34 13.67
CA GLU C 236 18.63 -19.57 14.29
C GLU C 236 18.77 -18.16 13.69
N ALA C 237 18.10 -17.89 12.56
CA ALA C 237 18.06 -16.57 11.93
C ALA C 237 16.64 -16.07 11.80
N GLY C 238 15.72 -16.63 12.56
CA GLY C 238 14.35 -16.20 12.51
C GLY C 238 13.60 -16.57 13.76
N ARG C 239 12.28 -16.57 13.65
CA ARG C 239 11.38 -16.91 14.74
C ARG C 239 9.95 -16.78 14.22
N LEU C 240 9.04 -17.45 14.94
CA LEU C 240 7.62 -17.50 14.59
C LEU C 240 6.84 -17.00 15.79
N ASP C 241 5.78 -16.24 15.56
CA ASP C 241 4.97 -15.64 16.62
C ASP C 241 3.59 -15.40 16.05
N PRO C 242 2.56 -15.32 16.88
CA PRO C 242 1.20 -15.06 16.34
C PRO C 242 0.95 -13.57 16.04
N THR C 243 -0.07 -13.33 15.20
CA THR C 243 -0.43 -11.98 14.73
C THR C 243 -1.84 -12.00 14.14
N ALA C 244 -2.35 -10.80 13.90
CA ALA C 244 -3.70 -10.66 13.33
C ALA C 244 -3.77 -11.02 11.83
N HIS C 245 -2.76 -10.64 11.04
CA HIS C 245 -2.71 -10.96 9.61
C HIS C 245 -1.30 -11.49 9.32
N PRO C 246 -1.15 -12.74 8.88
CA PRO C 246 0.20 -13.26 8.74
C PRO C 246 1.06 -12.40 7.83
N PHE C 247 2.33 -12.31 8.19
CA PHE C 247 3.26 -11.51 7.43
C PHE C 247 4.66 -11.98 7.73
N GLU C 248 5.58 -11.59 6.87
CA GLU C 248 6.99 -11.88 7.00
C GLU C 248 7.71 -10.55 7.00
N ILE C 249 8.86 -10.48 7.65
CA ILE C 249 9.64 -9.27 7.51
C ILE C 249 11.11 -9.58 7.73
N ALA C 250 11.95 -8.98 6.88
CA ALA C 250 13.40 -9.15 6.92
C ALA C 250 14.05 -7.94 7.59
N ILE C 251 14.45 -8.11 8.87
CA ILE C 251 15.20 -7.09 9.62
C ILE C 251 16.60 -6.92 9.05
N GLY C 252 17.29 -8.03 8.77
CA GLY C 252 18.65 -7.97 8.25
C GLY C 252 19.21 -9.37 8.07
N PRO C 253 20.38 -9.47 7.47
CA PRO C 253 21.07 -10.76 7.40
C PRO C 253 21.17 -11.44 8.77
N GLY C 254 20.61 -12.65 8.93
CA GLY C 254 20.58 -13.34 10.20
C GLY C 254 19.34 -13.06 11.05
N ASP C 255 18.40 -12.28 10.56
CA ASP C 255 17.18 -11.95 11.31
C ASP C 255 16.06 -11.76 10.28
N VAL C 256 15.29 -12.82 10.07
CA VAL C 256 14.11 -12.82 9.20
C VAL C 256 13.02 -13.52 9.98
N ARG C 257 11.89 -12.82 10.17
CA ARG C 257 10.85 -13.19 11.13
C ARG C 257 9.54 -13.44 10.40
N ILE C 258 8.72 -14.38 10.93
CA ILE C 258 7.45 -14.74 10.32
C ILE C 258 6.36 -14.81 11.39
N THR C 259 5.12 -14.88 10.94
CA THR C 259 3.99 -14.87 11.85
C THR C 259 2.80 -15.61 11.23
N THR C 260 1.85 -16.01 12.08
CA THR C 260 0.60 -16.65 11.66
C THR C 260 -0.52 -16.27 12.62
N ARG C 261 -1.70 -16.81 12.34
CA ARG C 261 -2.86 -16.75 13.20
C ARG C 261 -3.42 -18.16 13.25
N TYR C 262 -3.68 -18.66 14.45
CA TYR C 262 -4.21 -20.01 14.66
C TYR C 262 -5.69 -19.96 15.04
N TYR C 263 -6.50 -20.82 14.44
CA TYR C 263 -7.86 -21.06 14.89
C TYR C 263 -7.94 -22.47 15.44
N GLU C 264 -8.59 -22.62 16.61
CA GLU C 264 -8.76 -23.94 17.24
C GLU C 264 -9.74 -24.79 16.44
N ASP C 265 -10.61 -24.16 15.65
CA ASP C 265 -11.65 -24.83 14.88
C ASP C 265 -11.42 -24.76 13.35
N PHE C 266 -10.13 -24.65 12.93
CA PHE C 266 -9.75 -24.65 11.52
C PHE C 266 -8.23 -24.85 11.33
N PHE C 267 -7.87 -26.05 10.89
CA PHE C 267 -6.47 -26.45 10.79
C PHE C 267 -5.68 -25.55 9.82
N ASN C 268 -6.32 -25.16 8.71
CA ASN C 268 -5.60 -24.62 7.56
C ASN C 268 -4.94 -23.27 7.84
N ALA C 269 -5.66 -22.37 8.52
CA ALA C 269 -5.21 -20.98 8.65
C ALA C 269 -3.81 -20.92 9.27
N GLY C 270 -3.60 -21.60 10.39
CA GLY C 270 -2.30 -21.56 11.02
C GLY C 270 -1.23 -22.28 10.24
N ILE C 271 -1.60 -23.33 9.52
CA ILE C 271 -0.59 -24.20 8.95
C ILE C 271 -0.16 -23.71 7.57
N PHE C 272 -1.12 -23.32 6.77
CA PHE C 272 -0.81 -22.71 5.50
C PHE C 272 -0.42 -21.25 5.63
N GLY C 273 -0.92 -20.55 6.67
CA GLY C 273 -0.31 -19.29 7.07
C GLY C 273 1.20 -19.41 7.23
N THR C 274 1.65 -20.44 7.97
CA THR C 274 3.07 -20.57 8.23
C THR C 274 3.84 -20.80 6.95
N LEU C 275 3.31 -21.66 6.07
CA LEU C 275 4.09 -22.05 4.91
C LEU C 275 4.17 -20.91 3.91
N HIS C 276 3.07 -20.19 3.75
CA HIS C 276 3.11 -18.93 3.02
C HIS C 276 4.24 -18.02 3.52
N GLU C 277 4.25 -17.68 4.81
CA GLU C 277 5.30 -16.78 5.25
C GLU C 277 6.67 -17.46 5.16
N MET C 278 6.71 -18.78 5.27
CA MET C 278 7.98 -19.48 5.11
C MET C 278 8.57 -19.22 3.72
N GLY C 279 7.71 -19.31 2.69
CA GLY C 279 8.18 -18.97 1.35
C GLY C 279 8.82 -17.59 1.30
N HIS C 280 8.10 -16.57 1.78
CA HIS C 280 8.64 -15.22 1.81
C HIS C 280 9.99 -15.21 2.50
N ALA C 281 10.06 -15.86 3.67
CA ALA C 281 11.29 -15.88 4.44
C ALA C 281 12.41 -16.60 3.70
N LEU C 282 12.08 -17.71 3.03
CA LEU C 282 13.12 -18.47 2.33
C LEU C 282 13.77 -17.64 1.24
N TYR C 283 12.98 -16.81 0.58
CA TYR C 283 13.52 -15.89 -0.41
C TYR C 283 14.50 -14.90 0.24
N GLU C 284 14.11 -14.30 1.37
CA GLU C 284 14.97 -13.30 2.01
C GLU C 284 16.23 -13.92 2.58
N GLN C 285 16.11 -15.12 3.17
CA GLN C 285 17.28 -15.80 3.70
C GLN C 285 18.26 -16.23 2.61
N GLY C 286 17.82 -16.30 1.35
CA GLY C 286 18.68 -16.69 0.25
C GLY C 286 19.26 -15.56 -0.57
N LEU C 287 18.92 -14.31 -0.25
CA LEU C 287 19.44 -13.20 -0.98
C LEU C 287 20.92 -13.07 -0.67
N PRO C 288 21.68 -12.52 -1.57
CA PRO C 288 23.13 -12.42 -1.36
C PRO C 288 23.51 -11.36 -0.34
N LYS C 289 23.97 -11.81 0.85
CA LYS C 289 24.28 -10.95 1.99
C LYS C 289 25.43 -9.97 1.74
N GLU C 290 26.30 -10.23 0.77
CA GLU C 290 27.33 -9.26 0.41
C GLU C 290 26.74 -7.99 -0.14
N HIS C 291 25.51 -8.08 -0.63
CA HIS C 291 24.85 -7.00 -1.32
C HIS C 291 23.71 -6.44 -0.49
N TRP C 292 23.57 -6.89 0.75
CA TRP C 292 22.49 -6.37 1.59
C TRP C 292 22.53 -4.86 1.56
N GLY C 293 21.37 -4.26 1.54
CA GLY C 293 21.32 -2.81 1.53
C GLY C 293 21.67 -2.13 0.22
N THR C 294 21.76 -2.87 -0.87
CA THR C 294 21.87 -2.36 -2.23
C THR C 294 20.75 -2.98 -3.05
N PRO C 295 20.38 -2.32 -4.14
CA PRO C 295 19.38 -2.95 -5.03
C PRO C 295 19.82 -4.32 -5.53
N ARG C 296 21.10 -4.49 -5.86
CA ARG C 296 21.58 -5.80 -6.29
C ARG C 296 21.13 -6.89 -5.34
N GLY C 297 21.02 -6.59 -4.05
CA GLY C 297 20.64 -7.56 -3.05
C GLY C 297 19.21 -7.53 -2.57
N ASP C 298 18.37 -6.62 -3.06
CA ASP C 298 16.98 -6.59 -2.69
C ASP C 298 16.21 -7.64 -3.48
N ALA C 299 15.07 -8.06 -2.93
CA ALA C 299 14.13 -8.85 -3.72
C ALA C 299 13.69 -8.07 -4.94
N VAL C 300 13.55 -8.77 -6.06
CA VAL C 300 13.31 -8.11 -7.35
C VAL C 300 11.90 -7.52 -7.41
N SER C 301 10.90 -8.24 -6.91
CA SER C 301 9.54 -7.74 -7.00
C SER C 301 8.66 -8.55 -6.07
N LEU C 302 7.50 -7.97 -5.77
CA LEU C 302 6.51 -8.65 -4.94
C LEU C 302 5.89 -9.82 -5.66
N GLY C 303 5.94 -9.80 -6.99
CA GLY C 303 5.39 -10.91 -7.74
C GLY C 303 6.26 -12.15 -7.66
N VAL C 304 7.56 -11.98 -7.82
CA VAL C 304 8.51 -13.05 -7.58
C VAL C 304 8.46 -13.50 -6.12
N HIS C 305 8.37 -12.54 -5.20
CA HIS C 305 8.17 -12.90 -3.80
C HIS C 305 6.94 -13.78 -3.65
N GLU C 306 5.81 -13.30 -4.13
CA GLU C 306 4.60 -14.10 -3.97
C GLU C 306 4.66 -15.42 -4.74
N SER C 307 5.62 -15.60 -5.63
CA SER C 307 5.78 -16.89 -6.28
C SER C 307 6.49 -17.87 -5.35
N GLN C 308 7.30 -17.36 -4.44
CA GLN C 308 7.99 -18.19 -3.45
C GLN C 308 7.07 -18.55 -2.28
N SER C 309 6.24 -17.61 -1.86
CA SER C 309 5.29 -17.90 -0.78
C SER C 309 4.22 -18.85 -1.23
N ARG C 310 3.71 -18.65 -2.43
CA ARG C 310 2.64 -19.52 -2.90
C ARG C 310 3.19 -20.84 -3.37
N THR C 311 4.48 -20.87 -3.73
CA THR C 311 5.12 -22.12 -4.04
C THR C 311 5.11 -23.02 -2.82
N TRP C 312 5.66 -22.56 -1.70
CA TRP C 312 5.72 -23.43 -0.52
C TRP C 312 4.35 -23.63 0.12
N GLU C 313 3.42 -22.71 -0.08
CA GLU C 313 2.12 -22.88 0.56
C GLU C 313 1.28 -23.87 -0.23
N ASN C 314 1.39 -23.88 -1.56
CA ASN C 314 0.45 -24.61 -2.39
C ASN C 314 1.11 -25.64 -3.29
N LEU C 315 2.10 -25.26 -4.09
CA LEU C 315 2.77 -26.25 -4.94
C LEU C 315 3.46 -27.32 -4.10
N VAL C 316 3.89 -26.96 -2.89
CA VAL C 316 4.47 -27.89 -1.94
C VAL C 316 3.43 -28.21 -0.87
N GLY C 317 3.02 -27.17 -0.14
CA GLY C 317 2.24 -27.40 1.08
C GLY C 317 0.97 -28.20 0.86
N ARG C 318 0.34 -28.06 -0.30
CA ARG C 318 -0.93 -28.72 -0.58
C ARG C 318 -0.77 -29.93 -1.51
N SER C 319 0.47 -30.38 -1.77
CA SER C 319 0.73 -31.47 -2.70
C SER C 319 0.67 -32.82 -1.98
N LEU C 320 0.44 -33.87 -2.76
CA LEU C 320 0.41 -35.21 -2.19
C LEU C 320 1.72 -35.54 -1.49
N GLY C 321 2.84 -35.46 -2.21
CA GLY C 321 4.11 -35.91 -1.66
C GLY C 321 4.49 -35.21 -0.37
N PHE C 322 4.03 -33.96 -0.21
CA PHE C 322 4.29 -33.22 1.02
C PHE C 322 3.58 -33.89 2.19
N TRP C 323 2.32 -34.24 2.00
CA TRP C 323 1.57 -34.82 3.10
C TRP C 323 1.93 -36.29 3.34
N GLU C 324 2.47 -36.97 2.36
CA GLU C 324 2.98 -38.32 2.62
C GLU C 324 4.04 -38.29 3.71
N ARG C 325 4.87 -37.23 3.74
CA ARG C 325 5.95 -37.13 4.71
C ARG C 325 5.48 -36.66 6.08
N PHE C 326 4.43 -35.82 6.13
CA PHE C 326 4.04 -35.13 7.34
C PHE C 326 2.64 -35.51 7.84
N PHE C 327 1.89 -36.35 7.14
CA PHE C 327 0.59 -36.77 7.67
C PHE C 327 0.71 -37.87 8.72
N PRO C 328 1.72 -38.78 8.63
CA PRO C 328 1.98 -39.63 9.80
C PRO C 328 2.17 -38.74 11.02
N ARG C 329 3.14 -37.84 10.97
CA ARG C 329 3.42 -37.00 12.14
C ARG C 329 2.18 -36.21 12.59
N ALA C 330 1.25 -35.94 11.69
CA ALA C 330 0.10 -35.12 12.04
C ALA C 330 -0.99 -35.92 12.76
N ARG C 331 -1.08 -37.23 12.51
CA ARG C 331 -2.00 -38.05 13.29
C ARG C 331 -1.56 -38.18 14.75
N GLU C 332 -0.24 -38.17 15.02
CA GLU C 332 0.26 -38.20 16.39
C GLU C 332 -0.18 -36.95 17.19
N VAL C 333 0.17 -35.77 16.68
CA VAL C 333 0.06 -34.57 17.51
C VAL C 333 -1.37 -34.03 17.58
N PHE C 334 -2.19 -34.24 16.55
CA PHE C 334 -3.59 -33.79 16.55
C PHE C 334 -4.51 -34.97 16.77
N ALA C 335 -5.48 -34.79 17.66
CA ALA C 335 -6.36 -35.89 18.01
C ALA C 335 -7.55 -36.01 17.07
N SER C 336 -7.93 -34.95 16.38
CA SER C 336 -9.10 -35.09 15.51
C SER C 336 -8.82 -35.89 14.24
N LEU C 337 -7.56 -36.35 14.02
CA LEU C 337 -7.15 -37.05 12.82
C LEU C 337 -6.83 -38.53 13.03
N GLY C 338 -7.17 -39.09 14.21
CA GLY C 338 -6.89 -40.50 14.45
C GLY C 338 -7.64 -41.43 13.51
N ASP C 339 -8.90 -41.09 13.19
CA ASP C 339 -9.76 -41.89 12.33
C ASP C 339 -9.85 -41.34 10.90
N VAL C 340 -8.75 -40.80 10.35
CA VAL C 340 -8.74 -40.12 9.05
C VAL C 340 -7.61 -40.69 8.19
N SER C 341 -7.89 -40.90 6.91
CA SER C 341 -6.92 -41.42 5.97
C SER C 341 -6.16 -40.30 5.27
N LEU C 342 -4.97 -40.65 4.76
CA LEU C 342 -4.21 -39.71 3.97
C LEU C 342 -5.02 -39.20 2.79
N GLU C 343 -5.88 -40.03 2.22
CA GLU C 343 -6.59 -39.64 1.01
C GLU C 343 -7.69 -38.62 1.30
N ASP C 344 -8.54 -38.89 2.30
CA ASP C 344 -9.62 -37.96 2.64
C ASP C 344 -9.10 -36.64 3.19
N PHE C 345 -7.84 -36.61 3.66
CA PHE C 345 -7.25 -35.38 4.18
C PHE C 345 -6.68 -34.53 3.05
N HIS C 346 -5.75 -35.11 2.27
CA HIS C 346 -5.17 -34.39 1.14
C HIS C 346 -6.25 -33.90 0.21
N PHE C 347 -7.34 -34.65 0.07
CA PHE C 347 -8.48 -34.15 -0.70
C PHE C 347 -9.10 -32.93 -0.01
N ALA C 348 -9.33 -33.00 1.29
CA ALA C 348 -10.07 -31.94 1.98
C ALA C 348 -9.32 -30.62 1.93
N VAL C 349 -8.01 -30.64 2.20
CA VAL C 349 -7.19 -29.44 2.12
C VAL C 349 -7.13 -28.86 0.71
N ASN C 350 -7.66 -29.55 -0.29
CA ASN C 350 -7.71 -29.04 -1.64
C ASN C 350 -9.15 -28.80 -2.09
N ALA C 351 -10.07 -28.69 -1.13
CA ALA C 351 -11.47 -28.47 -1.45
C ALA C 351 -11.66 -27.20 -2.23
N VAL C 352 -12.28 -27.33 -3.40
CA VAL C 352 -12.57 -26.21 -4.28
C VAL C 352 -14.01 -25.75 -4.05
N GLU C 353 -14.14 -24.58 -3.42
CA GLU C 353 -15.43 -24.04 -3.10
C GLU C 353 -15.33 -22.51 -3.02
N PRO C 354 -16.23 -21.78 -3.68
CA PRO C 354 -16.26 -20.34 -3.48
C PRO C 354 -16.52 -19.98 -2.03
N SER C 355 -15.53 -19.34 -1.40
CA SER C 355 -15.60 -18.86 -0.03
C SER C 355 -15.44 -17.33 0.01
N LEU C 356 -15.58 -16.78 1.21
CA LEU C 356 -15.51 -15.34 1.35
C LEU C 356 -14.11 -14.81 1.66
N ILE C 357 -13.25 -15.61 2.29
CA ILE C 357 -11.94 -15.15 2.74
C ILE C 357 -10.87 -15.56 1.72
N ARG C 358 -10.12 -14.55 1.25
CA ARG C 358 -9.11 -14.72 0.20
C ARG C 358 -7.94 -15.55 0.66
N VAL C 359 -7.48 -15.33 1.90
CA VAL C 359 -6.19 -15.89 2.31
C VAL C 359 -6.24 -17.42 2.36
N GLU C 360 -7.39 -17.98 2.75
CA GLU C 360 -7.51 -19.43 2.94
C GLU C 360 -8.31 -20.08 1.79
N ALA C 361 -8.48 -19.36 0.68
CA ALA C 361 -9.23 -19.81 -0.47
C ALA C 361 -8.44 -20.83 -1.29
N ASP C 362 -9.19 -21.72 -1.98
CA ASP C 362 -8.59 -22.83 -2.71
C ASP C 362 -7.81 -22.31 -3.92
N GLU C 363 -6.98 -23.19 -4.49
CA GLU C 363 -6.12 -22.74 -5.57
C GLU C 363 -6.90 -22.23 -6.78
N VAL C 364 -8.16 -22.64 -6.91
CA VAL C 364 -8.88 -22.37 -8.15
C VAL C 364 -9.72 -21.10 -8.06
N THR C 365 -10.45 -20.89 -6.96
CA THR C 365 -11.17 -19.63 -6.77
C THR C 365 -10.26 -18.47 -6.33
N TYR C 366 -9.02 -18.75 -5.90
CA TYR C 366 -8.13 -17.72 -5.33
C TYR C 366 -8.01 -16.47 -6.20
N ASN C 367 -7.63 -16.64 -7.46
CA ASN C 367 -7.30 -15.46 -8.27
C ASN C 367 -8.55 -14.65 -8.63
N LEU C 368 -9.73 -15.18 -8.42
CA LEU C 368 -10.91 -14.36 -8.62
C LEU C 368 -11.06 -13.35 -7.50
N HIS C 369 -10.44 -13.61 -6.35
CA HIS C 369 -10.45 -12.66 -5.24
C HIS C 369 -9.60 -11.48 -5.59
N ILE C 370 -8.41 -11.73 -6.14
CA ILE C 370 -7.53 -10.69 -6.65
C ILE C 370 -8.21 -9.88 -7.76
N LEU C 371 -9.08 -10.53 -8.55
CA LEU C 371 -9.78 -9.82 -9.61
C LEU C 371 -10.67 -8.73 -9.04
N VAL C 372 -11.37 -9.04 -7.94
CA VAL C 372 -12.24 -8.06 -7.27
C VAL C 372 -11.41 -6.89 -6.76
N ARG C 373 -10.28 -7.20 -6.11
CA ARG C 373 -9.41 -6.16 -5.58
C ARG C 373 -8.92 -5.25 -6.70
N LEU C 374 -8.50 -5.87 -7.81
CA LEU C 374 -7.99 -5.08 -8.91
C LEU C 374 -9.08 -4.17 -9.50
N GLU C 375 -10.33 -4.63 -9.51
CA GLU C 375 -11.34 -3.79 -10.16
C GLU C 375 -11.75 -2.67 -9.23
N LEU C 376 -11.86 -2.97 -7.95
CA LEU C 376 -12.14 -1.93 -6.97
C LEU C 376 -11.01 -0.91 -6.91
N GLU C 377 -9.77 -1.39 -7.01
CA GLU C 377 -8.68 -0.42 -6.93
C GLU C 377 -8.67 0.41 -8.20
N LEU C 378 -8.96 -0.22 -9.33
CA LEU C 378 -9.03 0.50 -10.60
C LEU C 378 -10.13 1.53 -10.55
N ALA C 379 -11.33 1.12 -10.10
CA ALA C 379 -12.45 2.06 -10.01
C ALA C 379 -12.09 3.27 -9.15
N LEU C 380 -11.48 3.01 -7.99
CA LEU C 380 -11.05 4.08 -7.08
C LEU C 380 -10.16 5.08 -7.79
N PHE C 381 -9.02 4.62 -8.31
CA PHE C 381 -8.06 5.58 -8.82
C PHE C 381 -8.48 6.15 -10.17
N ARG C 382 -9.47 5.54 -10.84
CA ARG C 382 -10.02 6.11 -12.07
C ARG C 382 -11.03 7.24 -11.79
N GLY C 383 -11.39 7.46 -10.52
CA GLY C 383 -12.40 8.44 -10.13
C GLY C 383 -13.84 7.98 -10.25
N GLU C 384 -14.07 6.67 -10.30
CA GLU C 384 -15.38 6.09 -10.55
C GLU C 384 -16.06 5.64 -9.29
N LEU C 385 -15.29 5.39 -8.25
CA LEU C 385 -15.77 4.88 -6.99
C LEU C 385 -15.12 5.68 -5.87
N SER C 386 -15.90 6.02 -4.92
CA SER C 386 -15.43 6.62 -3.66
C SER C 386 -15.36 5.55 -2.57
N PRO C 387 -14.44 5.69 -1.61
CA PRO C 387 -14.33 4.65 -0.58
C PRO C 387 -15.57 4.50 0.28
N GLU C 388 -16.34 5.57 0.49
CA GLU C 388 -17.60 5.46 1.22
C GLU C 388 -18.46 4.33 0.64
N ASP C 389 -18.50 4.23 -0.68
CA ASP C 389 -19.32 3.23 -1.37
C ASP C 389 -18.64 1.88 -1.52
N LEU C 390 -17.43 1.72 -0.98
CA LEU C 390 -16.69 0.47 -1.18
C LEU C 390 -17.47 -0.77 -0.74
N PRO C 391 -18.18 -0.80 0.37
CA PRO C 391 -18.76 -2.10 0.79
C PRO C 391 -19.85 -2.62 -0.15
N GLU C 392 -20.73 -1.74 -0.65
CA GLU C 392 -21.69 -2.14 -1.65
C GLU C 392 -20.99 -2.69 -2.91
N ALA C 393 -19.92 -2.00 -3.34
CA ALA C 393 -19.21 -2.40 -4.55
C ALA C 393 -18.47 -3.71 -4.33
N TRP C 394 -17.92 -3.89 -3.13
CA TRP C 394 -17.30 -5.16 -2.79
C TRP C 394 -18.30 -6.30 -2.90
N ALA C 395 -19.54 -6.05 -2.45
CA ALA C 395 -20.56 -7.08 -2.47
C ALA C 395 -20.93 -7.46 -3.90
N GLU C 396 -21.19 -6.45 -4.75
CA GLU C 396 -21.61 -6.72 -6.14
C GLU C 396 -20.54 -7.48 -6.90
N LYS C 397 -19.27 -7.12 -6.69
CA LYS C 397 -18.18 -7.80 -7.39
C LYS C 397 -17.96 -9.23 -6.90
N TYR C 398 -18.27 -9.50 -5.62
CA TYR C 398 -18.04 -10.83 -5.09
C TYR C 398 -19.09 -11.79 -5.61
N ARG C 399 -20.34 -11.33 -5.70
CA ARG C 399 -21.39 -12.19 -6.20
C ARG C 399 -21.22 -12.38 -7.69
N ASP C 400 -20.67 -11.39 -8.37
CA ASP C 400 -20.55 -11.46 -9.82
C ASP C 400 -19.45 -12.44 -10.21
N HIS C 401 -18.23 -12.26 -9.70
CA HIS C 401 -17.12 -13.13 -10.08
C HIS C 401 -17.07 -14.39 -9.23
N LEU C 402 -17.85 -14.49 -8.17
CA LEU C 402 -17.66 -15.61 -7.25
C LEU C 402 -18.94 -16.27 -6.76
N GLY C 403 -20.12 -15.69 -6.95
CA GLY C 403 -21.34 -16.37 -6.59
C GLY C 403 -21.72 -16.30 -5.13
N VAL C 404 -20.82 -15.88 -4.25
CA VAL C 404 -21.14 -15.69 -2.85
C VAL C 404 -20.92 -14.23 -2.48
N ALA C 405 -21.74 -13.74 -1.55
CA ALA C 405 -21.67 -12.37 -1.10
C ALA C 405 -21.57 -12.38 0.42
N PRO C 406 -20.84 -11.44 1.02
CA PRO C 406 -20.69 -11.44 2.48
C PRO C 406 -21.84 -10.71 3.17
N LYS C 407 -22.06 -11.09 4.43
CA LYS C 407 -23.15 -10.51 5.23
C LYS C 407 -22.71 -9.33 6.08
N ASP C 408 -21.43 -9.20 6.39
CA ASP C 408 -20.91 -8.17 7.27
C ASP C 408 -19.65 -7.55 6.67
N TYR C 409 -19.05 -6.63 7.39
CA TYR C 409 -17.78 -6.08 6.97
C TYR C 409 -16.57 -6.93 7.42
N LYS C 410 -16.61 -7.51 8.63
CA LYS C 410 -15.51 -8.30 9.19
C LYS C 410 -14.92 -9.26 8.16
N ASP C 411 -15.80 -9.93 7.41
CA ASP C 411 -15.40 -10.90 6.40
C ASP C 411 -15.69 -10.41 4.99
N GLY C 412 -16.13 -9.17 4.84
CA GLY C 412 -16.22 -8.51 3.55
C GLY C 412 -15.06 -7.57 3.31
N VAL C 413 -15.36 -6.27 3.20
CA VAL C 413 -14.33 -5.27 2.87
C VAL C 413 -13.13 -5.36 3.78
N MET C 414 -13.37 -5.52 5.09
CA MET C 414 -12.33 -5.41 6.12
C MET C 414 -11.57 -6.69 6.38
N GLN C 415 -11.62 -7.68 5.49
CA GLN C 415 -10.95 -8.94 5.80
C GLN C 415 -9.43 -8.82 5.73
N ASP C 416 -8.93 -7.91 4.90
CA ASP C 416 -7.51 -7.78 4.60
C ASP C 416 -6.89 -6.51 5.22
N VAL C 417 -5.61 -6.64 5.58
CA VAL C 417 -4.86 -5.55 6.18
C VAL C 417 -4.48 -4.51 5.13
N HIS C 418 -4.27 -4.97 3.89
CA HIS C 418 -3.56 -4.22 2.87
C HIS C 418 -3.95 -2.77 2.79
N TRP C 419 -5.23 -2.49 2.55
CA TRP C 419 -5.60 -1.10 2.30
C TRP C 419 -5.26 -0.22 3.51
N ALA C 420 -5.42 -0.74 4.74
CA ALA C 420 -5.08 0.06 5.92
C ALA C 420 -3.58 0.37 6.00
N GLY C 421 -2.73 -0.52 5.49
CA GLY C 421 -1.32 -0.23 5.46
C GLY C 421 -0.85 0.52 4.22
N GLY C 422 -1.78 1.03 3.41
CA GLY C 422 -1.40 1.72 2.20
C GLY C 422 -0.92 0.84 1.05
N LEU C 423 -1.17 -0.46 1.12
CA LEU C 423 -0.80 -1.40 0.07
C LEU C 423 -1.89 -1.35 -0.97
N PHE C 424 -1.73 -0.42 -1.91
CA PHE C 424 -2.58 -0.23 -3.05
C PHE C 424 -1.72 -0.44 -4.29
N GLY C 425 -2.23 -1.17 -5.26
CA GLY C 425 -1.37 -1.60 -6.32
C GLY C 425 -0.56 -2.84 -5.99
N TYR C 426 -0.88 -3.50 -4.86
CA TYR C 426 -0.16 -4.63 -4.32
C TYR C 426 -0.85 -5.95 -4.69
N PHE C 427 -2.16 -6.05 -4.47
CA PHE C 427 -2.87 -7.30 -4.66
C PHE C 427 -2.63 -7.97 -6.01
N PRO C 428 -2.51 -7.28 -7.14
CA PRO C 428 -2.31 -8.04 -8.40
C PRO C 428 -1.03 -8.87 -8.40
N THR C 429 -0.05 -8.58 -7.55
CA THR C 429 1.18 -9.37 -7.55
C THR C 429 0.91 -10.81 -7.12
N TYR C 430 -0.17 -11.08 -6.40
CA TYR C 430 -0.41 -12.45 -5.95
C TYR C 430 -0.69 -13.37 -7.13
N THR C 431 -1.45 -12.86 -8.11
CA THR C 431 -1.72 -13.62 -9.31
C THR C 431 -0.44 -13.82 -10.13
N LEU C 432 0.38 -12.79 -10.24
CA LEU C 432 1.64 -13.01 -10.94
C LEU C 432 2.47 -14.07 -10.22
N GLY C 433 2.39 -14.07 -8.89
CA GLY C 433 3.18 -15.02 -8.13
C GLY C 433 2.73 -16.45 -8.34
N ASN C 434 1.41 -16.68 -8.40
CA ASN C 434 0.94 -18.01 -8.76
C ASN C 434 1.45 -18.39 -10.14
N LEU C 435 1.28 -17.50 -11.12
CA LEU C 435 1.67 -17.80 -12.48
C LEU C 435 3.18 -17.94 -12.58
N TYR C 436 3.92 -17.01 -12.03
CA TYR C 436 5.36 -17.24 -12.05
C TYR C 436 5.71 -18.51 -11.30
N ALA C 437 4.97 -18.83 -10.24
CA ALA C 437 5.32 -19.98 -9.43
C ALA C 437 5.17 -21.27 -10.20
N ALA C 438 4.05 -21.41 -10.92
CA ALA C 438 3.81 -22.62 -11.72
C ALA C 438 4.80 -22.72 -12.87
N GLN C 439 5.15 -21.58 -13.47
CA GLN C 439 6.15 -21.62 -14.52
C GLN C 439 7.53 -21.99 -13.97
N PHE C 440 7.82 -21.62 -12.73
CA PHE C 440 9.08 -21.98 -12.10
C PHE C 440 9.10 -23.46 -11.77
N PHE C 441 7.98 -23.97 -11.29
CA PHE C 441 7.97 -25.31 -10.70
C PHE C 441 8.13 -26.37 -11.78
N GLN C 442 7.36 -26.22 -12.86
CA GLN C 442 7.50 -27.08 -14.04
C GLN C 442 8.95 -27.19 -14.51
N LYS C 443 9.69 -26.08 -14.48
CA LYS C 443 11.10 -26.16 -14.87
C LYS C 443 11.92 -26.93 -13.85
N ALA C 444 11.69 -26.70 -12.57
CA ALA C 444 12.42 -27.39 -11.53
C ALA C 444 12.13 -28.90 -11.56
N GLU C 445 10.87 -29.31 -11.78
CA GLU C 445 10.62 -30.74 -11.96
C GLU C 445 11.50 -31.27 -13.09
N ALA C 446 11.39 -30.67 -14.28
CA ALA C 446 12.19 -31.09 -15.42
C ALA C 446 13.65 -31.28 -15.06
N GLU C 447 14.29 -30.28 -14.46
CA GLU C 447 15.72 -30.39 -14.18
C GLU C 447 16.01 -31.42 -13.10
N LEU C 448 15.17 -31.48 -12.08
CA LEU C 448 15.44 -32.28 -10.90
C LEU C 448 14.75 -33.64 -10.93
N GLY C 449 13.76 -33.81 -11.79
CA GLY C 449 12.98 -35.02 -11.83
C GLY C 449 11.78 -34.87 -10.95
N PRO C 450 10.78 -35.73 -11.10
CA PRO C 450 9.57 -35.60 -10.27
C PRO C 450 9.93 -35.40 -8.81
N LEU C 451 9.23 -34.47 -8.17
CA LEU C 451 9.51 -34.10 -6.80
C LEU C 451 8.58 -34.75 -5.78
N GLU C 452 7.40 -35.23 -6.19
CA GLU C 452 6.60 -36.05 -5.26
C GLU C 452 7.44 -37.09 -4.52
N PRO C 453 8.22 -37.96 -5.17
CA PRO C 453 8.95 -38.97 -4.38
C PRO C 453 9.96 -38.37 -3.43
N ARG C 454 10.56 -37.23 -3.77
CA ARG C 454 11.56 -36.65 -2.88
C ARG C 454 10.90 -35.96 -1.70
N PHE C 455 9.75 -35.32 -1.94
CA PHE C 455 9.01 -34.69 -0.85
C PHE C 455 8.48 -35.72 0.14
N ALA C 456 8.07 -36.91 -0.34
CA ALA C 456 7.55 -37.93 0.56
C ALA C 456 8.61 -38.39 1.56
N ARG C 457 9.89 -38.38 1.17
CA ARG C 457 10.99 -38.69 2.06
C ARG C 457 11.52 -37.46 2.81
N GLY C 458 10.94 -36.28 2.56
CA GLY C 458 11.41 -35.05 3.18
C GLY C 458 12.72 -34.53 2.63
N GLU C 459 13.04 -34.86 1.38
CA GLU C 459 14.20 -34.31 0.69
C GLU C 459 13.77 -32.97 0.08
N PHE C 460 14.10 -31.88 0.74
CA PHE C 460 13.71 -30.57 0.27
C PHE C 460 14.90 -29.72 -0.15
N GLN C 461 16.08 -29.92 0.45
CA GLN C 461 17.24 -29.13 0.06
C GLN C 461 17.49 -29.12 -1.45
N PRO C 462 17.23 -30.20 -2.20
CA PRO C 462 17.45 -30.13 -3.65
C PRO C 462 16.66 -29.03 -4.32
N PHE C 463 15.34 -29.02 -4.12
CA PHE C 463 14.52 -27.97 -4.69
C PHE C 463 14.90 -26.60 -4.12
N LEU C 464 14.99 -26.50 -2.80
CA LEU C 464 15.33 -25.23 -2.19
C LEU C 464 16.66 -24.72 -2.70
N ASP C 465 17.67 -25.59 -2.81
CA ASP C 465 18.97 -25.12 -3.27
C ASP C 465 18.89 -24.65 -4.72
N TRP C 466 17.92 -25.19 -5.48
CA TRP C 466 17.66 -24.72 -6.84
C TRP C 466 17.09 -23.30 -6.84
N THR C 467 16.03 -23.07 -6.04
CA THR C 467 15.48 -21.71 -5.98
C THR C 467 16.55 -20.72 -5.52
N ARG C 468 17.53 -21.16 -4.76
CA ARG C 468 18.55 -20.23 -4.30
C ARG C 468 19.50 -19.84 -5.41
N ALA C 469 19.75 -20.75 -6.36
CA ALA C 469 20.77 -20.52 -7.39
C ALA C 469 20.19 -19.76 -8.57
N ARG C 470 18.88 -19.94 -8.82
CA ARG C 470 18.21 -19.41 -10.00
C ARG C 470 17.50 -18.10 -9.70
N ILE C 471 16.91 -17.98 -8.52
CA ILE C 471 16.03 -16.89 -8.12
C ILE C 471 16.69 -16.01 -7.06
N HIS C 472 16.82 -16.56 -5.85
CA HIS C 472 17.15 -15.78 -4.66
C HIS C 472 18.49 -15.07 -4.80
N ALA C 473 19.46 -15.74 -5.40
CA ALA C 473 20.82 -15.23 -5.45
C ALA C 473 20.98 -14.08 -6.43
N GLU C 474 20.01 -13.86 -7.32
CA GLU C 474 20.07 -12.77 -8.29
C GLU C 474 19.58 -11.44 -7.72
N GLY C 475 18.77 -11.44 -6.67
CA GLY C 475 18.31 -10.17 -6.16
C GLY C 475 17.55 -9.44 -7.25
N SER C 476 17.94 -8.20 -7.54
CA SER C 476 17.26 -7.38 -8.53
C SER C 476 18.10 -7.16 -9.79
N ARG C 477 18.96 -8.11 -10.12
CA ARG C 477 19.80 -7.99 -11.30
C ARG C 477 19.00 -7.96 -12.60
N PHE C 478 17.95 -8.79 -12.70
CA PHE C 478 17.08 -8.89 -13.85
C PHE C 478 15.68 -8.49 -13.43
N ARG C 479 14.95 -7.81 -14.34
CA ARG C 479 13.53 -7.59 -14.16
C ARG C 479 12.81 -8.92 -13.97
N PRO C 480 11.67 -8.93 -13.29
CA PRO C 480 10.97 -10.21 -13.02
C PRO C 480 10.74 -11.06 -14.25
N ARG C 481 10.16 -10.50 -15.32
CA ARG C 481 9.83 -11.30 -16.51
C ARG C 481 11.07 -11.81 -17.21
N VAL C 482 12.13 -11.00 -17.25
CA VAL C 482 13.43 -11.46 -17.75
C VAL C 482 13.94 -12.62 -16.92
N LEU C 483 13.75 -12.53 -15.61
CA LEU C 483 14.21 -13.59 -14.71
C LEU C 483 13.46 -14.89 -15.01
N VAL C 484 12.13 -14.82 -15.07
CA VAL C 484 11.38 -16.02 -15.36
C VAL C 484 11.86 -16.63 -16.67
N GLU C 485 12.04 -15.82 -17.72
CA GLU C 485 12.47 -16.39 -18.99
C GLU C 485 13.90 -16.91 -18.92
N ARG C 486 14.77 -16.20 -18.19
CA ARG C 486 16.14 -16.65 -18.01
C ARG C 486 16.18 -18.03 -17.36
N VAL C 487 15.32 -18.27 -16.38
CA VAL C 487 15.32 -19.53 -15.66
C VAL C 487 14.58 -20.62 -16.43
N THR C 488 13.40 -20.32 -16.99
CA THR C 488 12.52 -21.36 -17.53
C THR C 488 12.52 -21.48 -19.05
N GLY C 489 13.27 -20.64 -19.77
CA GLY C 489 13.36 -20.70 -21.23
C GLY C 489 12.21 -20.06 -21.99
N GLU C 490 11.06 -19.83 -21.36
CA GLU C 490 9.90 -19.21 -21.98
C GLU C 490 9.55 -17.90 -21.26
N ALA C 491 8.88 -17.01 -21.95
CA ALA C 491 8.38 -15.82 -21.26
C ALA C 491 7.23 -16.21 -20.35
N PRO C 492 6.88 -15.36 -19.38
CA PRO C 492 5.79 -15.71 -18.46
C PRO C 492 4.48 -15.87 -19.19
N SER C 493 3.65 -16.76 -18.67
CA SER C 493 2.40 -17.05 -19.34
C SER C 493 1.44 -17.62 -18.29
N ALA C 494 0.15 -17.41 -18.50
CA ALA C 494 -0.84 -18.02 -17.61
C ALA C 494 -1.03 -19.52 -17.83
N ARG C 495 -0.35 -20.13 -18.80
CA ARG C 495 -0.71 -21.48 -19.20
C ARG C 495 -0.18 -22.53 -18.24
N PRO C 496 1.10 -22.49 -17.88
CA PRO C 496 1.57 -23.50 -16.91
C PRO C 496 0.69 -23.56 -15.67
N PHE C 497 0.21 -22.41 -15.18
CA PHE C 497 -0.71 -22.40 -14.04
C PHE C 497 -2.05 -23.06 -14.38
N LEU C 498 -2.68 -22.64 -15.48
CA LEU C 498 -3.98 -23.24 -15.83
C LEU C 498 -3.84 -24.71 -16.13
N ALA C 499 -2.67 -25.13 -16.64
CA ALA C 499 -2.45 -26.54 -16.94
C ALA C 499 -2.21 -27.33 -15.67
N TYR C 500 -1.60 -26.70 -14.67
CA TYR C 500 -1.38 -27.35 -13.39
C TYR C 500 -2.69 -27.61 -12.65
N LEU C 501 -3.59 -26.64 -12.64
CA LEU C 501 -4.90 -26.81 -12.05
C LEU C 501 -5.76 -27.77 -12.84
N GLU C 502 -5.55 -27.86 -14.16
CA GLU C 502 -6.36 -28.76 -14.94
C GLU C 502 -6.01 -30.19 -14.60
N LYS C 503 -4.72 -30.49 -14.51
CA LYS C 503 -4.29 -31.85 -14.24
C LYS C 503 -4.60 -32.25 -12.81
N LYS C 504 -4.22 -31.41 -11.85
CA LYS C 504 -4.40 -31.74 -10.44
C LYS C 504 -5.87 -31.93 -10.07
N TYR C 505 -6.75 -31.04 -10.53
CA TYR C 505 -8.15 -31.06 -10.12
C TYR C 505 -9.08 -31.83 -11.06
N ALA C 506 -8.57 -32.34 -12.18
CA ALA C 506 -9.36 -33.27 -12.97
C ALA C 506 -9.16 -34.70 -12.47
N ALA C 507 -7.94 -35.01 -12.03
CA ALA C 507 -7.57 -36.33 -11.51
C ALA C 507 -7.60 -36.33 -9.98
N LEU C 508 -8.77 -36.00 -9.44
CA LEU C 508 -8.88 -35.58 -8.05
C LEU C 508 -10.32 -35.22 -7.75
N TYR C 509 -10.98 -34.56 -8.70
CA TYR C 509 -12.42 -34.41 -8.70
C TYR C 509 -13.13 -35.36 -9.68
N GLY C 510 -12.38 -36.06 -10.52
CA GLY C 510 -12.92 -37.14 -11.33
C GLY C 510 -12.32 -38.49 -10.95
C1 GOL D . -24.49 29.57 -36.69
O1 GOL D . -25.24 29.90 -35.47
C2 GOL D . -25.21 29.95 -37.99
O2 GOL D . -24.87 31.29 -38.41
C3 GOL D . -25.03 28.89 -39.13
O3 GOL D . -26.02 27.82 -39.21
C1 GOL E . -14.56 0.79 -56.67
O1 GOL E . -14.53 0.76 -58.11
C2 GOL E . -13.78 1.91 -55.94
O2 GOL E . -12.70 1.26 -55.31
C3 GOL E . -14.68 2.55 -54.86
O3 GOL E . -14.42 3.90 -54.46
C1 GOL F . -5.43 14.69 -41.12
O1 GOL F . -4.58 14.86 -42.24
C2 GOL F . -5.90 16.03 -40.57
O2 GOL F . -4.90 16.52 -39.72
C3 GOL F . -7.19 15.86 -39.79
O3 GOL F . -8.30 16.17 -40.62
ZN ZN G . -26.35 7.68 -40.89
ZN ZN H . 18.58 0.37 39.25
C1 GOL I . 18.03 0.44 -1.38
O1 GOL I . 18.10 -0.90 -1.78
C2 GOL I . 19.31 0.84 -0.65
O2 GOL I . 20.33 0.98 -1.60
C3 GOL I . 19.18 2.18 0.08
O3 GOL I . 18.06 2.21 0.93
ZN ZN J . 2.51 -13.07 0.71
#